data_7XNM
#
_entry.id   7XNM
#
_cell.length_a   257.340
_cell.length_b   75.617
_cell.length_c   121.679
_cell.angle_alpha   90.000
_cell.angle_beta   110.199
_cell.angle_gamma   90.000
#
_symmetry.space_group_name_H-M   'C 1 2 1'
#
loop_
_entity.id
_entity.type
_entity.pdbx_description
1 polymer 'Dipeptidyl peptidase 4 soluble form'
2 polymer ILE-LEU-ALA-PRO-PRO-GLU-ARG
3 branched alpha-D-mannopyranose-(1-3)-beta-D-mannopyranose-(1-4)-2-acetamido-2-deoxy-beta-D-glucopyranose-(1-4)-2-acetamido-2-deoxy-beta-D-glucopyranose
4 branched 2-acetamido-2-deoxy-beta-D-glucopyranose-(1-4)-2-acetamido-2-deoxy-beta-D-glucopyranose
5 non-polymer 2-acetamido-2-deoxy-beta-D-glucopyranose
#
loop_
_entity_poly.entity_id
_entity_poly.type
_entity_poly.pdbx_seq_one_letter_code
_entity_poly.pdbx_strand_id
1 'polypeptide(L)'
;SRRTYTLTDYLKSTFRVKFYTLQWISDHEYLYKQENNILLFNAEYGNSSIFLENSTFDELGYSTNDYSVSPDRQFILFEY
NYVKQWRHSYTASYDIYDLNKRQLITEERIPNNTQWITWSPVGHKLAYVWNNDIYVKNEPNLSSQRITWTGKENVIYNGV
TDWVYEEEVFSAYSALWWSPNGTFLAYAQFNDTEVPLIEYSFYSDESLQYPKTVRIPYPKAGAENPTVKFFVVDTRTLSP
NASVTSYQIVPPASVLIGDHYLCGVTWVTEERISLQWIRRAQNYSIIDICDYDESTGRWISSVARQHIEISTTGWVGRFR
PAEPHFTSDGNSFYKIISNEEGYKHICHFQTDKSNCTFITKGAWEVIGIEALTSDYLYYISNEHKGMPGGRNLYRIQLND
YTKVTCLSCELNPERCQYYSASFSNKAKYYQLRCFGPGLPLYTLHSSSSDKELRVLEDNSALDKMLQDVQMPSKKLDVIN
LHGTKFWYQMILPPHFDKSKKYPLLIEVYAGPCSQKVDTVFRLSWATYLASTENIIVASFDGRGSGYQGDKIMHAINRRL
GTFEVEDQIEATRQFSKMGFVDDKRIAIWGWSYGGYVTSMVLGAGSGVFKCGIAVAPVSKWEYYDSVYTERYMGLPTPED
NLDYYRNSTVMSRAENFKQVEYLLIHGTADDNVHFQQSAQLSKALVDAGVDFQTMWYTDEDHGIASNMAHQHIYTHMSHF
LKQCFSLP
;
A,B
2 'polypeptide(L)' ILAPPER C,D
#
# COMPACT_ATOMS: atom_id res chain seq x y z
N SER A 1 -1.18 -46.12 -3.26
CA SER A 1 -2.11 -46.25 -2.14
C SER A 1 -1.46 -45.85 -0.82
N ARG A 2 -0.42 -45.01 -0.89
CA ARG A 2 0.10 -44.33 0.28
C ARG A 2 0.48 -42.87 0.05
N ARG A 3 0.86 -42.47 -1.17
CA ARG A 3 1.08 -41.06 -1.43
C ARG A 3 -0.22 -40.29 -1.27
N THR A 4 -0.10 -39.03 -0.87
CA THR A 4 -1.24 -38.13 -0.76
C THR A 4 -1.10 -37.00 -1.80
N TYR A 5 -2.17 -36.25 -1.96
CA TYR A 5 -2.20 -35.10 -2.85
C TYR A 5 -1.58 -33.91 -2.11
N THR A 6 -0.25 -33.86 -2.11
CA THR A 6 0.46 -32.87 -1.33
C THR A 6 0.23 -31.47 -1.89
N LEU A 7 0.52 -30.46 -1.05
CA LEU A 7 0.34 -29.08 -1.47
C LEU A 7 1.20 -28.75 -2.69
N THR A 8 2.43 -29.28 -2.71
CA THR A 8 3.30 -29.10 -3.86
C THR A 8 2.66 -29.68 -5.12
N ASP A 9 1.83 -30.70 -4.99
CA ASP A 9 1.14 -31.26 -6.16
C ASP A 9 0.10 -30.30 -6.72
N TYR A 10 -0.39 -29.35 -5.93
CA TYR A 10 -1.30 -28.33 -6.41
C TYR A 10 -0.56 -27.09 -6.93
N LEU A 11 0.38 -26.57 -6.13
CA LEU A 11 1.11 -25.37 -6.52
C LEU A 11 2.01 -25.61 -7.73
N LYS A 12 2.49 -26.85 -7.91
CA LYS A 12 3.28 -27.20 -9.08
C LYS A 12 2.48 -27.91 -10.16
N SER A 13 1.20 -28.19 -9.89
CA SER A 13 0.32 -28.91 -10.81
C SER A 13 1.01 -30.13 -11.42
N THR A 14 1.55 -30.98 -10.54
CA THR A 14 2.17 -32.23 -10.98
C THR A 14 1.15 -33.21 -11.53
N PHE A 15 -0.14 -32.89 -11.47
CA PHE A 15 -1.20 -33.71 -12.06
C PHE A 15 -1.94 -32.87 -13.08
N ARG A 16 -1.59 -33.05 -14.35
CA ARG A 16 -2.15 -32.26 -15.44
C ARG A 16 -3.52 -32.78 -15.84
N VAL A 17 -4.42 -31.86 -16.15
CA VAL A 17 -5.72 -32.16 -16.71
C VAL A 17 -5.68 -31.67 -18.16
N LYS A 18 -5.40 -32.58 -19.09
CA LYS A 18 -5.33 -32.20 -20.49
C LYS A 18 -6.70 -31.78 -21.00
N PHE A 19 -6.70 -30.88 -21.97
CA PHE A 19 -7.95 -30.45 -22.59
C PHE A 19 -7.93 -30.72 -24.09
N TYR A 20 -8.82 -30.07 -24.83
CA TYR A 20 -8.88 -30.20 -26.28
C TYR A 20 -9.68 -29.03 -26.84
N THR A 21 -8.98 -27.98 -27.26
CA THR A 21 -9.60 -26.76 -27.74
C THR A 21 -9.67 -26.77 -29.26
N LEU A 22 -10.83 -26.44 -29.80
CA LEU A 22 -11.03 -26.43 -31.24
C LEU A 22 -11.92 -25.25 -31.62
N GLN A 23 -11.75 -24.77 -32.85
CA GLN A 23 -12.48 -23.63 -33.37
C GLN A 23 -13.00 -23.97 -34.76
N TRP A 24 -14.30 -23.76 -34.97
CA TRP A 24 -14.98 -24.17 -36.21
C TRP A 24 -14.82 -23.09 -37.27
N ILE A 25 -14.01 -23.37 -38.30
CA ILE A 25 -13.89 -22.48 -39.44
C ILE A 25 -15.03 -22.63 -40.43
N SER A 26 -15.83 -23.70 -40.30
CA SER A 26 -16.95 -23.98 -41.18
C SER A 26 -18.05 -24.68 -40.39
N ASP A 27 -18.85 -25.51 -41.05
CA ASP A 27 -19.89 -26.28 -40.40
C ASP A 27 -19.49 -27.74 -40.18
N HIS A 28 -18.28 -28.13 -40.60
CA HIS A 28 -17.85 -29.51 -40.43
C HIS A 28 -16.34 -29.67 -40.35
N GLU A 29 -15.57 -28.59 -40.29
CA GLU A 29 -14.13 -28.63 -40.08
C GLU A 29 -13.78 -27.76 -38.88
N TYR A 30 -12.68 -28.09 -38.20
CA TYR A 30 -12.20 -27.27 -37.11
C TYR A 30 -10.69 -27.37 -37.03
N LEU A 31 -10.09 -26.43 -36.29
CA LEU A 31 -8.65 -26.39 -36.11
C LEU A 31 -8.27 -26.85 -34.71
N TYR A 32 -7.03 -27.31 -34.55
CA TYR A 32 -6.57 -27.76 -33.26
C TYR A 32 -5.05 -27.70 -33.22
N LYS A 33 -4.51 -27.33 -32.05
CA LYS A 33 -3.07 -27.22 -31.82
C LYS A 33 -2.54 -28.56 -31.35
N GLN A 34 -2.12 -29.40 -32.28
CA GLN A 34 -1.55 -30.71 -31.98
C GLN A 34 -0.03 -30.63 -31.98
N GLU A 35 0.57 -30.86 -30.82
CA GLU A 35 2.03 -30.93 -30.69
C GLU A 35 2.72 -29.78 -31.44
N ASN A 36 2.19 -28.56 -31.24
CA ASN A 36 2.78 -27.29 -31.65
C ASN A 36 2.34 -26.79 -33.03
N ASN A 37 1.78 -27.65 -33.87
CA ASN A 37 1.27 -27.22 -35.18
C ASN A 37 -0.26 -27.20 -35.18
N ILE A 38 -0.81 -26.72 -36.29
CA ILE A 38 -2.25 -26.50 -36.44
C ILE A 38 -2.75 -27.43 -37.53
N LEU A 39 -3.61 -28.37 -37.16
CA LEU A 39 -4.20 -29.31 -38.10
C LEU A 39 -5.61 -28.89 -38.47
N LEU A 40 -5.95 -29.02 -39.75
CA LEU A 40 -7.31 -28.78 -40.22
C LEU A 40 -8.09 -30.09 -40.06
N PHE A 41 -8.54 -30.31 -38.83
CA PHE A 41 -9.31 -31.52 -38.52
C PHE A 41 -10.62 -31.51 -39.29
N ASN A 42 -11.11 -32.70 -39.59
CA ASN A 42 -12.43 -32.89 -40.16
C ASN A 42 -13.29 -33.62 -39.12
N ALA A 43 -14.57 -33.26 -39.08
CA ALA A 43 -15.50 -33.84 -38.12
C ALA A 43 -16.21 -35.08 -38.64
N GLU A 44 -16.33 -35.23 -39.96
CA GLU A 44 -17.15 -36.29 -40.53
C GLU A 44 -16.51 -37.66 -40.30
N TYR A 45 -15.27 -37.84 -40.75
CA TYR A 45 -14.57 -39.11 -40.63
C TYR A 45 -13.41 -39.07 -39.64
N GLY A 46 -12.90 -37.90 -39.33
CA GLY A 46 -11.76 -37.74 -38.45
C GLY A 46 -10.44 -37.51 -39.15
N ASN A 47 -10.38 -37.78 -40.46
CA ASN A 47 -9.14 -37.56 -41.21
C ASN A 47 -8.70 -36.11 -41.08
N SER A 48 -7.44 -35.90 -40.74
CA SER A 48 -6.92 -34.60 -40.36
C SER A 48 -5.85 -34.17 -41.35
N SER A 49 -6.09 -33.04 -42.03
CA SER A 49 -5.11 -32.43 -42.91
C SER A 49 -4.33 -31.38 -42.16
N ILE A 50 -3.04 -31.26 -42.51
CA ILE A 50 -2.20 -30.24 -41.91
C ILE A 50 -2.62 -28.86 -42.43
N PHE A 51 -2.85 -27.93 -41.52
CA PHE A 51 -3.20 -26.56 -41.92
C PHE A 51 -1.93 -25.72 -41.99
N LEU A 52 -1.31 -25.48 -40.84
CA LEU A 52 -0.02 -24.81 -40.77
C LEU A 52 0.97 -25.68 -40.01
N GLU A 53 2.15 -25.87 -40.59
CA GLU A 53 3.18 -26.73 -40.03
C GLU A 53 3.86 -26.03 -38.86
N ASN A 54 4.46 -26.82 -37.97
CA ASN A 54 5.21 -26.18 -36.89
C ASN A 54 6.65 -25.95 -37.32
N SER A 55 7.41 -25.30 -36.44
CA SER A 55 8.72 -24.72 -36.71
C SER A 55 8.61 -23.57 -37.72
N THR A 56 7.42 -23.38 -38.30
CA THR A 56 7.13 -22.18 -39.06
C THR A 56 7.21 -20.94 -38.19
N PHE A 57 7.20 -21.12 -36.87
CA PHE A 57 7.30 -20.00 -35.93
C PHE A 57 8.77 -19.63 -35.78
N ASP A 58 9.13 -18.45 -36.28
CA ASP A 58 10.46 -17.88 -36.12
C ASP A 58 10.38 -16.41 -36.55
N GLU A 59 11.42 -15.65 -36.17
CA GLU A 59 11.57 -14.24 -36.52
C GLU A 59 10.29 -13.42 -36.40
N LEU A 60 9.36 -13.85 -35.54
CA LEU A 60 8.10 -13.15 -35.32
C LEU A 60 7.95 -12.89 -33.82
N GLY A 61 8.77 -11.97 -33.31
CA GLY A 61 8.80 -11.72 -31.88
C GLY A 61 9.43 -12.88 -31.13
N TYR A 62 9.34 -12.78 -29.80
CA TYR A 62 9.86 -13.84 -28.95
C TYR A 62 9.02 -15.10 -29.03
N SER A 63 7.75 -14.99 -29.41
CA SER A 63 6.84 -16.12 -29.29
C SER A 63 5.62 -15.87 -30.18
N THR A 64 4.58 -16.68 -29.96
CA THR A 64 3.33 -16.60 -30.73
C THR A 64 2.27 -17.27 -29.86
N ASN A 65 1.48 -16.47 -29.15
CA ASN A 65 0.58 -17.02 -28.13
C ASN A 65 -0.89 -16.85 -28.47
N ASP A 66 -1.23 -16.71 -29.75
CA ASP A 66 -2.62 -16.76 -30.21
C ASP A 66 -2.61 -16.70 -31.73
N TYR A 67 -3.64 -17.30 -32.34
CA TYR A 67 -3.75 -17.32 -33.78
C TYR A 67 -5.21 -17.15 -34.20
N SER A 68 -5.42 -16.47 -35.33
CA SER A 68 -6.76 -16.14 -35.82
C SER A 68 -6.78 -16.28 -37.33
N VAL A 69 -7.48 -17.31 -37.82
CA VAL A 69 -7.55 -17.58 -39.25
C VAL A 69 -8.63 -16.71 -39.88
N SER A 70 -8.29 -16.06 -40.99
CA SER A 70 -9.29 -15.30 -41.73
C SER A 70 -10.41 -16.23 -42.19
N PRO A 71 -11.67 -15.80 -42.11
CA PRO A 71 -12.78 -16.73 -42.41
C PRO A 71 -12.70 -17.35 -43.80
N ASP A 72 -12.26 -16.60 -44.80
CA ASP A 72 -12.03 -17.19 -46.11
C ASP A 72 -10.86 -18.16 -46.13
N ARG A 73 -10.12 -18.28 -45.01
CA ARG A 73 -8.95 -19.15 -44.89
C ARG A 73 -7.87 -18.79 -45.88
N GLN A 74 -7.88 -17.56 -46.37
CA GLN A 74 -6.80 -17.02 -47.19
C GLN A 74 -5.64 -16.52 -46.33
N PHE A 75 -5.94 -16.01 -45.14
CA PHE A 75 -4.96 -15.33 -44.31
C PHE A 75 -5.11 -15.80 -42.86
N ILE A 76 -4.11 -15.47 -42.05
CA ILE A 76 -4.07 -15.85 -40.64
C ILE A 76 -3.26 -14.80 -39.90
N LEU A 77 -3.54 -14.65 -38.60
CA LEU A 77 -2.96 -13.61 -37.76
C LEU A 77 -2.12 -14.24 -36.66
N PHE A 78 -1.04 -13.56 -36.27
CA PHE A 78 -0.17 -14.01 -35.17
C PHE A 78 -0.14 -12.95 -34.08
N GLU A 79 -0.61 -13.32 -32.88
CA GLU A 79 -0.67 -12.42 -31.74
C GLU A 79 0.51 -12.72 -30.81
N TYR A 80 1.50 -11.84 -30.80
CA TYR A 80 2.66 -11.99 -29.92
C TYR A 80 2.84 -10.70 -29.13
N ASN A 81 3.83 -10.71 -28.23
CA ASN A 81 4.10 -9.59 -27.33
C ASN A 81 2.89 -9.28 -26.45
N TYR A 82 2.27 -10.33 -25.92
CA TYR A 82 1.09 -10.19 -25.07
C TYR A 82 1.42 -9.36 -23.83
N VAL A 83 0.47 -8.51 -23.44
CA VAL A 83 0.63 -7.62 -22.29
C VAL A 83 -0.73 -7.51 -21.61
N LYS A 84 -0.87 -8.16 -20.46
CA LYS A 84 -2.16 -8.16 -19.76
C LYS A 84 -2.51 -6.76 -19.28
N GLN A 85 -3.71 -6.33 -19.62
CA GLN A 85 -4.29 -5.12 -19.04
C GLN A 85 -5.12 -5.48 -17.82
N TRP A 86 -6.44 -5.58 -17.99
CA TRP A 86 -7.31 -5.92 -16.88
C TRP A 86 -7.70 -7.40 -16.93
N ARG A 87 -9.00 -7.69 -17.01
CA ARG A 87 -9.41 -9.09 -17.08
C ARG A 87 -9.35 -9.62 -18.51
N HIS A 88 -9.96 -8.93 -19.46
CA HIS A 88 -9.94 -9.35 -20.86
C HIS A 88 -9.11 -8.43 -21.75
N SER A 89 -8.84 -7.21 -21.31
CA SER A 89 -8.05 -6.29 -22.11
C SER A 89 -6.57 -6.68 -22.08
N TYR A 90 -5.88 -6.36 -23.17
CA TYR A 90 -4.48 -6.71 -23.36
C TYR A 90 -3.94 -6.07 -24.65
N THR A 91 -2.68 -5.64 -24.64
CA THR A 91 -2.03 -5.12 -25.83
C THR A 91 -1.04 -6.14 -26.37
N ALA A 92 -0.80 -6.08 -27.68
CA ALA A 92 0.03 -7.07 -28.34
C ALA A 92 0.27 -6.63 -29.78
N SER A 93 1.40 -7.08 -30.33
CA SER A 93 1.71 -6.89 -31.73
C SER A 93 1.16 -8.04 -32.56
N TYR A 94 0.77 -7.74 -33.79
CA TYR A 94 0.09 -8.68 -34.67
C TYR A 94 0.74 -8.68 -36.05
N ASP A 95 0.77 -9.86 -36.66
CA ASP A 95 1.29 -10.06 -38.02
C ASP A 95 0.27 -10.84 -38.83
N ILE A 96 0.25 -10.61 -40.14
CA ILE A 96 -0.61 -11.35 -41.06
C ILE A 96 0.26 -12.17 -42.01
N TYR A 97 -0.20 -13.38 -42.30
CA TYR A 97 0.58 -14.38 -43.05
C TYR A 97 -0.23 -14.87 -44.24
N ASP A 98 0.35 -14.76 -45.43
CA ASP A 98 -0.29 -15.28 -46.64
C ASP A 98 -0.29 -16.80 -46.60
N LEU A 99 -1.45 -17.40 -46.83
CA LEU A 99 -1.51 -18.86 -46.81
C LEU A 99 -1.29 -19.47 -48.20
N ASN A 100 -1.85 -18.86 -49.24
CA ASN A 100 -1.61 -19.36 -50.59
C ASN A 100 -0.18 -19.08 -51.03
N LYS A 101 0.22 -17.81 -51.02
CA LYS A 101 1.59 -17.45 -51.37
C LYS A 101 2.60 -17.96 -50.34
N ARG A 102 2.15 -18.25 -49.13
CA ARG A 102 3.01 -18.66 -48.01
C ARG A 102 4.15 -17.67 -47.82
N GLN A 103 3.76 -16.42 -47.56
CA GLN A 103 4.70 -15.35 -47.25
C GLN A 103 4.26 -14.58 -46.01
N LEU A 104 4.96 -13.51 -45.69
CA LEU A 104 4.58 -12.60 -44.61
C LEU A 104 4.24 -11.24 -45.21
N ILE A 105 3.29 -10.55 -44.60
CA ILE A 105 2.91 -9.22 -45.07
C ILE A 105 3.89 -8.20 -44.50
N THR A 106 4.54 -7.44 -45.37
CA THR A 106 5.51 -6.43 -44.97
C THR A 106 4.99 -5.01 -45.12
N GLU A 107 4.34 -4.69 -46.24
CA GLU A 107 3.76 -3.36 -46.41
C GLU A 107 2.53 -3.21 -45.52
N GLU A 108 2.50 -2.11 -44.77
CA GLU A 108 1.40 -1.79 -43.85
C GLU A 108 1.15 -2.92 -42.86
N ARG A 109 2.01 -2.99 -41.84
CA ARG A 109 1.86 -3.94 -40.75
C ARG A 109 0.79 -3.44 -39.78
N ILE A 110 0.57 -4.21 -38.71
CA ILE A 110 -0.39 -3.85 -37.68
C ILE A 110 0.37 -3.15 -36.55
N PRO A 111 -0.04 -1.95 -36.14
CA PRO A 111 0.81 -1.12 -35.29
C PRO A 111 1.14 -1.79 -33.96
N ASN A 112 2.34 -1.49 -33.46
CA ASN A 112 2.76 -1.98 -32.16
C ASN A 112 1.92 -1.34 -31.07
N ASN A 113 1.58 -2.13 -30.05
CA ASN A 113 0.66 -1.77 -28.97
C ASN A 113 -0.79 -1.70 -29.47
N THR A 114 -1.22 -2.74 -30.18
CA THR A 114 -2.61 -2.89 -30.57
C THR A 114 -3.48 -3.21 -29.36
N GLN A 115 -4.72 -2.75 -29.39
CA GLN A 115 -5.66 -3.04 -28.31
C GLN A 115 -6.65 -4.15 -28.64
N TRP A 116 -7.03 -4.30 -29.90
CA TRP A 116 -7.95 -5.34 -30.34
C TRP A 116 -7.95 -5.35 -31.86
N ILE A 117 -8.34 -6.50 -32.42
CA ILE A 117 -8.40 -6.68 -33.87
C ILE A 117 -9.35 -7.82 -34.14
N THR A 118 -10.02 -7.77 -35.30
CA THR A 118 -10.89 -8.87 -35.70
C THR A 118 -11.05 -8.86 -37.22
N TRP A 119 -11.12 -10.05 -37.81
CA TRP A 119 -11.54 -10.18 -39.20
C TRP A 119 -13.03 -9.87 -39.30
N SER A 120 -13.50 -9.72 -40.53
CA SER A 120 -14.93 -9.70 -40.80
C SER A 120 -15.46 -11.13 -40.73
N PRO A 121 -16.77 -11.31 -40.47
CA PRO A 121 -17.29 -12.69 -40.40
C PRO A 121 -17.12 -13.44 -41.70
N VAL A 122 -17.06 -12.73 -42.83
CA VAL A 122 -16.81 -13.31 -44.13
C VAL A 122 -15.74 -12.47 -44.82
N GLY A 123 -14.95 -13.12 -45.66
CA GLY A 123 -13.86 -12.45 -46.36
C GLY A 123 -12.60 -12.36 -45.53
N HIS A 124 -11.83 -11.29 -45.72
CA HIS A 124 -10.66 -11.06 -44.88
C HIS A 124 -10.43 -9.56 -44.67
N LYS A 125 -11.52 -8.81 -44.50
CA LYS A 125 -11.39 -7.45 -43.99
C LYS A 125 -10.78 -7.47 -42.60
N LEU A 126 -10.43 -6.29 -42.10
CA LEU A 126 -9.71 -6.18 -40.84
C LEU A 126 -10.09 -4.87 -40.17
N ALA A 127 -10.84 -4.95 -39.07
CA ALA A 127 -11.08 -3.81 -38.21
C ALA A 127 -10.21 -3.95 -36.96
N TYR A 128 -9.63 -2.84 -36.52
CA TYR A 128 -8.83 -2.90 -35.30
C TYR A 128 -8.81 -1.54 -34.63
N VAL A 129 -8.48 -1.56 -33.34
CA VAL A 129 -8.46 -0.37 -32.49
C VAL A 129 -7.03 -0.19 -31.99
N TRP A 130 -6.47 1.00 -32.25
CA TRP A 130 -5.12 1.32 -31.81
C TRP A 130 -5.11 2.75 -31.29
N ASN A 131 -4.66 2.92 -30.04
CA ASN A 131 -4.74 4.19 -29.33
C ASN A 131 -6.19 4.70 -29.32
N ASN A 132 -7.09 3.84 -28.84
CA ASN A 132 -8.49 4.18 -28.60
C ASN A 132 -9.22 4.61 -29.88
N ASP A 133 -8.83 4.08 -31.03
CA ASP A 133 -9.43 4.50 -32.29
C ASP A 133 -9.54 3.35 -33.27
N ILE A 134 -10.67 3.30 -33.97
CA ILE A 134 -10.96 2.22 -34.90
C ILE A 134 -10.25 2.46 -36.23
N TYR A 135 -9.73 1.39 -36.80
CA TYR A 135 -9.17 1.39 -38.14
C TYR A 135 -9.82 0.26 -38.93
N VAL A 136 -9.76 0.34 -40.26
CA VAL A 136 -10.24 -0.72 -41.13
C VAL A 136 -9.19 -1.01 -42.18
N LYS A 137 -8.92 -2.30 -42.41
CA LYS A 137 -7.97 -2.77 -43.42
C LYS A 137 -8.70 -3.77 -44.29
N ASN A 138 -9.32 -3.29 -45.36
CA ASN A 138 -10.17 -4.15 -46.19
C ASN A 138 -9.38 -5.30 -46.80
N GLU A 139 -8.14 -5.04 -47.22
CA GLU A 139 -7.19 -6.06 -47.63
C GLU A 139 -5.93 -5.94 -46.78
N PRO A 140 -5.20 -7.03 -46.58
CA PRO A 140 -4.08 -7.00 -45.63
C PRO A 140 -2.83 -6.32 -46.16
N ASN A 141 -2.52 -6.48 -47.44
CA ASN A 141 -1.33 -5.83 -48.00
C ASN A 141 -1.58 -4.37 -48.39
N LEU A 142 -2.58 -3.73 -47.79
CA LEU A 142 -2.93 -2.35 -48.08
C LEU A 142 -2.96 -1.53 -46.79
N SER A 143 -3.08 -0.22 -46.96
CA SER A 143 -3.12 0.70 -45.83
C SER A 143 -4.52 0.78 -45.24
N SER A 144 -4.59 1.22 -43.98
CA SER A 144 -5.84 1.33 -43.27
C SER A 144 -6.44 2.72 -43.39
N GLN A 145 -7.77 2.79 -43.31
CA GLN A 145 -8.52 4.04 -43.31
C GLN A 145 -9.02 4.28 -41.88
N ARG A 146 -8.40 5.23 -41.20
CA ARG A 146 -8.75 5.55 -39.82
C ARG A 146 -10.21 5.98 -39.75
N ILE A 147 -10.92 5.49 -38.73
CA ILE A 147 -12.35 5.73 -38.60
C ILE A 147 -12.63 6.78 -37.55
N THR A 148 -12.30 6.49 -36.29
CA THR A 148 -12.51 7.43 -35.20
C THR A 148 -11.25 8.24 -34.94
N TRP A 149 -11.46 9.47 -34.48
CA TRP A 149 -10.36 10.40 -34.21
C TRP A 149 -10.47 11.06 -32.85
N THR A 150 -11.42 10.62 -32.02
CA THR A 150 -11.67 11.25 -30.72
C THR A 150 -11.01 10.53 -29.56
N GLY A 151 -10.42 9.36 -29.80
CA GLY A 151 -9.82 8.56 -28.75
C GLY A 151 -8.78 9.27 -27.91
N LYS A 152 -9.03 9.36 -26.61
CA LYS A 152 -8.10 9.97 -25.66
C LYS A 152 -7.89 9.01 -24.50
N GLU A 153 -6.64 8.86 -24.08
CA GLU A 153 -6.32 7.96 -22.98
C GLU A 153 -7.11 8.33 -21.73
N ASN A 154 -7.76 7.33 -21.13
CA ASN A 154 -8.59 7.47 -19.93
C ASN A 154 -9.68 8.52 -20.09
N VAL A 155 -10.07 8.85 -21.33
CA VAL A 155 -11.21 9.73 -21.56
C VAL A 155 -12.14 9.06 -22.57
N ILE A 156 -11.73 9.02 -23.83
CA ILE A 156 -12.56 8.52 -24.92
C ILE A 156 -12.07 7.14 -25.33
N TYR A 157 -13.01 6.21 -25.45
CA TYR A 157 -12.74 4.83 -25.87
C TYR A 157 -13.56 4.55 -27.11
N ASN A 158 -12.90 4.24 -28.22
CA ASN A 158 -13.56 4.00 -29.51
C ASN A 158 -13.22 2.59 -29.97
N GLY A 159 -14.17 1.67 -29.83
CA GLY A 159 -14.00 0.30 -30.26
C GLY A 159 -13.58 -0.66 -29.16
N VAL A 160 -13.23 -0.16 -27.98
CA VAL A 160 -12.91 -1.00 -26.82
C VAL A 160 -13.74 -0.53 -25.64
N THR A 161 -13.39 -0.97 -24.43
CA THR A 161 -14.19 -0.67 -23.25
C THR A 161 -13.32 -0.08 -22.15
N ASP A 162 -13.86 0.88 -21.43
CA ASP A 162 -13.23 1.31 -20.19
C ASP A 162 -13.33 0.18 -19.17
N TRP A 163 -12.78 0.42 -17.97
CA TRP A 163 -12.66 -0.64 -16.99
C TRP A 163 -14.02 -1.20 -16.60
N VAL A 164 -15.00 -0.32 -16.37
CA VAL A 164 -16.25 -0.78 -15.77
C VAL A 164 -17.10 -1.55 -16.75
N TYR A 165 -17.01 -1.23 -18.05
CA TYR A 165 -17.74 -2.01 -19.04
C TYR A 165 -17.07 -3.36 -19.25
N GLU A 166 -15.74 -3.37 -19.39
CA GLU A 166 -15.00 -4.62 -19.49
C GLU A 166 -15.30 -5.53 -18.30
N GLU A 167 -15.48 -4.95 -17.11
CA GLU A 167 -15.67 -5.76 -15.92
C GLU A 167 -17.11 -6.23 -15.77
N GLU A 168 -18.03 -5.31 -15.52
CA GLU A 168 -19.35 -5.68 -15.02
C GLU A 168 -20.45 -5.68 -16.09
N VAL A 169 -20.17 -5.19 -17.29
CA VAL A 169 -21.20 -5.02 -18.31
C VAL A 169 -20.96 -5.91 -19.53
N PHE A 170 -19.70 -6.04 -19.95
CA PHE A 170 -19.36 -6.65 -21.22
C PHE A 170 -18.58 -7.96 -21.11
N SER A 171 -17.83 -8.16 -20.02
CA SER A 171 -17.00 -9.35 -19.83
C SER A 171 -16.10 -9.63 -21.03
N ALA A 172 -15.65 -8.56 -21.68
CA ALA A 172 -14.69 -8.62 -22.77
C ALA A 172 -14.12 -7.23 -22.95
N TYR A 173 -13.09 -7.13 -23.78
CA TYR A 173 -12.50 -5.84 -24.08
C TYR A 173 -13.16 -5.13 -25.26
N SER A 174 -13.71 -5.89 -26.21
CA SER A 174 -14.05 -5.36 -27.51
C SER A 174 -15.42 -4.70 -27.52
N ALA A 175 -15.51 -3.60 -28.27
CA ALA A 175 -16.75 -2.86 -28.53
C ALA A 175 -16.92 -2.68 -30.04
N LEU A 176 -16.75 -3.77 -30.79
CA LEU A 176 -16.89 -3.82 -32.24
C LEU A 176 -17.79 -4.98 -32.63
N TRP A 177 -18.58 -4.78 -33.68
CA TRP A 177 -19.43 -5.85 -34.23
C TRP A 177 -19.58 -5.64 -35.74
N TRP A 178 -18.84 -6.45 -36.50
CA TRP A 178 -19.01 -6.50 -37.95
C TRP A 178 -20.38 -7.08 -38.30
N SER A 179 -21.01 -6.51 -39.32
CA SER A 179 -22.29 -7.02 -39.80
C SER A 179 -22.08 -8.38 -40.48
N PRO A 180 -23.18 -9.13 -40.73
CA PRO A 180 -23.05 -10.46 -41.35
C PRO A 180 -22.12 -10.53 -42.56
N ASN A 181 -22.41 -9.75 -43.59
CA ASN A 181 -21.58 -9.71 -44.80
C ASN A 181 -20.45 -8.69 -44.70
N GLY A 182 -20.34 -7.97 -43.59
CA GLY A 182 -19.26 -7.01 -43.45
C GLY A 182 -19.54 -5.64 -44.01
N THR A 183 -20.77 -5.37 -44.45
CA THR A 183 -21.13 -4.04 -44.93
C THR A 183 -20.88 -2.99 -43.85
N PHE A 184 -21.57 -3.14 -42.73
CA PHE A 184 -21.52 -2.18 -41.64
C PHE A 184 -20.50 -2.60 -40.60
N LEU A 185 -20.07 -1.63 -39.80
CA LEU A 185 -19.12 -1.87 -38.71
C LEU A 185 -19.67 -1.18 -37.47
N ALA A 186 -20.55 -1.88 -36.75
CA ALA A 186 -21.10 -1.33 -35.52
C ALA A 186 -20.03 -1.26 -34.44
N TYR A 187 -20.12 -0.22 -33.61
CA TYR A 187 -19.14 -0.02 -32.54
C TYR A 187 -19.69 0.99 -31.53
N ALA A 188 -18.99 1.08 -30.40
CA ALA A 188 -19.39 1.95 -29.32
C ALA A 188 -18.26 2.90 -28.95
N GLN A 189 -18.63 4.00 -28.30
CA GLN A 189 -17.71 5.02 -27.85
C GLN A 189 -18.04 5.35 -26.40
N PHE A 190 -17.00 5.49 -25.58
CA PHE A 190 -17.15 5.64 -24.14
C PHE A 190 -16.41 6.88 -23.68
N ASN A 191 -17.09 7.75 -22.95
CA ASN A 191 -16.54 9.05 -22.54
C ASN A 191 -16.46 9.09 -21.02
N ASP A 192 -15.31 8.66 -20.49
CA ASP A 192 -15.03 8.66 -19.06
C ASP A 192 -14.54 10.01 -18.55
N THR A 193 -15.04 11.10 -19.13
CA THR A 193 -14.55 12.42 -18.75
C THR A 193 -14.75 12.66 -17.25
N GLU A 194 -15.98 12.52 -16.78
CA GLU A 194 -16.33 12.86 -15.40
C GLU A 194 -16.29 11.67 -14.45
N VAL A 195 -15.69 10.56 -14.85
CA VAL A 195 -15.61 9.39 -14.00
C VAL A 195 -14.44 9.57 -13.04
N PRO A 196 -14.66 9.59 -11.73
CA PRO A 196 -13.56 9.76 -10.78
C PRO A 196 -12.52 8.67 -10.94
N LEU A 197 -11.35 8.90 -10.32
CA LEU A 197 -10.18 8.07 -10.57
C LEU A 197 -9.71 7.42 -9.28
N ILE A 198 -9.77 6.09 -9.24
CA ILE A 198 -9.03 5.36 -8.22
C ILE A 198 -7.54 5.55 -8.48
N GLU A 199 -6.78 5.73 -7.40
CA GLU A 199 -5.35 5.91 -7.51
C GLU A 199 -4.67 4.94 -6.56
N TYR A 200 -3.85 4.04 -7.10
CA TYR A 200 -3.02 3.18 -6.28
C TYR A 200 -1.60 3.17 -6.82
N SER A 201 -0.65 3.01 -5.92
CA SER A 201 0.76 2.98 -6.30
C SER A 201 1.14 1.60 -6.84
N PHE A 202 2.16 1.59 -7.69
CA PHE A 202 2.68 0.36 -8.28
C PHE A 202 4.20 0.46 -8.33
N TYR A 203 4.89 -0.59 -7.91
CA TYR A 203 6.30 -0.49 -7.56
C TYR A 203 7.23 -0.99 -8.65
N SER A 204 6.73 -1.84 -9.55
CA SER A 204 7.46 -2.33 -10.71
C SER A 204 8.66 -3.17 -10.27
N ASP A 205 9.80 -2.95 -10.91
CA ASP A 205 10.99 -3.75 -10.68
C ASP A 205 11.75 -3.25 -9.46
N GLU A 206 12.67 -4.09 -8.98
CA GLU A 206 13.64 -3.65 -7.98
C GLU A 206 14.40 -2.43 -8.47
N SER A 207 14.54 -2.30 -9.80
CA SER A 207 15.35 -1.23 -10.37
C SER A 207 14.75 0.14 -10.13
N LEU A 208 13.43 0.25 -10.18
CA LEU A 208 12.78 1.54 -10.29
C LEU A 208 12.80 2.24 -8.93
N GLN A 209 13.16 3.54 -8.95
CA GLN A 209 13.39 4.32 -7.73
C GLN A 209 12.17 5.09 -7.25
N TYR A 210 11.16 5.27 -8.10
CA TYR A 210 9.99 6.10 -7.76
C TYR A 210 8.74 5.40 -8.28
N PRO A 211 7.96 4.77 -7.40
CA PRO A 211 6.82 3.95 -7.86
C PRO A 211 5.88 4.71 -8.79
N LYS A 212 5.52 4.07 -9.90
CA LYS A 212 4.39 4.51 -10.71
C LYS A 212 3.16 4.62 -9.83
N THR A 213 2.28 5.55 -10.17
CA THR A 213 0.94 5.60 -9.62
C THR A 213 -0.02 5.31 -10.75
N VAL A 214 -0.83 4.27 -10.61
CA VAL A 214 -1.78 3.89 -11.65
C VAL A 214 -3.09 4.61 -11.40
N ARG A 215 -3.64 5.20 -12.46
CA ARG A 215 -4.92 5.91 -12.42
C ARG A 215 -5.89 5.23 -13.37
N ILE A 216 -7.08 4.92 -12.86
CA ILE A 216 -8.09 4.17 -13.62
C ILE A 216 -9.42 4.89 -13.50
N PRO A 217 -10.06 5.29 -14.59
CA PRO A 217 -11.45 5.76 -14.52
C PRO A 217 -12.39 4.67 -14.02
N TYR A 218 -12.48 4.58 -12.69
CA TYR A 218 -13.23 3.54 -11.99
C TYR A 218 -14.47 4.16 -11.37
N PRO A 219 -15.66 3.93 -11.92
CA PRO A 219 -16.86 4.50 -11.31
C PRO A 219 -17.34 3.70 -10.11
N LYS A 220 -16.99 4.16 -8.91
CA LYS A 220 -17.44 3.50 -7.69
C LYS A 220 -18.95 3.67 -7.52
N ALA A 221 -19.46 3.12 -6.41
CA ALA A 221 -20.88 3.13 -6.18
C ALA A 221 -21.42 4.55 -6.06
N GLY A 222 -22.58 4.78 -6.67
CA GLY A 222 -23.27 6.05 -6.56
C GLY A 222 -22.47 7.26 -6.97
N ALA A 223 -21.45 7.05 -7.79
CA ALA A 223 -20.64 8.13 -8.37
C ALA A 223 -20.86 8.17 -9.87
N GLU A 224 -20.32 9.21 -10.50
CA GLU A 224 -20.64 9.50 -11.90
C GLU A 224 -20.11 8.39 -12.81
N ASN A 225 -21.02 7.72 -13.49
CA ASN A 225 -20.70 6.67 -14.43
C ASN A 225 -20.30 7.25 -15.78
N PRO A 226 -19.65 6.45 -16.64
CA PRO A 226 -19.32 6.93 -17.98
C PRO A 226 -20.56 7.09 -18.86
N THR A 227 -20.37 7.56 -20.09
CA THR A 227 -21.45 7.71 -21.05
C THR A 227 -21.21 6.79 -22.24
N VAL A 228 -22.31 6.34 -22.84
CA VAL A 228 -22.27 5.33 -23.89
C VAL A 228 -22.85 5.90 -25.18
N LYS A 229 -22.18 5.59 -26.28
CA LYS A 229 -22.64 5.93 -27.63
C LYS A 229 -22.44 4.72 -28.52
N PHE A 230 -23.46 4.41 -29.33
CA PHE A 230 -23.41 3.29 -30.25
C PHE A 230 -23.54 3.81 -31.69
N PHE A 231 -22.67 3.33 -32.57
CA PHE A 231 -22.61 3.80 -33.95
C PHE A 231 -22.66 2.62 -34.91
N VAL A 232 -23.06 2.91 -36.15
CA VAL A 232 -23.07 1.93 -37.24
C VAL A 232 -22.39 2.60 -38.43
N VAL A 233 -21.10 2.33 -38.62
CA VAL A 233 -20.36 2.87 -39.74
C VAL A 233 -20.66 2.05 -40.98
N ASP A 234 -20.78 2.73 -42.12
CA ASP A 234 -21.03 2.09 -43.40
C ASP A 234 -19.68 1.97 -44.12
N THR A 235 -19.09 0.77 -44.08
CA THR A 235 -17.75 0.60 -44.68
C THR A 235 -17.75 0.57 -46.20
N ARG A 236 -18.86 0.95 -46.84
CA ARG A 236 -18.92 1.07 -48.30
C ARG A 236 -18.48 2.44 -48.79
N THR A 237 -18.75 3.50 -48.03
CA THR A 237 -18.34 4.85 -48.39
C THR A 237 -16.98 5.23 -47.81
N LEU A 238 -16.21 4.25 -47.34
CA LEU A 238 -14.89 4.50 -46.77
C LEU A 238 -13.89 4.67 -47.90
N SER A 239 -13.65 5.93 -48.29
CA SER A 239 -12.56 6.21 -49.21
C SER A 239 -11.60 7.14 -48.49
N PRO A 240 -10.41 7.41 -49.03
CA PRO A 240 -9.52 8.35 -48.34
C PRO A 240 -10.05 9.76 -48.27
N ASN A 241 -10.57 10.30 -49.37
CA ASN A 241 -11.08 11.66 -49.36
C ASN A 241 -12.61 11.66 -49.38
N ALA A 242 -13.22 10.89 -48.47
CA ALA A 242 -14.66 10.87 -48.25
C ALA A 242 -14.95 10.72 -46.76
N SER A 243 -16.13 11.21 -46.36
CA SER A 243 -16.45 11.31 -44.94
C SER A 243 -16.79 9.96 -44.33
N VAL A 244 -16.51 9.83 -43.04
CA VAL A 244 -16.91 8.66 -42.27
C VAL A 244 -18.42 8.73 -42.06
N THR A 245 -19.16 7.92 -42.79
CA THR A 245 -20.62 7.93 -42.69
C THR A 245 -21.07 7.03 -41.56
N SER A 246 -21.96 7.54 -40.71
CA SER A 246 -22.39 6.77 -39.56
C SER A 246 -23.71 7.30 -39.03
N TYR A 247 -24.41 6.44 -38.29
CA TYR A 247 -25.65 6.77 -37.61
C TYR A 247 -25.52 6.39 -36.14
N GLN A 248 -26.29 7.07 -35.29
CA GLN A 248 -26.29 6.81 -33.85
C GLN A 248 -27.62 6.20 -33.46
N ILE A 249 -27.65 4.87 -33.34
CA ILE A 249 -28.82 4.23 -32.75
C ILE A 249 -28.85 4.52 -31.26
N VAL A 250 -30.03 4.85 -30.75
CA VAL A 250 -30.10 5.25 -29.35
C VAL A 250 -31.09 4.39 -28.57
N PRO A 251 -30.95 4.32 -27.25
CA PRO A 251 -31.99 3.69 -26.45
C PRO A 251 -33.30 4.42 -26.66
N PRO A 252 -34.43 3.71 -26.61
CA PRO A 252 -35.73 4.37 -26.59
C PRO A 252 -35.85 5.29 -25.38
N ALA A 253 -36.92 6.07 -25.40
CA ALA A 253 -37.07 7.14 -24.40
C ALA A 253 -37.24 6.59 -22.99
N SER A 254 -37.65 5.33 -22.83
CA SER A 254 -37.83 4.77 -21.50
C SER A 254 -36.50 4.58 -20.77
N VAL A 255 -35.44 4.23 -21.50
CA VAL A 255 -34.11 4.10 -20.92
C VAL A 255 -33.32 5.38 -21.05
N LEU A 256 -33.51 6.09 -22.17
CA LEU A 256 -32.85 7.37 -22.41
C LEU A 256 -33.20 8.40 -21.35
N ILE A 257 -34.30 8.21 -20.63
CA ILE A 257 -34.84 9.13 -19.65
C ILE A 257 -33.83 9.54 -18.58
N GLY A 258 -32.80 8.72 -18.36
CA GLY A 258 -31.80 8.99 -17.36
C GLY A 258 -30.48 8.37 -17.75
N ASP A 259 -29.67 8.02 -16.76
CA ASP A 259 -28.46 7.25 -17.04
C ASP A 259 -28.83 5.85 -17.54
N HIS A 260 -27.89 5.22 -18.22
CA HIS A 260 -28.17 3.92 -18.85
C HIS A 260 -26.87 3.17 -19.07
N TYR A 261 -27.01 1.94 -19.58
CA TYR A 261 -25.90 1.07 -19.94
C TYR A 261 -26.25 0.35 -21.24
N LEU A 262 -25.28 0.25 -22.14
CA LEU A 262 -25.38 -0.66 -23.28
C LEU A 262 -24.81 -2.01 -22.84
N CYS A 263 -25.68 -2.99 -22.65
CA CYS A 263 -25.29 -4.28 -22.07
C CYS A 263 -25.32 -5.42 -23.08
N GLY A 264 -25.51 -5.14 -24.37
CA GLY A 264 -25.52 -6.20 -25.36
C GLY A 264 -25.81 -5.76 -26.78
N VAL A 265 -25.18 -6.42 -27.75
CA VAL A 265 -25.39 -6.14 -29.16
C VAL A 265 -25.53 -7.47 -29.89
N THR A 266 -26.54 -7.59 -30.76
CA THR A 266 -26.75 -8.79 -31.55
C THR A 266 -27.07 -8.39 -32.98
N TRP A 267 -26.19 -8.74 -33.92
CA TRP A 267 -26.51 -8.62 -35.33
C TRP A 267 -27.52 -9.70 -35.71
N VAL A 268 -28.62 -9.29 -36.35
CA VAL A 268 -29.64 -10.24 -36.78
C VAL A 268 -29.40 -10.60 -38.24
N THR A 269 -29.67 -9.65 -39.12
CA THR A 269 -29.41 -9.78 -40.55
C THR A 269 -28.54 -8.62 -41.00
N GLU A 270 -28.15 -8.66 -42.27
CA GLU A 270 -27.32 -7.59 -42.82
C GLU A 270 -28.00 -6.23 -42.74
N GLU A 271 -29.32 -6.19 -42.58
CA GLU A 271 -30.08 -4.94 -42.54
C GLU A 271 -30.92 -4.83 -41.28
N ARG A 272 -30.63 -5.63 -40.25
CA ARG A 272 -31.36 -5.60 -38.98
C ARG A 272 -30.38 -5.85 -37.84
N ILE A 273 -30.49 -5.04 -36.79
CA ILE A 273 -29.60 -5.14 -35.64
C ILE A 273 -30.47 -5.16 -34.38
N SER A 274 -29.92 -5.76 -33.31
CA SER A 274 -30.63 -5.91 -32.04
C SER A 274 -29.76 -5.32 -30.93
N LEU A 275 -30.18 -4.19 -30.38
CA LEU A 275 -29.49 -3.54 -29.27
C LEU A 275 -30.27 -3.73 -27.99
N GLN A 276 -29.56 -3.86 -26.87
CA GLN A 276 -30.16 -4.16 -25.58
C GLN A 276 -29.64 -3.19 -24.53
N TRP A 277 -30.50 -2.26 -24.11
CA TRP A 277 -30.16 -1.24 -23.14
C TRP A 277 -30.74 -1.60 -21.78
N ILE A 278 -30.26 -0.91 -20.74
CA ILE A 278 -30.71 -1.18 -19.38
C ILE A 278 -30.42 0.05 -18.53
N ARG A 279 -31.33 0.37 -17.62
CA ARG A 279 -31.21 1.53 -16.75
C ARG A 279 -30.18 1.29 -15.65
N ARG A 280 -29.85 2.35 -14.91
CA ARG A 280 -28.75 2.26 -13.95
C ARG A 280 -29.14 1.44 -12.73
N ALA A 281 -30.42 1.43 -12.38
CA ALA A 281 -30.87 0.52 -11.33
C ALA A 281 -30.80 -0.93 -11.79
N GLN A 282 -30.93 -1.15 -13.09
CA GLN A 282 -30.88 -2.45 -13.79
C GLN A 282 -32.12 -3.30 -13.58
N ASN A 283 -33.19 -2.80 -12.94
CA ASN A 283 -34.45 -3.51 -12.91
C ASN A 283 -35.33 -3.19 -14.11
N TYR A 284 -34.73 -2.73 -15.21
CA TYR A 284 -35.48 -2.40 -16.42
C TYR A 284 -34.51 -2.45 -17.59
N SER A 285 -34.67 -3.45 -18.44
CA SER A 285 -33.96 -3.51 -19.72
C SER A 285 -34.99 -3.51 -20.85
N ILE A 286 -34.56 -3.02 -22.01
CA ILE A 286 -35.40 -3.06 -23.21
C ILE A 286 -34.52 -3.41 -24.40
N ILE A 287 -35.16 -3.91 -25.46
CA ILE A 287 -34.50 -4.28 -26.70
C ILE A 287 -35.07 -3.41 -27.81
N ASP A 288 -34.19 -2.90 -28.68
CA ASP A 288 -34.60 -2.03 -29.77
C ASP A 288 -34.11 -2.67 -31.07
N ILE A 289 -35.01 -3.38 -31.75
CA ILE A 289 -34.66 -4.05 -33.00
C ILE A 289 -34.75 -3.04 -34.13
N CYS A 290 -33.65 -2.85 -34.85
CA CYS A 290 -33.48 -1.71 -35.75
C CYS A 290 -33.19 -2.17 -37.16
N ASP A 291 -33.97 -1.64 -38.12
CA ASP A 291 -33.86 -1.97 -39.54
C ASP A 291 -33.19 -0.83 -40.30
N TYR A 292 -32.27 -1.19 -41.19
CA TYR A 292 -31.49 -0.22 -41.95
C TYR A 292 -32.33 0.34 -43.10
N ASP A 293 -32.49 1.66 -43.13
CA ASP A 293 -33.27 2.34 -44.16
C ASP A 293 -32.34 2.67 -45.33
N GLU A 294 -32.63 2.13 -46.51
CA GLU A 294 -31.70 2.23 -47.63
C GLU A 294 -31.64 3.64 -48.21
N SER A 295 -32.76 4.36 -48.21
CA SER A 295 -32.76 5.71 -48.77
C SER A 295 -31.93 6.65 -47.90
N THR A 296 -32.18 6.64 -46.59
CA THR A 296 -31.60 7.61 -45.67
C THR A 296 -30.39 7.09 -44.91
N GLY A 297 -30.12 5.79 -44.98
CA GLY A 297 -29.03 5.25 -44.19
C GLY A 297 -29.28 5.30 -42.71
N ARG A 298 -30.55 5.34 -42.29
CA ARG A 298 -30.88 5.37 -40.89
C ARG A 298 -30.93 3.94 -40.33
N TRP A 299 -31.13 3.84 -39.02
CA TRP A 299 -31.43 2.58 -38.34
C TRP A 299 -32.63 2.88 -37.45
N ILE A 300 -33.82 2.82 -38.05
CA ILE A 300 -35.03 3.37 -37.46
C ILE A 300 -35.64 2.34 -36.52
N SER A 301 -35.96 2.78 -35.31
CA SER A 301 -36.62 1.95 -34.32
C SER A 301 -38.14 2.08 -34.44
N SER A 302 -38.86 1.32 -33.62
CA SER A 302 -40.31 1.32 -33.65
C SER A 302 -40.83 0.74 -32.34
N VAL A 303 -41.94 1.28 -31.86
CA VAL A 303 -42.53 0.81 -30.61
C VAL A 303 -42.87 -0.67 -30.68
N ALA A 304 -43.28 -1.15 -31.85
CA ALA A 304 -43.67 -2.55 -31.98
C ALA A 304 -42.48 -3.49 -31.80
N ARG A 305 -41.32 -3.12 -32.37
CA ARG A 305 -40.12 -3.94 -32.23
C ARG A 305 -39.35 -3.63 -30.95
N GLN A 306 -40.05 -3.29 -29.86
CA GLN A 306 -39.43 -2.97 -28.59
C GLN A 306 -40.03 -3.88 -27.52
N HIS A 307 -39.20 -4.70 -26.88
CA HIS A 307 -39.65 -5.62 -25.84
C HIS A 307 -39.00 -5.28 -24.51
N ILE A 308 -39.81 -5.24 -23.45
CA ILE A 308 -39.40 -4.78 -22.12
C ILE A 308 -39.18 -5.99 -21.21
N GLU A 309 -38.24 -5.87 -20.28
CA GLU A 309 -38.02 -6.88 -19.25
C GLU A 309 -37.68 -6.17 -17.95
N ILE A 310 -38.51 -6.37 -16.93
CA ILE A 310 -38.32 -5.74 -15.63
C ILE A 310 -38.27 -6.81 -14.56
N SER A 311 -37.82 -6.40 -13.37
CA SER A 311 -37.77 -7.28 -12.20
C SER A 311 -38.27 -6.50 -11.00
N THR A 312 -39.47 -6.83 -10.53
CA THR A 312 -40.05 -6.20 -9.35
C THR A 312 -39.47 -6.75 -8.05
N THR A 313 -38.54 -7.70 -8.14
CA THR A 313 -37.96 -8.31 -6.96
C THR A 313 -36.44 -8.19 -6.89
N GLY A 314 -35.82 -7.59 -7.90
CA GLY A 314 -34.38 -7.43 -7.92
C GLY A 314 -33.87 -6.92 -9.25
N TRP A 315 -32.83 -7.56 -9.77
CA TRP A 315 -32.20 -7.20 -11.02
C TRP A 315 -32.74 -8.06 -12.16
N VAL A 316 -32.49 -7.60 -13.39
CA VAL A 316 -32.93 -8.30 -14.58
C VAL A 316 -31.87 -9.31 -15.00
N GLY A 317 -32.25 -10.58 -15.04
CA GLY A 317 -31.31 -11.61 -15.45
C GLY A 317 -30.41 -12.06 -14.30
N ARG A 318 -29.23 -12.55 -14.68
CA ARG A 318 -28.28 -13.09 -13.72
C ARG A 318 -27.26 -12.03 -13.34
N PHE A 319 -26.41 -11.65 -14.29
CA PHE A 319 -25.57 -10.46 -14.16
C PHE A 319 -25.87 -9.45 -15.27
N ARG A 320 -26.74 -9.80 -16.19
CA ARG A 320 -27.28 -8.90 -17.21
C ARG A 320 -28.45 -9.59 -17.87
N PRO A 321 -29.33 -8.85 -18.54
CA PRO A 321 -30.40 -9.50 -19.30
C PRO A 321 -29.81 -10.48 -20.30
N ALA A 322 -30.43 -11.67 -20.37
CA ALA A 322 -29.93 -12.72 -21.24
C ALA A 322 -30.02 -12.29 -22.70
N GLU A 323 -28.98 -12.63 -23.46
CA GLU A 323 -28.90 -12.23 -24.85
C GLU A 323 -29.93 -12.99 -25.69
N PRO A 324 -30.44 -12.39 -26.77
CA PRO A 324 -31.45 -13.06 -27.59
C PRO A 324 -30.86 -13.82 -28.77
N HIS A 325 -31.50 -14.91 -29.15
CA HIS A 325 -31.07 -15.76 -30.26
C HIS A 325 -32.13 -15.71 -31.35
N PHE A 326 -31.79 -15.08 -32.47
CA PHE A 326 -32.74 -14.87 -33.54
C PHE A 326 -32.75 -16.05 -34.50
N THR A 327 -33.91 -16.31 -35.07
CA THR A 327 -34.00 -17.27 -36.16
C THR A 327 -33.16 -16.77 -37.34
N SER A 328 -32.95 -17.67 -38.31
CA SER A 328 -32.14 -17.29 -39.46
C SER A 328 -32.77 -16.14 -40.22
N ASP A 329 -34.09 -16.07 -40.28
CA ASP A 329 -34.75 -14.93 -40.93
C ASP A 329 -34.74 -13.71 -40.02
N GLY A 330 -35.48 -13.75 -38.92
CA GLY A 330 -35.42 -12.66 -37.96
C GLY A 330 -36.76 -12.21 -37.40
N ASN A 331 -37.85 -12.84 -37.82
CA ASN A 331 -39.18 -12.47 -37.36
C ASN A 331 -39.48 -12.98 -35.95
N SER A 332 -38.53 -13.64 -35.30
CA SER A 332 -38.73 -14.13 -33.95
C SER A 332 -37.38 -14.48 -33.33
N PHE A 333 -37.36 -14.52 -32.00
CA PHE A 333 -36.14 -14.85 -31.28
C PHE A 333 -36.51 -15.55 -29.98
N TYR A 334 -35.59 -16.37 -29.49
CA TYR A 334 -35.76 -17.10 -28.25
C TYR A 334 -34.82 -16.51 -27.20
N LYS A 335 -35.39 -16.03 -26.10
CA LYS A 335 -34.63 -15.37 -25.05
C LYS A 335 -34.99 -15.98 -23.70
N ILE A 336 -34.01 -16.01 -22.80
CA ILE A 336 -34.14 -16.65 -21.50
C ILE A 336 -34.55 -15.58 -20.48
N ILE A 337 -35.82 -15.63 -20.05
CA ILE A 337 -36.36 -14.70 -19.07
C ILE A 337 -36.99 -15.51 -17.94
N SER A 338 -37.39 -14.80 -16.88
CA SER A 338 -38.03 -15.43 -15.74
C SER A 338 -39.55 -15.42 -15.90
N ASN A 339 -40.19 -16.48 -15.42
CA ASN A 339 -41.63 -16.63 -15.55
C ASN A 339 -42.38 -16.02 -14.37
N GLU A 340 -43.53 -16.62 -14.02
CA GLU A 340 -44.31 -16.17 -12.87
C GLU A 340 -43.89 -16.86 -11.58
N GLU A 341 -43.43 -18.12 -11.66
CA GLU A 341 -42.98 -18.85 -10.48
C GLU A 341 -41.54 -18.51 -10.11
N GLY A 342 -40.86 -17.65 -10.87
CA GLY A 342 -39.53 -17.21 -10.53
C GLY A 342 -38.43 -18.14 -11.02
N TYR A 343 -38.56 -18.62 -12.26
CA TYR A 343 -37.63 -19.59 -12.80
C TYR A 343 -37.25 -19.17 -14.22
N LYS A 344 -35.95 -19.06 -14.48
CA LYS A 344 -35.45 -18.53 -15.75
C LYS A 344 -35.57 -19.60 -16.83
N HIS A 345 -36.50 -19.40 -17.76
CA HIS A 345 -36.76 -20.34 -18.85
C HIS A 345 -36.70 -19.60 -20.19
N ILE A 346 -36.82 -20.37 -21.27
CA ILE A 346 -36.76 -19.82 -22.62
C ILE A 346 -38.15 -19.41 -23.06
N CYS A 347 -38.30 -18.16 -23.49
CA CYS A 347 -39.55 -17.65 -24.04
C CYS A 347 -39.34 -17.28 -25.49
N HIS A 348 -40.37 -17.52 -26.30
CA HIS A 348 -40.32 -17.29 -27.73
C HIS A 348 -41.06 -15.99 -28.05
N PHE A 349 -40.34 -15.03 -28.62
CA PHE A 349 -40.88 -13.70 -28.90
C PHE A 349 -41.07 -13.54 -30.41
N GLN A 350 -42.28 -13.25 -30.83
CA GLN A 350 -42.48 -12.67 -32.15
C GLN A 350 -41.76 -11.32 -32.18
N THR A 351 -40.95 -11.10 -33.21
CA THR A 351 -40.14 -9.88 -33.26
C THR A 351 -41.00 -8.62 -33.22
N ASP A 352 -42.20 -8.68 -33.79
CA ASP A 352 -43.09 -7.50 -33.86
C ASP A 352 -44.34 -7.66 -33.00
N LYS A 353 -44.32 -8.53 -31.99
CA LYS A 353 -45.45 -8.68 -31.08
C LYS A 353 -44.95 -8.65 -29.65
N SER A 354 -45.79 -8.13 -28.75
CA SER A 354 -45.43 -7.94 -27.36
C SER A 354 -45.27 -9.27 -26.64
N ASN A 355 -46.39 -9.93 -26.32
CA ASN A 355 -46.37 -11.11 -25.45
C ASN A 355 -45.47 -12.19 -26.03
N CYS A 356 -44.87 -12.96 -25.13
CA CYS A 356 -44.08 -14.13 -25.49
C CYS A 356 -44.74 -15.38 -24.92
N THR A 357 -44.41 -16.52 -25.53
CA THR A 357 -44.91 -17.82 -25.11
C THR A 357 -43.74 -18.65 -24.60
N PHE A 358 -43.86 -19.16 -23.38
CA PHE A 358 -42.79 -19.96 -22.80
C PHE A 358 -42.71 -21.32 -23.48
N ILE A 359 -41.49 -21.81 -23.68
CA ILE A 359 -41.26 -23.11 -24.29
C ILE A 359 -40.50 -24.06 -23.37
N THR A 360 -40.10 -23.61 -22.18
CA THR A 360 -39.63 -24.49 -21.12
C THR A 360 -40.26 -24.07 -19.81
N LYS A 361 -40.58 -25.05 -18.97
CA LYS A 361 -41.22 -24.80 -17.69
C LYS A 361 -40.77 -25.88 -16.71
N GLY A 362 -40.72 -25.51 -15.44
CA GLY A 362 -40.39 -26.47 -14.41
C GLY A 362 -39.75 -25.80 -13.21
N ALA A 363 -39.43 -26.65 -12.22
CA ALA A 363 -38.70 -26.23 -11.03
C ALA A 363 -37.19 -26.26 -11.24
N TRP A 364 -36.75 -26.03 -12.47
CA TRP A 364 -35.35 -25.97 -12.85
C TRP A 364 -35.11 -24.62 -13.53
N GLU A 365 -33.85 -24.35 -13.85
CA GLU A 365 -33.51 -23.12 -14.54
C GLU A 365 -32.69 -23.43 -15.79
N VAL A 366 -32.94 -22.67 -16.86
CA VAL A 366 -32.25 -22.86 -18.13
C VAL A 366 -30.94 -22.08 -18.08
N ILE A 367 -29.83 -22.79 -18.31
CA ILE A 367 -28.51 -22.16 -18.26
C ILE A 367 -28.32 -21.23 -19.45
N GLY A 368 -28.40 -21.77 -20.65
CA GLY A 368 -28.20 -20.95 -21.83
C GLY A 368 -28.47 -21.64 -23.15
N ILE A 369 -29.05 -20.89 -24.10
CA ILE A 369 -29.22 -21.40 -25.44
C ILE A 369 -27.86 -21.51 -26.11
N GLU A 370 -27.53 -22.72 -26.57
CA GLU A 370 -26.22 -22.95 -27.17
C GLU A 370 -26.23 -22.90 -28.69
N ALA A 371 -27.35 -23.25 -29.32
CA ALA A 371 -27.49 -23.17 -30.77
C ALA A 371 -28.96 -23.21 -31.13
N LEU A 372 -29.28 -22.66 -32.29
CA LEU A 372 -30.64 -22.60 -32.80
C LEU A 372 -30.64 -22.85 -34.29
N THR A 373 -31.56 -23.72 -34.75
CA THR A 373 -31.79 -23.94 -36.17
C THR A 373 -33.29 -24.00 -36.41
N SER A 374 -33.67 -24.15 -37.68
CA SER A 374 -35.08 -24.02 -38.06
C SER A 374 -35.92 -25.15 -37.47
N ASP A 375 -35.35 -26.35 -37.35
CA ASP A 375 -36.11 -27.47 -36.82
C ASP A 375 -35.95 -27.61 -35.31
N TYR A 376 -34.73 -27.47 -34.78
CA TYR A 376 -34.43 -27.78 -33.40
C TYR A 376 -33.77 -26.59 -32.71
N LEU A 377 -33.84 -26.59 -31.38
CA LEU A 377 -33.20 -25.60 -30.53
C LEU A 377 -32.40 -26.34 -29.46
N TYR A 378 -31.18 -25.86 -29.21
CA TYR A 378 -30.29 -26.53 -28.27
C TYR A 378 -30.05 -25.61 -27.07
N TYR A 379 -30.28 -26.13 -25.88
CA TYR A 379 -30.06 -25.39 -24.65
C TYR A 379 -29.48 -26.32 -23.60
N ILE A 380 -29.20 -25.75 -22.44
CA ILE A 380 -28.55 -26.45 -21.33
C ILE A 380 -29.27 -26.07 -20.04
N SER A 381 -29.55 -27.06 -19.20
CA SER A 381 -30.25 -26.80 -17.93
C SER A 381 -29.87 -27.87 -16.92
N ASN A 382 -30.14 -27.55 -15.65
CA ASN A 382 -29.92 -28.47 -14.53
C ASN A 382 -31.19 -29.21 -14.13
N GLU A 383 -32.04 -29.54 -15.10
CA GLU A 383 -33.27 -30.26 -14.82
C GLU A 383 -33.03 -31.71 -14.49
N HIS A 384 -32.12 -32.36 -15.23
CA HIS A 384 -31.90 -33.79 -15.10
C HIS A 384 -31.60 -34.16 -13.65
N LYS A 385 -32.31 -35.18 -13.15
CA LYS A 385 -32.19 -35.63 -11.77
C LYS A 385 -32.64 -34.56 -10.77
N GLY A 386 -32.98 -33.36 -11.26
CA GLY A 386 -33.46 -32.29 -10.42
C GLY A 386 -32.42 -31.58 -9.58
N MET A 387 -31.13 -31.78 -9.87
CA MET A 387 -30.08 -31.17 -9.07
C MET A 387 -29.53 -29.93 -9.76
N PRO A 388 -29.56 -28.76 -9.11
CA PRO A 388 -29.07 -27.55 -9.78
C PRO A 388 -27.58 -27.53 -10.01
N GLY A 389 -26.82 -28.44 -9.39
CA GLY A 389 -25.38 -28.42 -9.54
C GLY A 389 -24.85 -29.06 -10.80
N GLY A 390 -25.72 -29.62 -11.63
CA GLY A 390 -25.33 -30.28 -12.85
C GLY A 390 -25.73 -29.50 -14.10
N ARG A 391 -25.15 -29.91 -15.23
CA ARG A 391 -25.42 -29.28 -16.51
C ARG A 391 -25.52 -30.35 -17.59
N ASN A 392 -26.57 -30.30 -18.40
CA ASN A 392 -26.76 -31.26 -19.47
C ASN A 392 -27.36 -30.60 -20.69
N LEU A 393 -27.08 -31.18 -21.86
CA LEU A 393 -27.45 -30.60 -23.15
C LEU A 393 -28.82 -31.09 -23.58
N TYR A 394 -29.64 -30.16 -24.06
CA TYR A 394 -31.01 -30.48 -24.43
C TYR A 394 -31.29 -30.01 -25.84
N ARG A 395 -32.23 -30.70 -26.50
CA ARG A 395 -32.67 -30.38 -27.85
C ARG A 395 -34.19 -30.39 -27.87
N ILE A 396 -34.79 -29.24 -28.14
CA ILE A 396 -36.25 -29.11 -28.24
C ILE A 396 -36.62 -28.85 -29.69
N GLN A 397 -37.75 -29.41 -30.11
CA GLN A 397 -38.26 -29.20 -31.46
C GLN A 397 -39.12 -27.95 -31.51
N LEU A 398 -38.95 -27.17 -32.57
CA LEU A 398 -39.63 -25.88 -32.66
C LEU A 398 -41.13 -26.05 -32.82
N ASN A 399 -41.55 -26.85 -33.81
CA ASN A 399 -42.97 -27.01 -34.08
C ASN A 399 -43.69 -27.76 -32.96
N ASP A 400 -42.98 -28.64 -32.25
CA ASP A 400 -43.59 -29.51 -31.24
C ASP A 400 -42.81 -29.35 -29.94
N TYR A 401 -43.26 -28.42 -29.09
CA TYR A 401 -42.62 -28.16 -27.80
C TYR A 401 -42.57 -29.39 -26.91
N THR A 402 -43.38 -30.41 -27.21
CA THR A 402 -43.38 -31.62 -26.38
C THR A 402 -42.09 -32.40 -26.54
N LYS A 403 -41.67 -32.65 -27.78
CA LYS A 403 -40.55 -33.55 -28.07
C LYS A 403 -39.25 -32.84 -27.70
N VAL A 404 -38.73 -33.14 -26.51
CA VAL A 404 -37.48 -32.56 -26.00
C VAL A 404 -36.60 -33.70 -25.49
N THR A 405 -35.36 -33.75 -25.98
CA THR A 405 -34.43 -34.82 -25.64
C THR A 405 -33.22 -34.26 -24.90
N CYS A 406 -32.46 -35.18 -24.30
CA CYS A 406 -31.20 -34.86 -23.65
C CYS A 406 -30.06 -35.55 -24.40
N LEU A 407 -29.12 -34.76 -24.89
CA LEU A 407 -27.97 -35.30 -25.62
C LEU A 407 -26.85 -35.77 -24.71
N SER A 408 -26.92 -35.47 -23.41
CA SER A 408 -25.76 -35.67 -22.55
C SER A 408 -26.05 -36.29 -21.18
N CYS A 409 -27.31 -36.51 -20.80
CA CYS A 409 -27.63 -37.01 -19.46
C CYS A 409 -27.07 -38.41 -19.23
N GLU A 410 -27.62 -39.40 -19.93
CA GLU A 410 -27.19 -40.80 -19.78
C GLU A 410 -26.13 -41.19 -20.80
N LEU A 411 -25.10 -40.37 -20.98
CA LEU A 411 -23.95 -40.76 -21.79
C LEU A 411 -22.97 -41.58 -20.96
N ASN A 412 -22.37 -40.95 -19.95
CA ASN A 412 -21.69 -41.64 -18.86
C ASN A 412 -22.24 -41.07 -17.56
N PRO A 413 -23.47 -41.43 -17.21
CA PRO A 413 -24.21 -40.68 -16.17
C PRO A 413 -23.62 -40.76 -14.77
N GLU A 414 -22.41 -41.30 -14.63
CA GLU A 414 -21.63 -41.21 -13.40
C GLU A 414 -20.41 -40.33 -13.55
N ARG A 415 -19.69 -40.47 -14.67
CA ARG A 415 -18.53 -39.64 -14.94
C ARG A 415 -18.91 -38.28 -15.51
N CYS A 416 -20.11 -38.15 -16.07
CA CYS A 416 -20.50 -37.01 -16.89
C CYS A 416 -21.84 -36.44 -16.41
N GLN A 417 -21.76 -35.39 -15.60
CA GLN A 417 -22.93 -34.66 -15.15
C GLN A 417 -22.82 -33.16 -15.35
N TYR A 418 -21.65 -32.65 -15.75
CA TYR A 418 -21.44 -31.23 -16.01
C TYR A 418 -20.97 -31.10 -17.45
N TYR A 419 -21.83 -30.59 -18.32
CA TYR A 419 -21.59 -30.64 -19.75
C TYR A 419 -21.63 -29.24 -20.35
N SER A 420 -20.75 -28.99 -21.31
CA SER A 420 -20.74 -27.74 -22.05
C SER A 420 -20.36 -28.04 -23.49
N ALA A 421 -20.96 -27.31 -24.44
CA ALA A 421 -20.85 -27.66 -25.84
C ALA A 421 -20.48 -26.45 -26.70
N SER A 422 -19.92 -26.73 -27.86
CA SER A 422 -19.68 -25.74 -28.90
C SER A 422 -20.00 -26.37 -30.24
N PHE A 423 -21.00 -25.84 -30.92
CA PHE A 423 -21.54 -26.48 -32.10
C PHE A 423 -20.78 -26.06 -33.35
N SER A 424 -21.09 -26.71 -34.46
CA SER A 424 -20.59 -26.25 -35.74
C SER A 424 -21.30 -24.97 -36.14
N ASN A 425 -20.85 -24.38 -37.26
CA ASN A 425 -21.45 -23.13 -37.70
C ASN A 425 -22.92 -23.30 -38.08
N LYS A 426 -23.32 -24.51 -38.48
CA LYS A 426 -24.72 -24.79 -38.81
C LYS A 426 -25.30 -25.91 -37.94
N ALA A 427 -24.67 -26.17 -36.80
CA ALA A 427 -25.15 -27.16 -35.83
C ALA A 427 -25.27 -28.55 -36.45
N LYS A 428 -24.32 -28.88 -37.33
CA LYS A 428 -24.23 -30.21 -37.90
C LYS A 428 -23.37 -31.15 -37.07
N TYR A 429 -22.59 -30.60 -36.14
CA TYR A 429 -21.75 -31.37 -35.25
C TYR A 429 -21.63 -30.59 -33.95
N TYR A 430 -21.19 -31.26 -32.89
CA TYR A 430 -21.01 -30.57 -31.62
C TYR A 430 -19.97 -31.30 -30.78
N GLN A 431 -19.15 -30.52 -30.08
CA GLN A 431 -18.22 -31.05 -29.09
C GLN A 431 -18.89 -30.98 -27.73
N LEU A 432 -19.02 -32.12 -27.06
CA LEU A 432 -19.61 -32.20 -25.73
C LEU A 432 -18.47 -32.25 -24.71
N ARG A 433 -18.20 -31.12 -24.06
CA ARG A 433 -17.18 -31.05 -23.03
C ARG A 433 -17.79 -31.48 -21.70
N CYS A 434 -17.30 -32.59 -21.16
CA CYS A 434 -17.78 -33.16 -19.91
C CYS A 434 -16.81 -32.77 -18.80
N PHE A 435 -17.27 -31.96 -17.85
CA PHE A 435 -16.39 -31.32 -16.88
C PHE A 435 -16.28 -32.08 -15.57
N GLY A 436 -17.31 -32.82 -15.17
CA GLY A 436 -17.28 -33.58 -13.95
C GLY A 436 -18.53 -34.41 -13.74
N PRO A 437 -18.64 -35.09 -12.59
CA PRO A 437 -17.77 -35.03 -11.40
C PRO A 437 -16.55 -35.95 -11.42
N GLY A 438 -16.36 -36.71 -12.49
CA GLY A 438 -15.19 -37.55 -12.64
C GLY A 438 -14.07 -36.85 -13.39
N LEU A 439 -13.22 -37.65 -14.04
CA LEU A 439 -12.20 -37.08 -14.91
C LEU A 439 -12.84 -36.54 -16.19
N PRO A 440 -12.45 -35.34 -16.65
CA PRO A 440 -13.12 -34.72 -17.79
C PRO A 440 -13.05 -35.56 -19.05
N LEU A 441 -14.05 -35.39 -19.91
CA LEU A 441 -14.21 -36.22 -21.10
C LEU A 441 -14.70 -35.35 -22.25
N TYR A 442 -13.79 -34.90 -23.10
CA TYR A 442 -14.13 -34.08 -24.24
C TYR A 442 -14.52 -34.99 -25.41
N THR A 443 -15.81 -35.02 -25.74
CA THR A 443 -16.36 -35.96 -26.70
C THR A 443 -17.01 -35.22 -27.85
N LEU A 444 -16.56 -35.51 -29.07
CA LEU A 444 -17.18 -34.99 -30.28
C LEU A 444 -18.37 -35.85 -30.67
N HIS A 445 -19.44 -35.21 -31.13
CA HIS A 445 -20.65 -35.93 -31.50
C HIS A 445 -21.21 -35.37 -32.79
N SER A 446 -22.10 -36.15 -33.42
CA SER A 446 -22.78 -35.74 -34.63
C SER A 446 -24.23 -35.36 -34.30
N SER A 447 -24.74 -34.35 -34.99
CA SER A 447 -26.10 -33.89 -34.72
C SER A 447 -27.15 -34.94 -35.08
N SER A 448 -26.84 -35.82 -36.03
CA SER A 448 -27.81 -36.75 -36.61
C SER A 448 -27.84 -38.11 -35.91
N SER A 449 -26.68 -38.73 -35.68
CA SER A 449 -26.64 -40.05 -35.07
C SER A 449 -26.37 -40.05 -33.58
N ASP A 450 -26.00 -38.92 -32.99
CA ASP A 450 -25.77 -38.84 -31.55
C ASP A 450 -24.87 -39.98 -31.10
N LYS A 451 -23.68 -40.05 -31.69
CA LYS A 451 -22.75 -41.14 -31.45
C LYS A 451 -21.43 -40.58 -30.95
N GLU A 452 -20.56 -41.49 -30.47
CA GLU A 452 -19.27 -41.08 -29.92
C GLU A 452 -18.36 -40.47 -30.98
N LEU A 453 -18.60 -40.77 -32.25
CA LEU A 453 -17.70 -40.37 -33.34
C LEU A 453 -16.26 -40.68 -32.98
N ARG A 454 -15.60 -39.73 -32.33
CA ARG A 454 -14.25 -39.91 -31.82
C ARG A 454 -14.15 -39.23 -30.46
N VAL A 455 -13.46 -39.87 -29.52
CA VAL A 455 -13.18 -39.26 -28.23
C VAL A 455 -11.99 -38.33 -28.39
N LEU A 456 -12.17 -37.05 -28.07
CA LEU A 456 -11.10 -36.09 -28.27
C LEU A 456 -10.11 -36.11 -27.12
N GLU A 457 -10.60 -35.98 -25.89
CA GLU A 457 -9.75 -36.11 -24.72
C GLU A 457 -10.47 -36.93 -23.66
N ASP A 458 -9.84 -38.03 -23.24
CA ASP A 458 -10.37 -38.86 -22.17
C ASP A 458 -9.59 -38.71 -20.87
N ASN A 459 -8.45 -38.02 -20.89
CA ASN A 459 -7.60 -37.84 -19.70
C ASN A 459 -7.20 -39.18 -19.09
N SER A 460 -6.93 -40.16 -19.94
CA SER A 460 -6.34 -41.41 -19.47
C SER A 460 -5.01 -41.16 -18.77
N ALA A 461 -4.28 -40.11 -19.20
CA ALA A 461 -3.03 -39.75 -18.56
C ALA A 461 -3.21 -39.51 -17.06
N LEU A 462 -4.20 -38.68 -16.70
CA LEU A 462 -4.42 -38.37 -15.29
C LEU A 462 -4.80 -39.61 -14.49
N ASP A 463 -5.61 -40.50 -15.08
CA ASP A 463 -6.05 -41.71 -14.37
C ASP A 463 -4.88 -42.53 -13.85
N LYS A 464 -3.87 -42.75 -14.70
CA LYS A 464 -2.76 -43.63 -14.35
C LYS A 464 -2.04 -43.12 -13.10
N MET A 465 -1.55 -41.88 -13.13
CA MET A 465 -0.87 -41.32 -11.97
C MET A 465 -1.78 -41.17 -10.76
N LEU A 466 -3.09 -41.07 -10.96
CA LEU A 466 -4.03 -40.75 -9.89
C LEU A 466 -4.68 -41.98 -9.24
N GLN A 467 -4.34 -43.18 -9.68
CA GLN A 467 -4.76 -44.37 -8.96
C GLN A 467 -3.69 -44.89 -8.00
N ASP A 468 -2.47 -44.36 -8.10
CA ASP A 468 -1.41 -44.59 -7.14
C ASP A 468 -1.38 -43.52 -6.05
N VAL A 469 -2.43 -42.71 -5.94
CA VAL A 469 -2.47 -41.60 -5.00
C VAL A 469 -3.86 -41.53 -4.39
N GLN A 470 -3.92 -41.53 -3.06
CA GLN A 470 -5.19 -41.46 -2.35
C GLN A 470 -5.88 -40.12 -2.62
N MET A 471 -7.13 -40.17 -3.06
CA MET A 471 -7.81 -38.93 -3.41
C MET A 471 -9.15 -38.80 -2.69
N PRO A 472 -9.57 -37.55 -2.42
CA PRO A 472 -10.81 -37.32 -1.66
C PRO A 472 -12.09 -37.66 -2.42
N SER A 473 -13.23 -37.33 -1.82
CA SER A 473 -14.54 -37.73 -2.33
C SER A 473 -15.57 -36.66 -2.01
N LYS A 474 -16.15 -36.05 -3.03
CA LYS A 474 -17.17 -35.03 -2.82
C LYS A 474 -18.48 -35.67 -2.37
N LYS A 475 -19.12 -35.03 -1.39
CA LYS A 475 -20.42 -35.44 -0.88
C LYS A 475 -21.39 -34.29 -1.15
N LEU A 476 -22.07 -34.33 -2.30
CA LEU A 476 -23.12 -33.38 -2.59
C LEU A 476 -24.42 -33.88 -1.97
N ASP A 477 -24.95 -33.14 -1.01
CA ASP A 477 -26.25 -33.48 -0.44
C ASP A 477 -27.03 -32.20 -0.17
N VAL A 478 -27.84 -32.18 0.89
CA VAL A 478 -28.77 -31.08 1.10
C VAL A 478 -29.11 -31.03 2.59
N ILE A 479 -29.46 -29.84 3.07
CA ILE A 479 -30.02 -29.65 4.40
C ILE A 479 -31.19 -28.70 4.30
N ASN A 480 -32.18 -28.92 5.16
CA ASN A 480 -33.43 -28.15 5.12
C ASN A 480 -33.25 -26.86 5.93
N LEU A 481 -33.77 -25.76 5.37
CA LEU A 481 -33.58 -24.44 5.97
C LEU A 481 -34.67 -23.52 5.43
N HIS A 482 -35.36 -22.83 6.34
CA HIS A 482 -36.44 -21.90 5.98
C HIS A 482 -37.53 -22.59 5.17
N GLY A 483 -37.78 -23.86 5.50
CA GLY A 483 -38.75 -24.65 4.77
C GLY A 483 -38.39 -24.96 3.34
N THR A 484 -37.12 -24.80 2.97
CA THR A 484 -36.62 -25.12 1.64
C THR A 484 -35.37 -25.95 1.78
N LYS A 485 -34.93 -26.55 0.67
CA LYS A 485 -33.74 -27.38 0.63
C LYS A 485 -32.66 -26.64 -0.16
N PHE A 486 -31.54 -26.36 0.49
CA PHE A 486 -30.38 -25.75 -0.15
C PHE A 486 -29.21 -26.72 -0.15
N TRP A 487 -28.41 -26.65 -1.21
CA TRP A 487 -27.41 -27.68 -1.45
C TRP A 487 -26.14 -27.43 -0.63
N TYR A 488 -25.37 -28.50 -0.45
CA TYR A 488 -24.07 -28.40 0.18
C TYR A 488 -23.18 -29.52 -0.35
N GLN A 489 -21.88 -29.31 -0.22
CA GLN A 489 -20.87 -30.25 -0.67
C GLN A 489 -19.78 -30.31 0.39
N MET A 490 -19.16 -31.49 0.53
CA MET A 490 -18.06 -31.67 1.45
C MET A 490 -17.00 -32.52 0.77
N ILE A 491 -15.80 -31.98 0.59
CA ILE A 491 -14.71 -32.72 -0.01
C ILE A 491 -14.05 -33.51 1.12
N LEU A 492 -14.57 -34.71 1.35
CA LEU A 492 -14.20 -35.52 2.50
C LEU A 492 -12.79 -36.09 2.35
N PRO A 493 -12.11 -36.38 3.46
CA PRO A 493 -10.77 -36.97 3.38
C PRO A 493 -10.84 -38.41 2.89
N PRO A 494 -9.74 -38.94 2.37
CA PRO A 494 -9.71 -40.37 2.03
C PRO A 494 -9.82 -41.22 3.28
N HIS A 495 -10.33 -42.45 3.11
CA HIS A 495 -10.56 -43.37 4.22
C HIS A 495 -11.35 -42.68 5.33
N PHE A 496 -12.57 -42.26 4.99
CA PHE A 496 -13.37 -41.45 5.89
C PHE A 496 -14.00 -42.32 6.97
N ASP A 497 -13.74 -41.98 8.23
CA ASP A 497 -14.30 -42.68 9.37
C ASP A 497 -15.31 -41.77 10.04
N LYS A 498 -16.59 -42.15 10.01
CA LYS A 498 -17.67 -41.31 10.54
C LYS A 498 -17.66 -41.21 12.06
N SER A 499 -16.62 -41.64 12.76
CA SER A 499 -16.53 -41.49 14.21
C SER A 499 -15.49 -40.48 14.65
N LYS A 500 -14.33 -40.44 13.99
CA LYS A 500 -13.32 -39.45 14.30
C LYS A 500 -13.85 -38.05 14.07
N LYS A 501 -13.72 -37.19 15.06
CA LYS A 501 -14.06 -35.79 14.87
C LYS A 501 -13.02 -35.15 13.94
N TYR A 502 -13.50 -34.37 12.98
CA TYR A 502 -12.65 -33.83 11.93
C TYR A 502 -12.73 -32.31 11.92
N PRO A 503 -11.63 -31.63 11.59
CA PRO A 503 -11.66 -30.16 11.50
C PRO A 503 -12.36 -29.70 10.24
N LEU A 504 -13.06 -28.56 10.36
CA LEU A 504 -13.88 -28.03 9.27
C LEU A 504 -13.20 -26.86 8.58
N LEU A 505 -13.38 -26.78 7.27
CA LEU A 505 -13.06 -25.61 6.48
C LEU A 505 -14.27 -25.25 5.64
N ILE A 506 -14.59 -23.97 5.57
CA ILE A 506 -15.78 -23.51 4.84
C ILE A 506 -15.30 -22.60 3.72
N GLU A 507 -15.08 -23.18 2.54
CA GLU A 507 -14.82 -22.41 1.33
C GLU A 507 -16.10 -21.71 0.90
N VAL A 508 -16.06 -20.38 0.82
CA VAL A 508 -17.25 -19.57 0.60
C VAL A 508 -17.06 -18.71 -0.64
N TYR A 509 -18.10 -18.68 -1.49
CA TYR A 509 -18.27 -17.63 -2.47
C TYR A 509 -19.55 -16.84 -2.18
N ALA A 510 -20.69 -17.52 -2.18
CA ALA A 510 -21.96 -16.97 -1.67
C ALA A 510 -22.25 -15.58 -2.24
N GLY A 511 -22.10 -15.47 -3.56
CA GLY A 511 -22.42 -14.24 -4.25
C GLY A 511 -23.77 -14.32 -4.91
N PRO A 512 -24.27 -13.19 -5.40
CA PRO A 512 -25.49 -13.22 -6.21
C PRO A 512 -25.29 -14.11 -7.43
N CYS A 513 -26.19 -15.07 -7.60
CA CYS A 513 -26.12 -16.06 -8.69
C CYS A 513 -24.81 -16.84 -8.63
N SER A 514 -24.51 -17.38 -7.46
CA SER A 514 -23.28 -18.11 -7.24
C SER A 514 -23.53 -19.61 -7.19
N GLN A 515 -22.45 -20.38 -7.37
CA GLN A 515 -22.52 -21.83 -7.32
C GLN A 515 -21.21 -22.34 -6.70
N LYS A 516 -21.27 -22.73 -5.44
CA LYS A 516 -20.16 -23.45 -4.83
C LYS A 516 -20.35 -24.95 -4.90
N VAL A 517 -21.59 -25.40 -5.02
CA VAL A 517 -21.97 -26.82 -5.00
C VAL A 517 -22.19 -27.23 -6.45
N ASP A 518 -21.23 -27.97 -7.01
CA ASP A 518 -21.28 -28.31 -8.42
C ASP A 518 -20.64 -29.68 -8.66
N THR A 519 -21.04 -30.31 -9.76
CA THR A 519 -20.48 -31.58 -10.20
C THR A 519 -19.28 -31.39 -11.09
N VAL A 520 -18.39 -30.46 -10.77
CA VAL A 520 -17.25 -30.12 -11.62
C VAL A 520 -16.00 -30.75 -11.02
N PHE A 521 -15.11 -31.22 -11.89
CA PHE A 521 -13.84 -31.79 -11.46
C PHE A 521 -12.83 -30.65 -11.29
N ARG A 522 -12.33 -30.48 -10.06
CA ARG A 522 -11.42 -29.39 -9.76
C ARG A 522 -10.39 -29.88 -8.74
N LEU A 523 -9.16 -30.12 -9.20
CA LEU A 523 -8.05 -30.32 -8.29
C LEU A 523 -7.77 -29.01 -7.55
N SER A 524 -8.36 -28.85 -6.36
CA SER A 524 -8.41 -27.57 -5.68
C SER A 524 -7.39 -27.53 -4.54
N TRP A 525 -7.31 -26.37 -3.89
CA TRP A 525 -6.52 -26.27 -2.67
C TRP A 525 -7.09 -27.16 -1.58
N ALA A 526 -8.43 -27.24 -1.51
CA ALA A 526 -9.07 -28.11 -0.55
C ALA A 526 -8.75 -29.57 -0.83
N THR A 527 -8.58 -29.93 -2.11
CA THR A 527 -8.21 -31.30 -2.46
C THR A 527 -6.92 -31.72 -1.78
N TYR A 528 -6.06 -30.76 -1.45
CA TYR A 528 -4.90 -31.04 -0.60
C TYR A 528 -5.28 -31.10 0.87
N LEU A 529 -5.99 -30.08 1.36
CA LEU A 529 -6.34 -30.02 2.77
C LEU A 529 -7.17 -31.23 3.21
N ALA A 530 -7.77 -31.95 2.26
CA ALA A 530 -8.48 -33.19 2.55
C ALA A 530 -7.58 -34.42 2.39
N SER A 531 -6.85 -34.50 1.28
CA SER A 531 -6.04 -35.69 1.02
C SER A 531 -4.83 -35.77 1.95
N THR A 532 -4.17 -34.64 2.19
CA THR A 532 -2.92 -34.67 2.96
C THR A 532 -3.06 -34.06 4.36
N GLU A 533 -4.11 -33.28 4.62
CA GLU A 533 -4.27 -32.65 5.91
C GLU A 533 -5.46 -33.16 6.71
N ASN A 534 -6.32 -33.98 6.12
CA ASN A 534 -7.50 -34.51 6.79
C ASN A 534 -8.36 -33.38 7.39
N ILE A 535 -8.81 -32.51 6.50
CA ILE A 535 -9.74 -31.43 6.84
C ILE A 535 -10.92 -31.53 5.87
N ILE A 536 -12.13 -31.55 6.42
CA ILE A 536 -13.32 -31.49 5.58
C ILE A 536 -13.53 -30.05 5.16
N VAL A 537 -13.46 -29.79 3.87
CA VAL A 537 -13.78 -28.48 3.31
C VAL A 537 -15.16 -28.56 2.69
N ALA A 538 -16.07 -27.74 3.18
CA ALA A 538 -17.45 -27.77 2.72
C ALA A 538 -17.73 -26.59 1.80
N SER A 539 -18.99 -26.51 1.35
CA SER A 539 -19.47 -25.42 0.52
C SER A 539 -20.99 -25.43 0.54
N PHE A 540 -21.60 -24.24 0.68
CA PHE A 540 -23.04 -24.12 0.82
C PHE A 540 -23.56 -23.02 -0.09
N ASP A 541 -24.69 -23.29 -0.75
CA ASP A 541 -25.34 -22.34 -1.65
C ASP A 541 -26.70 -21.99 -1.05
N GLY A 542 -26.72 -20.95 -0.22
CA GLY A 542 -27.90 -20.49 0.48
C GLY A 542 -28.61 -19.37 -0.24
N ARG A 543 -29.31 -18.54 0.52
CA ARG A 543 -30.01 -17.40 -0.07
C ARG A 543 -29.02 -16.49 -0.77
N GLY A 544 -29.27 -16.23 -2.06
CA GLY A 544 -28.35 -15.46 -2.86
C GLY A 544 -27.81 -16.25 -4.02
N SER A 545 -27.57 -17.53 -3.79
CA SER A 545 -27.12 -18.42 -4.87
C SER A 545 -28.13 -18.41 -6.01
N GLY A 546 -27.63 -18.64 -7.22
CA GLY A 546 -28.43 -18.64 -8.41
C GLY A 546 -28.65 -20.03 -8.98
N TYR A 547 -29.28 -20.05 -10.16
CA TYR A 547 -29.64 -21.27 -10.88
C TYR A 547 -30.63 -22.11 -10.08
N GLN A 548 -31.08 -21.58 -8.95
CA GLN A 548 -32.02 -22.26 -8.08
C GLN A 548 -33.38 -21.57 -8.02
N GLY A 549 -33.56 -20.48 -8.76
CA GLY A 549 -34.82 -19.76 -8.75
C GLY A 549 -34.66 -18.32 -8.32
N ASP A 550 -35.44 -17.42 -8.92
CA ASP A 550 -35.39 -16.01 -8.53
C ASP A 550 -35.79 -15.80 -7.08
N LYS A 551 -36.72 -16.61 -6.57
CA LYS A 551 -37.14 -16.47 -5.18
C LYS A 551 -35.96 -16.66 -4.23
N ILE A 552 -35.05 -17.58 -4.56
CA ILE A 552 -33.83 -17.74 -3.77
C ILE A 552 -32.81 -16.66 -4.13
N MET A 553 -32.51 -16.52 -5.43
CA MET A 553 -31.46 -15.58 -5.84
C MET A 553 -31.81 -14.15 -5.42
N HIS A 554 -32.99 -13.67 -5.79
CA HIS A 554 -33.38 -12.30 -5.46
C HIS A 554 -33.83 -12.16 -4.01
N ALA A 555 -33.12 -12.81 -3.10
CA ALA A 555 -33.37 -12.66 -1.67
C ALA A 555 -32.42 -11.69 -1.01
N ILE A 556 -31.34 -11.30 -1.68
CA ILE A 556 -30.33 -10.42 -1.12
C ILE A 556 -30.42 -9.01 -1.69
N ASN A 557 -31.52 -8.69 -2.37
CA ASN A 557 -31.65 -7.41 -3.05
C ASN A 557 -31.78 -6.29 -2.04
N ARG A 558 -30.90 -5.28 -2.15
CA ARG A 558 -30.85 -4.14 -1.23
C ARG A 558 -30.51 -4.58 0.20
N ARG A 559 -29.75 -5.65 0.32
CA ARG A 559 -29.29 -6.13 1.63
C ARG A 559 -28.12 -7.09 1.48
N LEU A 560 -27.06 -6.67 0.79
CA LEU A 560 -25.92 -7.53 0.59
C LEU A 560 -25.16 -7.71 1.90
N GLY A 561 -24.64 -8.91 2.13
CA GLY A 561 -23.95 -9.20 3.37
C GLY A 561 -24.85 -9.52 4.54
N THR A 562 -26.11 -9.85 4.28
CA THR A 562 -27.04 -10.18 5.36
C THR A 562 -27.47 -11.64 5.29
N PHE A 563 -28.34 -11.98 4.34
CA PHE A 563 -28.91 -13.33 4.31
C PHE A 563 -27.86 -14.37 3.95
N GLU A 564 -26.98 -14.06 2.99
CA GLU A 564 -25.95 -15.01 2.60
C GLU A 564 -24.98 -15.28 3.74
N VAL A 565 -24.74 -14.27 4.59
CA VAL A 565 -23.82 -14.44 5.72
C VAL A 565 -24.47 -15.25 6.84
N GLU A 566 -25.73 -14.96 7.16
CA GLU A 566 -26.42 -15.73 8.19
C GLU A 566 -26.76 -17.13 7.69
N ASP A 567 -27.07 -17.28 6.41
CA ASP A 567 -27.33 -18.61 5.86
C ASP A 567 -26.09 -19.49 5.90
N GLN A 568 -24.90 -18.91 5.78
CA GLN A 568 -23.69 -19.70 5.89
C GLN A 568 -23.30 -19.95 7.34
N ILE A 569 -23.84 -19.19 8.28
CA ILE A 569 -23.62 -19.50 9.69
C ILE A 569 -24.55 -20.62 10.15
N GLU A 570 -25.81 -20.59 9.70
CA GLU A 570 -26.73 -21.68 10.00
C GLU A 570 -26.23 -22.99 9.41
N ALA A 571 -25.74 -22.96 8.17
CA ALA A 571 -25.35 -24.20 7.49
C ALA A 571 -24.14 -24.85 8.15
N THR A 572 -23.18 -24.03 8.60
CA THR A 572 -22.08 -24.59 9.37
C THR A 572 -22.58 -25.15 10.70
N ARG A 573 -23.55 -24.47 11.31
CA ARG A 573 -24.12 -24.93 12.57
C ARG A 573 -24.71 -26.32 12.45
N GLN A 574 -25.36 -26.61 11.32
CA GLN A 574 -25.93 -27.94 11.10
C GLN A 574 -24.86 -28.97 10.77
N PHE A 575 -23.68 -28.55 10.35
CA PHE A 575 -22.57 -29.49 10.19
C PHE A 575 -21.91 -29.87 11.50
N SER A 576 -22.00 -29.00 12.52
CA SER A 576 -21.44 -29.28 13.84
C SER A 576 -22.39 -30.08 14.73
N LYS A 577 -23.35 -30.79 14.14
CA LYS A 577 -24.12 -31.81 14.83
C LYS A 577 -23.70 -33.21 14.44
N MET A 578 -23.20 -33.38 13.22
CA MET A 578 -22.73 -34.67 12.74
C MET A 578 -21.49 -35.09 13.51
N GLY A 579 -21.47 -36.34 13.95
CA GLY A 579 -20.45 -36.84 14.87
C GLY A 579 -19.04 -36.83 14.34
N PHE A 580 -18.84 -36.52 13.05
CA PHE A 580 -17.51 -36.52 12.45
C PHE A 580 -16.93 -35.11 12.31
N VAL A 581 -17.40 -34.16 13.12
CA VAL A 581 -16.99 -32.76 13.01
C VAL A 581 -16.50 -32.29 14.36
N ASP A 582 -15.26 -31.83 14.42
CA ASP A 582 -14.70 -31.21 15.61
C ASP A 582 -15.17 -29.75 15.64
N ASP A 583 -16.33 -29.52 16.28
CA ASP A 583 -16.89 -28.18 16.33
C ASP A 583 -15.97 -27.17 16.99
N LYS A 584 -15.08 -27.62 17.87
CA LYS A 584 -14.04 -26.78 18.46
C LYS A 584 -12.88 -26.52 17.48
N ARG A 585 -13.04 -26.90 16.20
CA ARG A 585 -12.03 -26.70 15.18
C ARG A 585 -12.74 -26.50 13.83
N ILE A 586 -13.39 -25.33 13.70
CA ILE A 586 -14.11 -24.98 12.48
C ILE A 586 -13.49 -23.71 11.92
N ALA A 587 -13.23 -23.70 10.61
CA ALA A 587 -12.57 -22.57 9.96
C ALA A 587 -13.42 -22.06 8.81
N ILE A 588 -13.01 -20.89 8.29
CA ILE A 588 -13.68 -20.23 7.17
C ILE A 588 -12.63 -19.44 6.41
N TRP A 589 -12.77 -19.40 5.09
CA TRP A 589 -11.81 -18.69 4.25
C TRP A 589 -12.47 -18.29 2.94
N GLY A 590 -12.06 -17.14 2.39
CA GLY A 590 -12.77 -16.57 1.26
C GLY A 590 -11.92 -15.65 0.43
N TRP A 591 -12.21 -15.64 -0.88
CA TRP A 591 -11.60 -14.75 -1.85
C TRP A 591 -12.70 -13.91 -2.47
N SER A 592 -12.47 -12.59 -2.55
CA SER A 592 -13.42 -11.62 -3.11
C SER A 592 -14.68 -11.66 -2.27
N TYR A 593 -15.85 -12.02 -2.83
CA TYR A 593 -17.06 -12.10 -2.03
C TYR A 593 -16.86 -13.04 -0.84
N GLY A 594 -16.11 -14.12 -1.04
CA GLY A 594 -15.78 -15.00 0.08
C GLY A 594 -15.13 -14.25 1.21
N GLY A 595 -14.11 -13.44 0.90
CA GLY A 595 -13.44 -12.66 1.92
C GLY A 595 -14.38 -11.74 2.66
N TYR A 596 -15.34 -11.16 1.95
CA TYR A 596 -16.39 -10.37 2.59
C TYR A 596 -17.18 -11.23 3.56
N VAL A 597 -17.84 -12.27 3.05
CA VAL A 597 -18.64 -13.15 3.88
C VAL A 597 -17.82 -13.69 5.05
N THR A 598 -16.65 -14.25 4.74
CA THR A 598 -15.75 -14.78 5.77
C THR A 598 -15.55 -13.77 6.90
N SER A 599 -15.26 -12.52 6.53
CA SER A 599 -15.05 -11.48 7.53
C SER A 599 -16.35 -11.11 8.23
N MET A 600 -17.43 -10.97 7.48
CA MET A 600 -18.72 -10.70 8.11
C MET A 600 -19.20 -11.88 8.93
N VAL A 601 -18.81 -13.10 8.57
CA VAL A 601 -19.12 -14.27 9.39
C VAL A 601 -18.31 -14.25 10.68
N LEU A 602 -17.02 -13.94 10.57
CA LEU A 602 -16.17 -13.88 11.76
C LEU A 602 -16.58 -12.75 12.70
N GLY A 603 -17.21 -11.70 12.17
CA GLY A 603 -17.57 -10.55 12.97
C GLY A 603 -19.04 -10.48 13.35
N ALA A 604 -19.74 -11.61 13.29
CA ALA A 604 -21.16 -11.66 13.59
C ALA A 604 -21.45 -12.11 15.02
N GLY A 605 -20.44 -12.48 15.79
CA GLY A 605 -20.68 -13.06 17.11
C GLY A 605 -21.25 -14.47 17.03
N SER A 606 -20.78 -15.26 16.06
CA SER A 606 -21.35 -16.58 15.83
C SER A 606 -21.04 -17.53 16.99
N GLY A 607 -19.75 -17.73 17.26
CA GLY A 607 -19.28 -18.81 18.08
C GLY A 607 -19.01 -20.10 17.32
N VAL A 608 -19.48 -20.18 16.08
CA VAL A 608 -19.24 -21.37 15.26
C VAL A 608 -17.79 -21.43 14.77
N PHE A 609 -17.09 -20.30 14.73
CA PHE A 609 -15.80 -20.23 14.06
C PHE A 609 -14.70 -19.79 15.01
N LYS A 610 -13.47 -20.07 14.62
CA LYS A 610 -12.30 -19.81 15.46
C LYS A 610 -11.18 -19.10 14.71
N CYS A 611 -10.94 -19.44 13.45
CA CYS A 611 -10.00 -18.71 12.59
C CYS A 611 -10.70 -18.35 11.29
N GLY A 612 -10.03 -17.53 10.49
CA GLY A 612 -10.60 -17.14 9.23
C GLY A 612 -9.72 -16.32 8.31
N ILE A 613 -9.24 -16.92 7.24
CA ILE A 613 -8.51 -16.18 6.22
C ILE A 613 -9.50 -15.43 5.35
N ALA A 614 -9.21 -14.16 5.08
CA ALA A 614 -9.98 -13.37 4.12
C ALA A 614 -9.01 -12.82 3.09
N VAL A 615 -9.05 -13.36 1.87
CA VAL A 615 -8.26 -12.86 0.76
C VAL A 615 -9.10 -11.86 -0.03
N ALA A 616 -8.52 -10.70 -0.31
CA ALA A 616 -9.07 -9.64 -1.15
C ALA A 616 -10.57 -9.41 -0.89
N PRO A 617 -10.94 -9.02 0.32
CA PRO A 617 -12.36 -8.86 0.63
C PRO A 617 -12.84 -7.45 0.33
N VAL A 618 -14.14 -7.36 0.08
CA VAL A 618 -14.85 -6.09 0.07
C VAL A 618 -15.22 -5.76 1.50
N SER A 619 -14.82 -4.59 1.97
CA SER A 619 -15.14 -4.19 3.34
C SER A 619 -16.32 -3.24 3.44
N LYS A 620 -16.66 -2.58 2.33
CA LYS A 620 -17.71 -1.58 2.33
C LYS A 620 -18.18 -1.44 0.89
N TRP A 621 -19.49 -1.57 0.68
CA TRP A 621 -19.99 -1.66 -0.69
C TRP A 621 -19.87 -0.35 -1.46
N GLU A 622 -19.82 0.79 -0.79
CA GLU A 622 -19.57 2.03 -1.50
C GLU A 622 -18.17 2.08 -2.09
N TYR A 623 -17.28 1.17 -1.68
CA TYR A 623 -15.92 1.14 -2.18
C TYR A 623 -15.77 0.36 -3.49
N TYR A 624 -16.86 -0.22 -4.00
CA TYR A 624 -16.78 -1.07 -5.19
C TYR A 624 -17.49 -0.38 -6.34
N ASP A 625 -17.31 -0.93 -7.55
CA ASP A 625 -17.78 -0.23 -8.74
C ASP A 625 -19.30 -0.12 -8.73
N SER A 626 -19.82 0.78 -9.58
CA SER A 626 -21.23 1.14 -9.56
C SER A 626 -22.13 0.05 -10.15
N VAL A 627 -21.78 -0.46 -11.33
CA VAL A 627 -22.64 -1.44 -12.01
C VAL A 627 -23.00 -2.59 -11.09
N TYR A 628 -21.97 -3.29 -10.58
CA TYR A 628 -22.18 -4.42 -9.68
C TYR A 628 -23.03 -4.01 -8.48
N THR A 629 -22.52 -3.08 -7.67
CA THR A 629 -23.12 -2.74 -6.39
C THR A 629 -24.54 -2.19 -6.54
N GLU A 630 -24.82 -1.49 -7.63
CA GLU A 630 -26.17 -0.97 -7.85
C GLU A 630 -27.10 -1.98 -8.49
N ARG A 631 -26.57 -3.02 -9.13
CA ARG A 631 -27.42 -4.12 -9.58
C ARG A 631 -28.14 -4.77 -8.41
N TYR A 632 -27.50 -4.83 -7.24
CA TYR A 632 -28.08 -5.47 -6.06
C TYR A 632 -28.34 -4.49 -4.93
N MET A 633 -27.32 -3.76 -4.47
CA MET A 633 -27.47 -2.99 -3.24
C MET A 633 -28.30 -1.72 -3.44
N GLY A 634 -28.30 -1.17 -4.65
CA GLY A 634 -29.08 0.03 -4.90
C GLY A 634 -28.23 1.28 -5.00
N LEU A 635 -28.71 2.39 -4.49
CA LEU A 635 -27.96 3.64 -4.55
C LEU A 635 -27.64 4.13 -3.15
N PRO A 636 -26.41 4.62 -2.91
CA PRO A 636 -26.01 5.02 -1.55
C PRO A 636 -26.66 6.32 -1.08
N THR A 637 -27.70 6.78 -1.77
CA THR A 637 -28.37 8.01 -1.36
C THR A 637 -29.29 7.76 -0.17
N PRO A 638 -29.46 8.76 0.70
CA PRO A 638 -30.33 8.58 1.87
C PRO A 638 -31.78 8.37 1.51
N GLU A 639 -32.17 8.56 0.25
CA GLU A 639 -33.54 8.32 -0.19
C GLU A 639 -33.69 7.00 -0.94
N ASP A 640 -32.62 6.21 -1.04
CA ASP A 640 -32.68 4.91 -1.69
C ASP A 640 -32.46 3.80 -0.66
N ASN A 641 -31.21 3.50 -0.33
CA ASN A 641 -30.90 2.43 0.60
C ASN A 641 -29.54 2.68 1.26
N LEU A 642 -29.31 3.89 1.73
CA LEU A 642 -28.06 4.19 2.41
C LEU A 642 -28.00 3.54 3.79
N ASP A 643 -29.13 3.51 4.50
CA ASP A 643 -29.20 2.89 5.82
C ASP A 643 -28.59 1.50 5.83
N TYR A 644 -28.88 0.71 4.79
CA TYR A 644 -28.32 -0.63 4.70
C TYR A 644 -26.91 -0.60 4.15
N TYR A 645 -26.55 0.42 3.38
CA TYR A 645 -25.18 0.59 2.94
C TYR A 645 -24.25 0.78 4.14
N ARG A 646 -24.78 1.36 5.22
CA ARG A 646 -24.00 1.74 6.40
C ARG A 646 -23.89 0.63 7.43
N ASN A 647 -24.70 -0.41 7.32
CA ASN A 647 -24.65 -1.53 8.25
C ASN A 647 -24.25 -2.82 7.56
N SER A 648 -23.86 -2.74 6.28
CA SER A 648 -23.30 -3.86 5.53
C SER A 648 -21.76 -3.79 5.46
N THR A 649 -21.13 -2.95 6.27
CA THR A 649 -19.69 -2.82 6.26
C THR A 649 -19.05 -3.72 7.32
N VAL A 650 -17.93 -4.36 6.96
CA VAL A 650 -17.23 -5.22 7.90
C VAL A 650 -16.60 -4.40 9.02
N MET A 651 -16.22 -3.16 8.73
CA MET A 651 -15.66 -2.28 9.75
C MET A 651 -16.65 -2.02 10.88
N SER A 652 -17.95 -2.13 10.60
CA SER A 652 -18.98 -2.03 11.61
C SER A 652 -19.07 -3.26 12.51
N ARG A 653 -18.29 -4.31 12.22
CA ARG A 653 -18.27 -5.55 13.01
C ARG A 653 -16.93 -5.77 13.70
N ALA A 654 -16.12 -4.72 13.84
CA ALA A 654 -14.74 -4.90 14.28
C ALA A 654 -14.67 -5.44 15.71
N GLU A 655 -15.52 -4.95 16.62
CA GLU A 655 -15.47 -5.40 18.01
C GLU A 655 -15.61 -6.92 18.13
N ASN A 656 -16.46 -7.53 17.30
CA ASN A 656 -16.70 -8.96 17.34
C ASN A 656 -15.59 -9.75 16.65
N PHE A 657 -14.46 -9.11 16.34
CA PHE A 657 -13.37 -9.79 15.65
C PHE A 657 -12.31 -10.30 16.61
N LYS A 658 -12.30 -9.82 17.85
CA LYS A 658 -11.32 -10.27 18.82
C LYS A 658 -11.71 -11.62 19.42
N GLN A 659 -12.87 -12.16 19.08
CA GLN A 659 -13.25 -13.52 19.45
C GLN A 659 -12.71 -14.57 18.50
N VAL A 660 -12.07 -14.17 17.41
CA VAL A 660 -11.59 -15.09 16.39
C VAL A 660 -10.18 -14.66 15.95
N GLU A 661 -9.62 -15.44 15.03
CA GLU A 661 -8.37 -15.13 14.35
C GLU A 661 -8.67 -14.83 12.89
N TYR A 662 -7.77 -14.09 12.25
CA TYR A 662 -8.13 -13.46 10.99
C TYR A 662 -6.87 -13.24 10.18
N LEU A 663 -6.93 -13.52 8.87
CA LEU A 663 -5.77 -13.33 8.01
C LEU A 663 -6.24 -12.51 6.81
N LEU A 664 -5.84 -11.24 6.77
CA LEU A 664 -6.21 -10.30 5.72
C LEU A 664 -5.14 -10.34 4.63
N ILE A 665 -5.39 -11.09 3.56
CA ILE A 665 -4.54 -11.13 2.37
C ILE A 665 -5.14 -10.22 1.31
N HIS A 666 -4.30 -9.41 0.68
CA HIS A 666 -4.75 -8.50 -0.36
C HIS A 666 -3.57 -8.07 -1.21
N GLY A 667 -3.86 -7.68 -2.44
CA GLY A 667 -2.84 -7.29 -3.40
C GLY A 667 -2.78 -5.78 -3.57
N THR A 668 -1.55 -5.25 -3.48
CA THR A 668 -1.36 -3.80 -3.55
C THR A 668 -1.78 -3.23 -4.91
N ALA A 669 -1.89 -4.06 -5.93
CA ALA A 669 -2.25 -3.57 -7.25
C ALA A 669 -3.56 -4.21 -7.70
N ASP A 670 -4.60 -4.12 -6.87
CA ASP A 670 -5.91 -4.67 -7.17
C ASP A 670 -6.74 -3.60 -7.86
N ASP A 671 -7.02 -3.79 -9.16
CA ASP A 671 -7.87 -2.85 -9.88
C ASP A 671 -9.36 -3.12 -9.68
N ASN A 672 -9.71 -4.28 -9.14
CA ASN A 672 -11.09 -4.67 -8.85
C ASN A 672 -11.49 -4.28 -7.44
N VAL A 673 -11.08 -5.10 -6.49
CA VAL A 673 -11.32 -4.89 -5.07
C VAL A 673 -10.05 -4.22 -4.55
N HIS A 674 -9.98 -2.90 -4.65
CA HIS A 674 -8.72 -2.20 -4.37
C HIS A 674 -8.21 -2.46 -2.96
N PHE A 675 -6.92 -2.18 -2.77
CA PHE A 675 -6.28 -2.27 -1.47
C PHE A 675 -7.02 -1.46 -0.42
N GLN A 676 -7.74 -0.42 -0.85
CA GLN A 676 -8.53 0.42 0.04
C GLN A 676 -9.37 -0.40 1.02
N GLN A 677 -10.10 -1.38 0.50
CA GLN A 677 -11.07 -2.13 1.31
C GLN A 677 -10.37 -2.92 2.42
N SER A 678 -9.32 -3.68 2.09
CA SER A 678 -8.56 -4.38 3.12
C SER A 678 -7.89 -3.39 4.07
N ALA A 679 -7.44 -2.25 3.54
CA ALA A 679 -6.67 -1.31 4.34
C ALA A 679 -7.53 -0.63 5.39
N GLN A 680 -8.73 -0.17 5.02
CA GLN A 680 -9.61 0.45 5.99
C GLN A 680 -10.18 -0.57 6.98
N LEU A 681 -10.23 -1.85 6.59
CA LEU A 681 -10.54 -2.90 7.54
C LEU A 681 -9.47 -2.96 8.63
N SER A 682 -8.20 -2.92 8.23
CA SER A 682 -7.09 -2.90 9.19
C SER A 682 -7.24 -1.72 10.16
N LYS A 683 -7.58 -0.55 9.63
CA LYS A 683 -7.59 0.68 10.43
C LYS A 683 -8.61 0.58 11.58
N ALA A 684 -9.82 0.12 11.27
CA ALA A 684 -10.82 -0.02 12.33
C ALA A 684 -10.51 -1.20 13.26
N LEU A 685 -9.95 -2.28 12.71
CA LEU A 685 -9.45 -3.36 13.57
C LEU A 685 -8.38 -2.84 14.52
N VAL A 686 -7.40 -2.13 13.98
CA VAL A 686 -6.34 -1.55 14.81
C VAL A 686 -6.93 -0.59 15.82
N ASP A 687 -7.83 0.28 15.38
CA ASP A 687 -8.45 1.29 16.23
C ASP A 687 -9.40 0.71 17.28
N ALA A 688 -9.62 -0.61 17.29
CA ALA A 688 -10.56 -1.21 18.22
C ALA A 688 -9.91 -2.17 19.20
N GLY A 689 -8.67 -2.58 18.97
CA GLY A 689 -8.00 -3.52 19.82
C GLY A 689 -8.02 -4.95 19.32
N VAL A 690 -8.35 -5.17 18.05
CA VAL A 690 -8.43 -6.52 17.48
C VAL A 690 -7.04 -6.93 16.99
N ASP A 691 -6.54 -8.04 17.50
CA ASP A 691 -5.28 -8.62 17.04
C ASP A 691 -5.57 -9.54 15.86
N PHE A 692 -4.88 -9.31 14.75
CA PHE A 692 -5.07 -10.09 13.53
C PHE A 692 -3.73 -10.19 12.81
N GLN A 693 -3.75 -10.78 11.62
CA GLN A 693 -2.55 -10.91 10.80
C GLN A 693 -2.85 -10.46 9.37
N THR A 694 -1.78 -10.04 8.68
CA THR A 694 -1.90 -9.50 7.33
C THR A 694 -0.74 -9.99 6.47
N MET A 695 -0.86 -9.71 5.17
CA MET A 695 0.20 -10.02 4.21
C MET A 695 -0.10 -9.34 2.88
N TRP A 696 0.61 -8.25 2.58
CA TRP A 696 0.44 -7.58 1.30
C TRP A 696 1.23 -8.31 0.22
N TYR A 697 0.64 -8.44 -0.97
CA TYR A 697 1.29 -9.05 -2.12
C TYR A 697 1.55 -7.96 -3.15
N THR A 698 2.81 -7.51 -3.20
CA THR A 698 3.21 -6.35 -4.00
C THR A 698 3.02 -6.61 -5.50
N ASP A 699 2.37 -5.66 -6.17
CA ASP A 699 2.17 -5.67 -7.62
C ASP A 699 1.39 -6.90 -8.08
N GLU A 700 0.34 -7.24 -7.34
CA GLU A 700 -0.48 -8.41 -7.67
C GLU A 700 -1.93 -7.96 -7.77
N ASP A 701 -2.63 -8.48 -8.78
CA ASP A 701 -4.01 -8.06 -9.05
C ASP A 701 -4.99 -8.77 -8.13
N HIS A 702 -6.27 -8.83 -8.54
CA HIS A 702 -7.33 -9.51 -7.78
C HIS A 702 -7.21 -11.02 -7.83
N GLY A 703 -6.12 -11.55 -8.38
CA GLY A 703 -5.92 -12.98 -8.46
C GLY A 703 -4.68 -13.43 -7.74
N ILE A 704 -3.76 -12.50 -7.52
CA ILE A 704 -2.46 -12.79 -6.90
C ILE A 704 -1.90 -14.02 -7.60
N ALA A 705 -1.82 -13.95 -8.93
CA ALA A 705 -1.68 -15.12 -9.79
C ALA A 705 -0.29 -15.27 -10.41
N SER A 706 0.64 -14.38 -10.12
CA SER A 706 2.02 -14.63 -10.54
C SER A 706 2.54 -15.88 -9.83
N ASN A 707 3.43 -16.61 -10.50
CA ASN A 707 3.75 -17.98 -10.09
C ASN A 707 4.27 -18.04 -8.66
N MET A 708 5.25 -17.20 -8.32
CA MET A 708 5.82 -17.27 -6.97
C MET A 708 4.90 -16.72 -5.90
N ALA A 709 3.87 -15.96 -6.28
CA ALA A 709 2.92 -15.44 -5.29
C ALA A 709 1.70 -16.33 -5.13
N HIS A 710 1.29 -17.02 -6.20
CA HIS A 710 0.25 -18.03 -6.08
C HIS A 710 0.70 -19.15 -5.15
N GLN A 711 1.97 -19.56 -5.25
CA GLN A 711 2.53 -20.51 -4.29
C GLN A 711 2.53 -19.93 -2.88
N HIS A 712 2.91 -18.66 -2.74
CA HIS A 712 3.08 -18.07 -1.41
C HIS A 712 1.75 -17.90 -0.70
N ILE A 713 0.72 -17.45 -1.41
CA ILE A 713 -0.58 -17.17 -0.77
C ILE A 713 -1.17 -18.44 -0.18
N TYR A 714 -0.91 -19.60 -0.77
CA TYR A 714 -1.40 -20.85 -0.23
C TYR A 714 -0.42 -21.50 0.74
N THR A 715 0.86 -21.11 0.65
CA THR A 715 1.83 -21.53 1.65
C THR A 715 1.65 -20.75 2.94
N HIS A 716 1.31 -19.46 2.84
CA HIS A 716 1.04 -18.65 4.03
C HIS A 716 -0.34 -18.91 4.61
N MET A 717 -1.25 -19.47 3.82
CA MET A 717 -2.61 -19.75 4.28
C MET A 717 -2.72 -21.12 4.95
N SER A 718 -1.99 -22.11 4.44
CA SER A 718 -1.96 -23.42 5.07
C SER A 718 -1.48 -23.33 6.50
N HIS A 719 -0.40 -22.57 6.72
CA HIS A 719 0.18 -22.44 8.06
C HIS A 719 -0.83 -21.88 9.06
N PHE A 720 -1.59 -20.88 8.63
CA PHE A 720 -2.63 -20.29 9.48
C PHE A 720 -3.64 -21.34 9.91
N LEU A 721 -4.21 -22.08 8.96
CA LEU A 721 -5.16 -23.15 9.29
C LEU A 721 -4.51 -24.23 10.15
N LYS A 722 -3.35 -24.72 9.72
CA LYS A 722 -2.67 -25.78 10.47
C LYS A 722 -2.48 -25.37 11.93
N GLN A 723 -1.91 -24.18 12.16
CA GLN A 723 -1.70 -23.73 13.53
C GLN A 723 -3.00 -23.37 14.23
N CYS A 724 -4.09 -23.13 13.49
CA CYS A 724 -5.38 -22.94 14.14
C CYS A 724 -6.07 -24.27 14.42
N PHE A 725 -5.80 -25.30 13.62
CA PHE A 725 -6.29 -26.64 13.88
C PHE A 725 -5.36 -27.43 14.80
N SER A 726 -4.34 -26.79 15.35
CA SER A 726 -3.30 -27.45 16.13
C SER A 726 -2.83 -28.73 15.42
N LEU A 727 -2.56 -28.57 14.12
CA LEU A 727 -2.19 -29.70 13.27
C LEU A 727 -0.67 -29.78 13.08
N ARG B 3 4.11 -8.41 41.45
CA ARG B 3 3.69 -8.06 40.10
C ARG B 3 4.85 -7.51 39.27
N THR B 4 4.85 -7.82 37.98
CA THR B 4 5.89 -7.37 37.07
C THR B 4 5.46 -6.10 36.35
N TYR B 5 6.34 -5.61 35.48
CA TYR B 5 6.05 -4.45 34.64
C TYR B 5 5.40 -4.98 33.37
N THR B 6 4.07 -4.92 33.31
CA THR B 6 3.34 -5.54 32.22
C THR B 6 3.42 -4.70 30.95
N LEU B 7 3.07 -5.33 29.82
CA LEU B 7 2.96 -4.60 28.57
C LEU B 7 1.89 -3.52 28.67
N THR B 8 0.80 -3.80 29.37
CA THR B 8 -0.20 -2.78 29.62
C THR B 8 0.39 -1.62 30.42
N ASP B 9 1.26 -1.93 31.39
CA ASP B 9 1.94 -0.87 32.14
C ASP B 9 2.76 0.03 31.23
N TYR B 10 3.24 -0.50 30.11
CA TYR B 10 4.03 0.25 29.15
C TYR B 10 3.15 0.94 28.10
N LEU B 11 2.15 0.22 27.57
CA LEU B 11 1.31 0.81 26.52
C LEU B 11 0.49 1.98 27.05
N LYS B 12 -0.01 1.88 28.28
CA LYS B 12 -0.79 2.96 28.88
C LYS B 12 0.03 3.88 29.76
N SER B 13 1.31 3.58 29.97
CA SER B 13 2.22 4.42 30.75
C SER B 13 1.61 4.80 32.10
N THR B 14 1.20 3.78 32.85
CA THR B 14 0.63 4.03 34.16
C THR B 14 1.66 4.58 35.13
N PHE B 15 2.93 4.21 34.95
CA PHE B 15 4.02 4.68 35.82
C PHE B 15 4.66 5.89 35.16
N ARG B 16 4.06 7.06 35.40
CA ARG B 16 4.45 8.29 34.74
C ARG B 16 5.88 8.69 35.12
N VAL B 17 6.56 9.34 34.18
CA VAL B 17 7.91 9.87 34.39
C VAL B 17 7.79 11.39 34.26
N LYS B 18 7.64 12.07 35.39
CA LYS B 18 7.45 13.51 35.39
C LYS B 18 8.74 14.22 34.97
N PHE B 19 8.59 15.44 34.43
CA PHE B 19 9.70 16.22 33.94
C PHE B 19 9.55 17.66 34.41
N TYR B 20 10.50 18.51 34.01
CA TYR B 20 10.46 19.94 34.31
C TYR B 20 10.96 20.70 33.08
N THR B 21 10.07 21.47 32.45
CA THR B 21 10.40 22.23 31.27
C THR B 21 10.52 23.72 31.61
N LEU B 22 11.58 24.36 31.11
CA LEU B 22 11.88 25.73 31.47
C LEU B 22 11.53 26.69 30.33
N GLN B 23 11.75 27.98 30.59
CA GLN B 23 11.54 29.03 29.59
C GLN B 23 12.27 30.29 30.08
N TRP B 24 13.54 30.43 29.67
CA TRP B 24 14.42 31.48 30.15
C TRP B 24 14.15 32.78 29.37
N ILE B 25 13.48 33.74 30.01
CA ILE B 25 13.22 35.04 29.37
C ILE B 25 14.36 36.03 29.62
N SER B 26 14.75 36.25 30.87
CA SER B 26 15.90 37.06 31.22
C SER B 26 17.04 36.13 31.64
N ASP B 27 18.01 36.66 32.39
CA ASP B 27 19.08 35.85 32.96
C ASP B 27 18.87 35.54 34.43
N HIS B 28 17.72 35.91 34.96
CA HIS B 28 17.37 35.56 36.34
C HIS B 28 15.91 35.20 36.49
N GLU B 29 15.16 35.09 35.40
CA GLU B 29 13.73 34.82 35.40
C GLU B 29 13.44 33.73 34.37
N TYR B 30 12.61 32.76 34.74
CA TYR B 30 12.13 31.80 33.77
C TYR B 30 10.64 31.55 34.01
N LEU B 31 10.03 30.81 33.09
CA LEU B 31 8.60 30.57 33.10
C LEU B 31 8.34 29.07 33.26
N TYR B 32 7.17 28.73 33.83
CA TYR B 32 6.79 27.35 34.07
C TYR B 32 5.29 27.18 33.80
N LYS B 33 4.76 25.99 34.06
CA LYS B 33 3.34 25.71 33.88
C LYS B 33 2.86 24.76 34.96
N GLN B 34 1.75 25.11 35.61
CA GLN B 34 1.24 24.40 36.79
C GLN B 34 -0.27 24.29 36.67
N GLU B 35 -0.76 23.09 36.33
CA GLU B 35 -2.21 22.86 36.20
C GLU B 35 -2.85 23.87 35.26
N ASN B 36 -2.17 24.11 34.12
CA ASN B 36 -2.59 25.03 33.08
C ASN B 36 -2.46 26.49 33.50
N ASN B 37 -1.41 26.80 34.28
CA ASN B 37 -1.18 28.16 34.78
C ASN B 37 0.25 28.57 34.45
N ILE B 38 0.40 29.76 33.88
CA ILE B 38 1.70 30.27 33.44
C ILE B 38 2.34 31.04 34.59
N LEU B 39 3.36 30.45 35.22
CA LEU B 39 4.04 31.04 36.36
C LEU B 39 5.43 31.53 35.99
N LEU B 40 5.79 32.70 36.50
CA LEU B 40 7.11 33.30 36.28
C LEU B 40 7.94 33.14 37.55
N PHE B 41 9.09 32.47 37.42
CA PHE B 41 9.97 32.21 38.55
C PHE B 41 11.17 33.14 38.53
N ASN B 42 11.52 33.65 39.70
CA ASN B 42 12.72 34.46 39.88
C ASN B 42 13.80 33.57 40.46
N ALA B 43 14.80 33.23 39.64
CA ALA B 43 15.79 32.24 40.03
C ALA B 43 16.63 32.70 41.22
N GLU B 44 16.93 34.01 41.29
CA GLU B 44 17.85 34.51 42.31
C GLU B 44 17.39 34.16 43.72
N TYR B 45 16.09 34.17 43.96
CA TYR B 45 15.58 33.98 45.31
C TYR B 45 14.83 32.67 45.43
N GLY B 46 13.58 32.67 44.97
CA GLY B 46 12.71 31.52 45.13
C GLY B 46 11.27 31.95 45.10
N ASN B 47 11.02 33.25 44.97
CA ASN B 47 9.67 33.75 44.81
C ASN B 47 9.18 33.48 43.38
N SER B 48 7.86 33.42 43.24
CA SER B 48 7.24 33.08 41.97
C SER B 48 5.99 33.94 41.80
N SER B 49 5.98 34.77 40.76
CA SER B 49 4.82 35.58 40.41
C SER B 49 4.11 34.95 39.21
N ILE B 50 2.78 34.99 39.24
CA ILE B 50 2.01 34.41 38.14
C ILE B 50 2.15 35.28 36.90
N PHE B 51 1.92 34.67 35.75
CA PHE B 51 1.88 35.42 34.50
C PHE B 51 0.53 35.30 33.80
N LEU B 52 -0.08 34.12 33.83
CA LEU B 52 -1.45 33.96 33.34
C LEU B 52 -2.09 32.79 34.07
N GLU B 53 -3.35 32.97 34.46
CA GLU B 53 -4.07 32.02 35.28
C GLU B 53 -4.77 30.98 34.40
N ASN B 54 -5.04 29.80 34.97
CA ASN B 54 -5.85 28.83 34.26
C ASN B 54 -7.29 29.35 34.16
N SER B 55 -8.09 28.65 33.36
CA SER B 55 -9.47 29.03 33.04
C SER B 55 -9.51 30.30 32.18
N THR B 56 -8.39 31.03 32.10
CA THR B 56 -8.28 32.07 31.09
C THR B 56 -8.41 31.49 29.69
N PHE B 57 -8.08 30.21 29.53
CA PHE B 57 -8.17 29.53 28.24
C PHE B 57 -9.63 29.29 27.87
N ASP B 58 -10.10 30.01 26.84
CA ASP B 58 -11.45 29.91 26.32
C ASP B 58 -11.48 30.63 24.98
N GLU B 59 -12.51 30.33 24.18
CA GLU B 59 -12.67 30.93 22.85
C GLU B 59 -11.38 30.81 22.03
N LEU B 60 -10.71 29.66 22.15
CA LEU B 60 -9.46 29.44 21.43
C LEU B 60 -9.59 28.21 20.53
N GLY B 61 -10.57 28.22 19.64
CA GLY B 61 -10.85 27.06 18.81
C GLY B 61 -11.27 25.86 19.62
N TYR B 62 -10.30 25.00 19.93
CA TYR B 62 -10.52 23.87 20.84
C TYR B 62 -9.79 24.05 22.16
N SER B 63 -8.47 24.20 22.11
CA SER B 63 -7.64 24.35 23.29
C SER B 63 -6.22 24.66 22.84
N THR B 64 -5.40 25.14 23.78
CA THR B 64 -4.07 25.64 23.47
C THR B 64 -3.04 24.53 23.60
N ASN B 65 -2.15 24.42 22.61
CA ASN B 65 -1.07 23.43 22.66
C ASN B 65 0.32 24.06 22.64
N ASP B 66 0.43 25.39 22.74
CA ASP B 66 1.70 26.07 22.98
C ASP B 66 1.44 27.54 23.24
N TYR B 67 2.46 28.21 23.76
CA TYR B 67 2.35 29.59 24.20
C TYR B 67 3.72 30.26 24.08
N SER B 68 3.75 31.48 23.56
CA SER B 68 5.00 32.18 23.26
C SER B 68 4.92 33.62 23.74
N VAL B 69 5.35 33.84 25.00
CA VAL B 69 5.49 35.20 25.51
C VAL B 69 6.57 35.91 24.72
N SER B 70 6.21 37.04 24.10
CA SER B 70 7.19 37.88 23.41
C SER B 70 8.26 38.29 24.40
N PRO B 71 9.51 38.48 23.95
CA PRO B 71 10.59 38.78 24.92
C PRO B 71 10.29 39.99 25.79
N ASP B 72 9.70 41.04 25.22
CA ASP B 72 9.30 42.22 25.98
C ASP B 72 8.14 41.97 26.93
N ARG B 73 7.57 40.76 26.92
CA ARG B 73 6.51 40.34 27.84
C ARG B 73 5.28 41.24 27.76
N GLN B 74 5.09 41.93 26.63
CA GLN B 74 3.89 42.75 26.46
C GLN B 74 2.73 41.92 25.93
N PHE B 75 2.96 41.15 24.87
CA PHE B 75 1.96 40.29 24.29
C PHE B 75 2.33 38.82 24.55
N ILE B 76 1.55 37.92 23.96
CA ILE B 76 1.80 36.48 24.06
C ILE B 76 1.02 35.75 22.99
N LEU B 77 1.61 34.71 22.41
CA LEU B 77 0.98 33.90 21.38
C LEU B 77 0.27 32.69 21.96
N PHE B 78 -0.86 32.33 21.35
CA PHE B 78 -1.67 31.18 21.75
C PHE B 78 -1.82 30.26 20.53
N GLU B 79 -0.94 29.27 20.42
CA GLU B 79 -1.01 28.32 19.32
C GLU B 79 -2.10 27.29 19.57
N TYR B 80 -2.99 27.14 18.60
CA TYR B 80 -4.01 26.09 18.65
C TYR B 80 -4.34 25.68 17.22
N ASN B 81 -5.19 24.66 17.09
CA ASN B 81 -5.52 24.04 15.80
C ASN B 81 -4.27 23.44 15.17
N TYR B 82 -3.63 22.54 15.91
CA TYR B 82 -2.38 21.93 15.50
C TYR B 82 -2.62 20.79 14.52
N VAL B 83 -1.86 20.81 13.41
CA VAL B 83 -1.94 19.78 12.38
C VAL B 83 -0.51 19.35 12.04
N LYS B 84 -0.11 18.17 12.50
CA LYS B 84 1.23 17.64 12.23
C LYS B 84 1.44 17.40 10.74
N GLN B 85 2.69 17.57 10.29
CA GLN B 85 3.07 17.23 8.92
C GLN B 85 4.13 16.13 8.89
N TRP B 86 5.40 16.50 9.00
CA TRP B 86 6.51 15.54 8.97
C TRP B 86 7.13 15.44 10.36
N ARG B 87 8.45 15.47 10.50
CA ARG B 87 9.11 15.31 11.79
C ARG B 87 8.90 16.54 12.67
N HIS B 88 9.08 17.74 12.11
CA HIS B 88 8.85 18.98 12.84
C HIS B 88 7.87 19.92 12.13
N SER B 89 7.35 19.55 10.96
CA SER B 89 6.49 20.45 10.21
C SER B 89 5.07 20.41 10.77
N TYR B 90 4.46 21.59 10.95
CA TYR B 90 3.08 21.64 11.42
C TYR B 90 2.47 22.99 11.06
N THR B 91 1.21 22.96 10.66
CA THR B 91 0.40 24.16 10.47
C THR B 91 -0.46 24.38 11.70
N ALA B 92 -0.86 25.64 11.92
CA ALA B 92 -1.62 25.99 13.11
C ALA B 92 -2.39 27.28 12.86
N SER B 93 -3.16 27.69 13.86
CA SER B 93 -3.85 28.97 13.90
C SER B 93 -3.48 29.67 15.20
N TYR B 94 -3.06 30.93 15.10
CA TYR B 94 -2.53 31.68 16.24
C TYR B 94 -3.36 32.93 16.49
N ASP B 95 -3.42 33.34 17.75
CA ASP B 95 -3.89 34.65 18.19
C ASP B 95 -2.81 35.32 19.03
N ILE B 96 -3.10 36.54 19.48
CA ILE B 96 -2.18 37.31 20.31
C ILE B 96 -2.95 37.92 21.47
N TYR B 97 -2.36 37.87 22.66
CA TYR B 97 -3.00 38.32 23.90
C TYR B 97 -2.17 39.44 24.52
N ASP B 98 -2.76 40.64 24.60
CA ASP B 98 -2.13 41.79 25.24
C ASP B 98 -2.34 41.65 26.75
N LEU B 99 -1.30 41.18 27.45
CA LEU B 99 -1.39 40.99 28.89
C LEU B 99 -1.67 42.31 29.62
N ASN B 100 -1.17 43.42 29.09
CA ASN B 100 -1.42 44.73 29.69
C ASN B 100 -2.89 45.11 29.52
N LYS B 101 -3.35 45.20 28.28
CA LYS B 101 -4.75 45.52 27.99
C LYS B 101 -5.69 44.42 28.48
N ARG B 102 -5.17 43.22 28.74
CA ARG B 102 -5.95 42.10 29.30
C ARG B 102 -7.08 41.67 28.36
N GLN B 103 -6.79 41.69 27.06
CA GLN B 103 -7.78 41.36 26.03
C GLN B 103 -7.10 40.54 24.94
N LEU B 104 -7.81 40.35 23.83
CA LEU B 104 -7.31 39.64 22.66
C LEU B 104 -7.41 40.55 21.44
N ILE B 105 -6.35 40.61 20.66
CA ILE B 105 -6.35 41.45 19.46
C ILE B 105 -7.25 40.80 18.41
N THR B 106 -8.26 41.53 17.96
CA THR B 106 -9.21 41.06 16.96
C THR B 106 -9.05 41.79 15.63
N GLU B 107 -8.16 42.75 15.53
CA GLU B 107 -7.91 43.49 14.30
C GLU B 107 -6.60 43.01 13.68
N GLU B 108 -6.63 42.73 12.39
CA GLU B 108 -5.50 42.16 11.65
C GLU B 108 -5.04 40.86 12.31
N ARG B 109 -5.89 39.84 12.13
CA ARG B 109 -5.67 38.54 12.75
C ARG B 109 -4.65 37.71 11.97
N ILE B 110 -4.14 36.68 12.62
CA ILE B 110 -3.13 35.77 12.07
C ILE B 110 -3.84 34.71 11.24
N PRO B 111 -3.36 34.39 10.04
CA PRO B 111 -4.09 33.45 9.18
C PRO B 111 -4.20 32.08 9.80
N ASN B 112 -5.29 31.38 9.47
CA ASN B 112 -5.35 29.95 9.71
C ASN B 112 -4.36 29.26 8.76
N ASN B 113 -3.88 28.09 9.19
CA ASN B 113 -2.94 27.29 8.42
C ASN B 113 -1.54 27.92 8.38
N THR B 114 -1.20 28.70 9.40
CA THR B 114 0.12 29.27 9.49
C THR B 114 1.17 28.17 9.58
N GLN B 115 2.18 28.24 8.72
CA GLN B 115 3.20 27.19 8.73
C GLN B 115 4.27 27.45 9.79
N TRP B 116 4.66 28.71 9.97
CA TRP B 116 5.65 29.01 11.00
C TRP B 116 5.51 30.46 11.43
N ILE B 117 5.84 30.72 12.69
CA ILE B 117 5.86 32.06 13.25
C ILE B 117 6.99 32.12 14.26
N THR B 118 7.40 33.35 14.58
CA THR B 118 8.38 33.57 15.64
C THR B 118 8.37 35.06 16.00
N TRP B 119 8.59 35.35 17.28
CA TRP B 119 8.72 36.73 17.69
C TRP B 119 10.06 37.29 17.21
N SER B 120 10.33 38.54 17.54
CA SER B 120 11.66 39.10 17.36
C SER B 120 12.51 38.86 18.60
N PRO B 121 13.84 38.83 18.45
CA PRO B 121 14.70 38.61 19.63
C PRO B 121 14.46 39.61 20.74
N VAL B 122 14.08 40.84 20.40
CA VAL B 122 13.63 41.83 21.36
C VAL B 122 12.48 42.62 20.73
N GLY B 123 11.37 42.74 21.46
CA GLY B 123 10.20 43.46 21.00
C GLY B 123 9.06 42.52 20.67
N HIS B 124 8.05 43.07 20.00
CA HIS B 124 6.92 42.29 19.52
C HIS B 124 6.87 42.21 17.99
N LYS B 125 8.01 42.45 17.32
CA LYS B 125 8.06 42.34 15.87
C LYS B 125 7.75 40.92 15.43
N LEU B 126 6.48 40.66 15.13
CA LEU B 126 6.07 39.32 14.74
C LEU B 126 6.43 39.06 13.30
N ALA B 127 6.82 37.82 13.00
CA ALA B 127 7.20 37.43 11.65
C ALA B 127 6.70 36.01 11.41
N TYR B 128 5.81 35.85 10.44
CA TYR B 128 5.19 34.56 10.17
C TYR B 128 5.32 34.21 8.70
N VAL B 129 5.04 32.94 8.40
CA VAL B 129 5.06 32.41 7.04
C VAL B 129 3.73 31.73 6.77
N TRP B 130 3.17 31.99 5.59
CA TRP B 130 1.84 31.48 5.26
C TRP B 130 1.75 31.22 3.76
N ASN B 131 1.37 30.00 3.39
CA ASN B 131 1.39 29.55 2.00
C ASN B 131 2.74 29.85 1.35
N ASN B 132 3.80 29.36 2.00
CA ASN B 132 5.17 29.45 1.51
C ASN B 132 5.68 30.88 1.41
N ASP B 133 4.96 31.85 1.99
CA ASP B 133 5.29 33.26 1.77
C ASP B 133 5.45 33.97 3.11
N ILE B 134 6.43 34.88 3.16
CA ILE B 134 6.84 35.54 4.40
C ILE B 134 6.06 36.83 4.59
N TYR B 135 5.81 37.16 5.85
CA TYR B 135 5.15 38.40 6.24
C TYR B 135 5.85 38.94 7.48
N VAL B 136 5.67 40.23 7.75
CA VAL B 136 6.20 40.85 8.96
C VAL B 136 5.11 41.72 9.57
N LYS B 137 4.60 41.32 10.73
CA LYS B 137 3.61 42.09 11.47
C LYS B 137 4.32 42.74 12.65
N ASN B 138 4.90 43.92 12.41
CA ASN B 138 5.65 44.60 13.47
C ASN B 138 4.79 44.91 14.69
N GLU B 139 3.47 44.99 14.53
CA GLU B 139 2.60 45.31 15.65
C GLU B 139 1.37 44.41 15.65
N PRO B 140 1.00 43.86 16.81
CA PRO B 140 -0.16 42.95 16.88
C PRO B 140 -1.46 43.53 16.35
N ASN B 141 -1.73 44.81 16.54
CA ASN B 141 -2.97 45.39 16.04
C ASN B 141 -2.82 45.98 14.64
N LEU B 142 -1.65 45.87 14.03
CA LEU B 142 -1.38 46.38 12.69
C LEU B 142 -1.33 45.23 11.69
N SER B 143 -1.34 45.59 10.41
CA SER B 143 -1.42 44.61 9.34
C SER B 143 -0.07 43.94 9.09
N SER B 144 -0.04 43.09 8.06
CA SER B 144 1.14 42.29 7.73
C SER B 144 1.80 42.85 6.47
N GLN B 145 3.06 43.27 6.61
CA GLN B 145 3.85 43.69 5.46
C GLN B 145 4.44 42.44 4.79
N ARG B 146 3.94 42.12 3.61
CA ARG B 146 4.37 40.93 2.90
C ARG B 146 5.79 41.10 2.38
N ILE B 147 6.60 40.04 2.48
CA ILE B 147 7.99 40.10 2.06
C ILE B 147 8.16 39.37 0.74
N THR B 148 7.88 38.07 0.71
CA THR B 148 7.97 37.30 -0.51
C THR B 148 6.59 37.12 -1.13
N TRP B 149 6.58 37.02 -2.46
CA TRP B 149 5.36 36.82 -3.21
C TRP B 149 5.50 35.63 -4.16
N THR B 150 6.56 34.84 -4.01
CA THR B 150 6.90 33.77 -4.92
C THR B 150 6.56 32.38 -4.37
N GLY B 151 5.79 32.31 -3.29
CA GLY B 151 5.49 31.02 -2.68
C GLY B 151 4.61 30.17 -3.60
N LYS B 152 4.92 28.87 -3.63
CA LYS B 152 4.15 27.92 -4.43
C LYS B 152 4.34 26.53 -3.84
N GLU B 153 3.23 25.87 -3.51
CA GLU B 153 3.27 24.56 -2.88
C GLU B 153 4.02 23.56 -3.74
N ASN B 154 4.94 22.81 -3.12
CA ASN B 154 5.79 21.81 -3.75
C ASN B 154 6.74 22.39 -4.78
N VAL B 155 6.89 23.72 -4.83
CA VAL B 155 7.77 24.36 -5.81
C VAL B 155 8.72 25.31 -5.08
N ILE B 156 8.24 26.49 -4.72
CA ILE B 156 9.04 27.52 -4.08
C ILE B 156 8.68 27.56 -2.60
N TYR B 157 9.69 27.46 -1.75
CA TYR B 157 9.54 27.51 -0.30
C TYR B 157 10.32 28.71 0.21
N ASN B 158 9.62 29.71 0.75
CA ASN B 158 10.26 30.90 1.29
C ASN B 158 10.12 30.88 2.80
N GLY B 159 11.24 30.77 3.51
CA GLY B 159 11.25 30.91 4.95
C GLY B 159 10.96 29.65 5.74
N VAL B 160 10.30 28.67 5.14
CA VAL B 160 10.21 27.34 5.74
C VAL B 160 11.06 26.40 4.91
N THR B 161 11.17 25.16 5.34
CA THR B 161 12.05 24.18 4.71
C THR B 161 11.24 23.11 3.99
N ASP B 162 11.84 22.51 2.96
CA ASP B 162 11.21 21.41 2.27
C ASP B 162 11.50 20.12 3.03
N TRP B 163 11.06 18.99 2.48
CA TRP B 163 11.13 17.74 3.23
C TRP B 163 12.57 17.39 3.58
N VAL B 164 13.47 17.50 2.61
CA VAL B 164 14.82 16.97 2.84
C VAL B 164 15.65 17.91 3.71
N TYR B 165 15.38 19.22 3.66
CA TYR B 165 16.04 20.15 4.57
C TYR B 165 15.50 19.99 5.99
N GLU B 166 14.18 19.93 6.14
CA GLU B 166 13.55 19.84 7.45
C GLU B 166 13.96 18.58 8.20
N GLU B 167 14.38 17.53 7.49
CA GLU B 167 14.70 16.27 8.13
C GLU B 167 16.21 16.07 8.30
N GLU B 168 16.96 16.10 7.20
CA GLU B 168 18.35 15.68 7.22
C GLU B 168 19.34 16.83 7.15
N VAL B 169 18.89 18.08 7.20
CA VAL B 169 19.83 19.21 7.16
C VAL B 169 19.55 20.18 8.30
N PHE B 170 18.45 20.96 8.20
CA PHE B 170 18.20 21.97 9.22
C PHE B 170 17.68 21.35 10.51
N SER B 171 16.85 20.30 10.39
CA SER B 171 16.22 19.63 11.53
C SER B 171 15.18 20.52 12.20
N ALA B 172 14.39 21.22 11.39
CA ALA B 172 13.20 21.96 11.83
C ALA B 172 12.53 22.54 10.60
N TYR B 173 11.26 22.93 10.78
CA TYR B 173 10.48 23.63 9.76
C TYR B 173 11.01 25.03 9.47
N SER B 174 11.91 25.54 10.30
CA SER B 174 12.23 26.96 10.33
C SER B 174 13.42 27.27 9.42
N ALA B 175 13.21 28.17 8.46
CA ALA B 175 14.27 28.82 7.70
C ALA B 175 14.23 30.32 7.88
N LEU B 176 13.70 30.78 9.02
CA LEU B 176 13.61 32.19 9.36
C LEU B 176 14.56 32.49 10.51
N TRP B 177 15.41 33.49 10.33
CA TRP B 177 16.36 33.90 11.36
C TRP B 177 16.34 35.42 11.46
N TRP B 178 15.80 35.94 12.55
CA TRP B 178 15.75 37.38 12.79
C TRP B 178 17.16 37.92 13.06
N SER B 179 17.25 39.08 13.69
CA SER B 179 18.53 39.62 14.09
C SER B 179 18.48 40.07 15.54
N PRO B 180 19.63 40.08 16.25
CA PRO B 180 19.65 40.41 17.69
C PRO B 180 18.76 41.56 18.10
N ASN B 181 18.88 42.70 17.43
CA ASN B 181 18.15 43.91 17.80
C ASN B 181 16.90 44.13 16.95
N GLY B 182 16.63 43.26 15.97
CA GLY B 182 15.39 43.37 15.22
C GLY B 182 15.45 44.29 14.01
N THR B 183 16.55 44.22 13.28
CA THR B 183 16.72 45.00 12.06
C THR B 183 16.69 44.15 10.80
N PHE B 184 17.24 42.95 10.85
CA PHE B 184 17.39 42.11 9.67
C PHE B 184 16.63 40.81 9.86
N LEU B 185 15.80 40.48 8.87
CA LEU B 185 15.11 39.21 8.84
C LEU B 185 15.72 38.42 7.68
N ALA B 186 16.66 37.54 8.01
CA ALA B 186 17.24 36.65 7.02
C ALA B 186 16.31 35.45 6.79
N TYR B 187 16.24 35.00 5.54
CA TYR B 187 15.37 33.89 5.16
C TYR B 187 16.06 33.05 4.09
N ALA B 188 15.38 31.99 3.66
CA ALA B 188 15.93 31.10 2.65
C ALA B 188 14.83 30.75 1.65
N GLN B 189 15.23 30.52 0.41
CA GLN B 189 14.32 30.16 -0.66
C GLN B 189 14.76 28.83 -1.24
N PHE B 190 13.87 27.85 -1.18
CA PHE B 190 14.11 26.51 -1.68
C PHE B 190 13.27 26.28 -2.94
N ASN B 191 13.81 25.49 -3.86
CA ASN B 191 13.22 25.29 -5.19
C ASN B 191 13.22 23.81 -5.51
N ASP B 192 12.18 23.09 -5.09
CA ASP B 192 12.07 21.67 -5.41
C ASP B 192 11.47 21.46 -6.80
N THR B 193 11.71 22.40 -7.72
CA THR B 193 11.05 22.35 -9.03
C THR B 193 11.36 21.04 -9.75
N GLU B 194 12.62 20.79 -10.06
CA GLU B 194 13.03 19.60 -10.77
C GLU B 194 13.31 18.42 -9.83
N VAL B 195 13.05 18.58 -8.56
CA VAL B 195 13.17 17.48 -7.60
C VAL B 195 12.10 16.43 -7.91
N PRO B 196 12.45 15.15 -8.04
CA PRO B 196 11.43 14.12 -8.30
C PRO B 196 10.42 14.05 -7.17
N LEU B 197 9.22 13.59 -7.50
CA LEU B 197 8.13 13.48 -6.54
C LEU B 197 7.80 12.01 -6.31
N ILE B 198 7.79 11.61 -5.05
CA ILE B 198 7.33 10.29 -4.62
C ILE B 198 5.81 10.37 -4.45
N GLU B 199 5.11 9.28 -4.76
CA GLU B 199 3.65 9.30 -4.78
C GLU B 199 3.10 8.05 -4.10
N TYR B 200 2.83 8.14 -2.80
CA TYR B 200 2.13 7.10 -2.07
C TYR B 200 0.67 7.48 -1.85
N SER B 201 -0.13 6.48 -1.51
CA SER B 201 -1.56 6.66 -1.32
C SER B 201 -1.92 6.90 0.15
N PHE B 202 -3.03 7.59 0.34
CA PHE B 202 -3.58 7.89 1.67
C PHE B 202 -5.07 7.60 1.61
N TYR B 203 -5.59 6.93 2.63
CA TYR B 203 -6.99 6.50 2.64
C TYR B 203 -7.84 7.22 3.68
N SER B 204 -7.23 7.84 4.69
CA SER B 204 -7.89 8.76 5.63
C SER B 204 -9.02 8.03 6.35
N ASP B 205 -10.10 8.74 6.68
CA ASP B 205 -11.24 8.18 7.38
C ASP B 205 -12.01 7.24 6.44
N GLU B 206 -13.07 6.62 6.98
CA GLU B 206 -13.96 5.84 6.12
C GLU B 206 -14.68 6.73 5.12
N SER B 207 -14.98 7.98 5.50
CA SER B 207 -15.73 8.90 4.64
C SER B 207 -14.82 9.48 3.55
N LEU B 208 -14.31 8.59 2.69
CA LEU B 208 -13.59 8.98 1.49
C LEU B 208 -13.78 7.87 0.46
N GLN B 209 -14.72 8.08 -0.47
CA GLN B 209 -14.99 7.08 -1.50
C GLN B 209 -13.74 6.75 -2.29
N TYR B 210 -12.93 7.75 -2.61
CA TYR B 210 -11.73 7.53 -3.39
C TYR B 210 -10.50 7.93 -2.60
N PRO B 211 -9.41 7.15 -2.67
CA PRO B 211 -8.21 7.46 -1.88
C PRO B 211 -7.43 8.60 -2.53
N LYS B 212 -7.01 9.55 -1.70
CA LYS B 212 -6.06 10.57 -2.12
C LYS B 212 -4.69 9.96 -2.34
N THR B 213 -3.87 10.63 -3.14
CA THR B 213 -2.49 10.23 -3.36
C THR B 213 -1.58 11.40 -3.02
N VAL B 214 -0.75 11.22 -1.99
CA VAL B 214 0.12 12.28 -1.52
C VAL B 214 1.31 12.41 -2.46
N ARG B 215 1.80 13.65 -2.60
CA ARG B 215 2.97 13.95 -3.42
C ARG B 215 3.93 14.78 -2.58
N ILE B 216 5.16 14.31 -2.45
CA ILE B 216 6.19 15.03 -1.69
C ILE B 216 7.42 15.25 -2.57
N PRO B 217 7.91 16.48 -2.70
CA PRO B 217 9.21 16.67 -3.36
C PRO B 217 10.34 15.99 -2.60
N TYR B 218 10.57 14.71 -2.90
CA TYR B 218 11.53 13.90 -2.18
C TYR B 218 12.73 13.61 -3.08
N PRO B 219 13.93 14.03 -2.72
CA PRO B 219 15.09 13.71 -3.55
C PRO B 219 15.79 12.44 -3.09
N LYS B 220 15.76 11.38 -3.89
CA LYS B 220 16.46 10.17 -3.52
C LYS B 220 17.93 10.26 -3.94
N ALA B 221 18.68 9.19 -3.69
CA ALA B 221 20.12 9.20 -3.93
C ALA B 221 20.42 9.30 -5.42
N GLY B 222 21.21 10.31 -5.80
CA GLY B 222 21.58 10.54 -7.17
C GLY B 222 20.61 11.38 -7.98
N ALA B 223 19.52 11.84 -7.36
CA ALA B 223 18.51 12.62 -8.06
C ALA B 223 18.81 14.11 -7.90
N GLU B 224 17.93 14.94 -8.46
CA GLU B 224 18.12 16.39 -8.40
C GLU B 224 17.65 16.94 -7.05
N ASN B 225 18.45 17.82 -6.49
CA ASN B 225 18.24 18.36 -5.15
C ASN B 225 17.68 19.77 -5.22
N PRO B 226 17.08 20.25 -4.14
CA PRO B 226 16.57 21.63 -4.12
C PRO B 226 17.69 22.66 -4.11
N THR B 227 17.42 23.81 -4.70
CA THR B 227 18.39 24.90 -4.77
C THR B 227 18.05 25.96 -3.73
N VAL B 228 19.07 26.37 -2.97
CA VAL B 228 18.90 27.34 -1.89
C VAL B 228 19.45 28.68 -2.33
N LYS B 229 18.85 29.74 -1.80
CA LYS B 229 19.39 31.10 -1.90
C LYS B 229 19.19 31.78 -0.56
N PHE B 230 20.23 32.39 -0.02
CA PHE B 230 20.18 33.00 1.30
C PHE B 230 20.05 34.51 1.18
N PHE B 231 18.95 35.06 1.70
CA PHE B 231 18.67 36.48 1.66
C PHE B 231 18.69 37.06 3.08
N VAL B 232 18.79 38.39 3.14
CA VAL B 232 18.74 39.14 4.41
C VAL B 232 17.95 40.42 4.15
N VAL B 233 16.85 40.60 4.89
CA VAL B 233 15.93 41.71 4.64
C VAL B 233 16.15 42.78 5.69
N ASP B 234 16.40 44.02 5.24
CA ASP B 234 16.38 45.18 6.12
C ASP B 234 14.95 45.52 6.49
N THR B 235 14.47 45.02 7.62
CA THR B 235 13.09 45.26 8.05
C THR B 235 12.88 46.68 8.54
N ARG B 236 13.81 47.58 8.22
CA ARG B 236 13.71 49.00 8.53
C ARG B 236 12.99 49.76 7.42
N THR B 237 13.24 49.37 6.17
CA THR B 237 12.60 50.00 5.01
C THR B 237 11.37 49.18 4.60
N LEU B 238 10.41 49.11 5.53
CA LEU B 238 9.25 48.25 5.37
C LEU B 238 7.98 49.07 5.55
N SER B 239 7.58 49.76 4.50
CA SER B 239 6.32 50.49 4.43
C SER B 239 5.46 49.94 3.31
N PRO B 240 4.15 50.19 3.34
CA PRO B 240 3.27 49.64 2.29
C PRO B 240 3.62 50.13 0.90
N ASN B 241 3.96 51.41 0.77
CA ASN B 241 4.27 52.02 -0.51
C ASN B 241 5.76 51.98 -0.85
N ALA B 242 6.53 51.08 -0.22
CA ALA B 242 7.95 50.94 -0.47
C ALA B 242 8.32 49.51 -0.80
N SER B 243 9.36 49.36 -1.61
CA SER B 243 9.87 48.03 -1.93
C SER B 243 10.55 47.42 -0.72
N VAL B 244 10.74 46.10 -0.78
CA VAL B 244 11.42 45.36 0.27
C VAL B 244 12.90 45.27 -0.09
N THR B 245 13.77 45.74 0.80
CA THR B 245 15.21 45.65 0.59
C THR B 245 15.75 44.33 1.09
N SER B 246 16.63 43.72 0.29
CA SER B 246 17.22 42.43 0.62
C SER B 246 18.47 42.23 -0.22
N TYR B 247 19.39 41.42 0.30
CA TYR B 247 20.65 41.13 -0.36
C TYR B 247 20.87 39.62 -0.31
N GLN B 248 21.20 39.02 -1.45
CA GLN B 248 21.48 37.59 -1.51
C GLN B 248 22.98 37.39 -1.29
N ILE B 249 23.33 36.76 -0.17
CA ILE B 249 24.68 36.27 0.05
C ILE B 249 24.77 34.88 -0.57
N VAL B 250 25.44 34.80 -1.72
CA VAL B 250 25.68 33.51 -2.35
C VAL B 250 26.84 32.84 -1.62
N PRO B 251 26.85 31.52 -1.53
CA PRO B 251 27.95 30.82 -0.86
C PRO B 251 29.29 31.14 -1.49
N PRO B 252 30.39 30.99 -0.74
CA PRO B 252 31.72 31.14 -1.35
C PRO B 252 31.91 30.29 -2.60
N ALA B 253 32.86 30.67 -3.45
CA ALA B 253 33.03 29.98 -4.71
C ALA B 253 33.63 28.58 -4.56
N SER B 254 34.12 28.23 -3.37
CA SER B 254 34.65 26.89 -3.11
C SER B 254 33.56 25.85 -2.88
N VAL B 255 32.29 26.24 -3.04
CA VAL B 255 31.14 25.38 -2.72
C VAL B 255 30.05 25.64 -3.76
N LEU B 256 30.03 26.85 -4.31
CA LEU B 256 29.11 27.20 -5.37
C LEU B 256 29.53 26.59 -6.72
N ILE B 257 30.74 26.05 -6.80
CA ILE B 257 31.24 25.40 -8.02
C ILE B 257 30.27 24.33 -8.51
N GLY B 258 29.65 23.58 -7.59
CA GLY B 258 28.74 22.52 -7.97
C GLY B 258 27.45 22.60 -7.18
N ASP B 259 26.97 21.44 -6.73
CA ASP B 259 25.80 21.38 -5.87
C ASP B 259 26.20 21.61 -4.43
N HIS B 260 25.28 22.15 -3.63
CA HIS B 260 25.60 22.51 -2.26
C HIS B 260 24.35 22.49 -1.39
N TYR B 261 24.60 22.57 -0.08
CA TYR B 261 23.55 22.66 0.94
C TYR B 261 23.88 23.84 1.85
N LEU B 262 22.87 24.37 2.51
CA LEU B 262 23.06 25.39 3.54
C LEU B 262 22.81 24.74 4.91
N CYS B 263 23.80 24.81 5.78
CA CYS B 263 23.77 24.10 7.07
C CYS B 263 23.11 24.92 8.17
N GLY B 264 23.65 26.09 8.47
CA GLY B 264 23.12 26.86 9.58
C GLY B 264 23.40 28.33 9.41
N VAL B 265 22.65 29.13 10.16
CA VAL B 265 22.68 30.58 10.05
C VAL B 265 22.83 31.13 11.47
N THR B 266 24.03 31.55 11.83
CA THR B 266 24.33 32.05 13.17
C THR B 266 24.54 33.55 13.13
N TRP B 267 23.89 34.26 14.06
CA TRP B 267 23.93 35.72 14.09
C TRP B 267 24.91 36.15 15.17
N VAL B 268 26.03 36.74 14.76
CA VAL B 268 27.08 37.19 15.67
C VAL B 268 26.69 38.53 16.27
N THR B 269 26.93 39.59 15.52
CA THR B 269 26.52 40.95 15.85
C THR B 269 25.37 41.35 14.94
N GLU B 270 24.83 42.55 15.17
CA GLU B 270 23.79 43.05 14.29
C GLU B 270 24.35 43.41 12.92
N GLU B 271 25.67 43.59 12.81
CA GLU B 271 26.33 43.85 11.55
C GLU B 271 27.22 42.68 11.11
N ARG B 272 26.93 41.48 11.60
CA ARG B 272 27.78 40.31 11.31
C ARG B 272 26.91 39.07 11.32
N ILE B 273 26.65 38.50 10.15
CA ILE B 273 25.97 37.23 10.03
C ILE B 273 26.97 36.16 9.65
N SER B 274 26.75 34.95 10.14
CA SER B 274 27.69 33.84 9.98
C SER B 274 26.97 32.64 9.36
N LEU B 275 27.39 32.26 8.15
CA LEU B 275 26.74 31.24 7.35
C LEU B 275 27.63 30.00 7.27
N GLN B 276 27.00 28.83 7.14
CA GLN B 276 27.72 27.57 7.04
C GLN B 276 27.23 26.82 5.80
N TRP B 277 28.10 26.71 4.81
CA TRP B 277 27.77 26.08 3.54
C TRP B 277 28.59 24.82 3.37
N ILE B 278 27.95 23.73 2.95
CA ILE B 278 28.60 22.44 2.77
C ILE B 278 28.35 21.95 1.34
N ARG B 279 29.22 21.04 0.90
CA ARG B 279 29.16 20.47 -0.43
C ARG B 279 28.23 19.25 -0.45
N ARG B 280 27.87 18.83 -1.67
CA ARG B 280 26.97 17.68 -1.82
C ARG B 280 27.59 16.40 -1.27
N ALA B 281 28.92 16.30 -1.33
CA ALA B 281 29.59 15.13 -0.79
C ALA B 281 29.67 15.17 0.73
N GLN B 282 29.49 16.34 1.34
CA GLN B 282 29.59 16.50 2.79
C GLN B 282 30.94 16.02 3.33
N ASN B 283 32.00 16.28 2.56
CA ASN B 283 33.37 16.22 3.06
C ASN B 283 34.12 17.50 2.74
N TYR B 284 33.39 18.61 2.53
CA TYR B 284 33.95 19.94 2.29
C TYR B 284 32.95 20.97 2.80
N SER B 285 33.25 21.57 3.96
CA SER B 285 32.40 22.59 4.55
C SER B 285 33.18 23.89 4.70
N ILE B 286 32.47 25.01 4.62
CA ILE B 286 33.07 26.33 4.71
C ILE B 286 32.13 27.24 5.48
N ILE B 287 32.69 28.12 6.31
CA ILE B 287 31.92 29.12 7.04
C ILE B 287 32.26 30.49 6.50
N ASP B 288 31.23 31.20 6.02
CA ASP B 288 31.37 32.55 5.50
C ASP B 288 30.75 33.52 6.49
N ILE B 289 31.57 34.40 7.05
CA ILE B 289 31.11 35.44 7.96
C ILE B 289 31.09 36.76 7.21
N CYS B 290 29.91 37.40 7.15
CA CYS B 290 29.67 38.54 6.28
C CYS B 290 29.29 39.75 7.12
N ASP B 291 30.06 40.83 6.97
CA ASP B 291 29.83 42.07 7.70
C ASP B 291 29.07 43.07 6.82
N TYR B 292 28.13 43.77 7.45
CA TYR B 292 27.30 44.75 6.76
C TYR B 292 28.14 45.96 6.34
N ASP B 293 27.51 46.85 5.56
CA ASP B 293 28.17 48.03 5.01
C ASP B 293 27.08 49.07 4.73
N GLU B 294 26.90 49.99 5.68
CA GLU B 294 25.82 50.98 5.55
C GLU B 294 25.93 51.79 4.27
N SER B 295 27.15 51.99 3.77
CA SER B 295 27.33 52.77 2.55
C SER B 295 26.68 52.07 1.36
N THR B 296 26.96 50.78 1.17
CA THR B 296 26.41 50.04 0.04
C THR B 296 25.09 49.35 0.38
N GLY B 297 24.85 49.02 1.64
CA GLY B 297 23.72 48.20 1.98
C GLY B 297 23.90 46.76 1.56
N ARG B 298 25.13 46.26 1.64
CA ARG B 298 25.49 44.92 1.18
C ARG B 298 26.14 44.13 2.29
N TRP B 299 25.87 42.83 2.33
CA TRP B 299 26.51 41.93 3.28
C TRP B 299 27.74 41.33 2.62
N ILE B 300 28.84 42.08 2.71
CA ILE B 300 30.08 41.71 2.02
C ILE B 300 30.89 40.76 2.88
N SER B 301 31.62 39.87 2.21
CA SER B 301 32.50 38.90 2.86
C SER B 301 33.89 39.00 2.27
N SER B 302 34.87 38.49 3.00
CA SER B 302 36.25 38.49 2.55
C SER B 302 36.88 37.13 2.86
N VAL B 303 38.01 36.87 2.19
CA VAL B 303 38.74 35.62 2.38
C VAL B 303 39.32 35.49 3.79
N ALA B 304 39.33 36.57 4.57
CA ALA B 304 39.81 36.48 5.95
C ALA B 304 38.77 35.83 6.86
N ARG B 305 37.49 35.96 6.54
CA ARG B 305 36.40 35.43 7.35
C ARG B 305 35.84 34.12 6.79
N GLN B 306 36.69 33.31 6.15
CA GLN B 306 36.28 32.04 5.58
C GLN B 306 37.06 30.92 6.26
N HIS B 307 36.34 29.90 6.72
CA HIS B 307 36.91 28.78 7.47
C HIS B 307 36.46 27.47 6.85
N ILE B 308 37.43 26.65 6.45
CA ILE B 308 37.14 25.35 5.84
C ILE B 308 37.25 24.26 6.89
N GLU B 309 36.44 23.21 6.72
CA GLU B 309 36.46 22.05 7.60
C GLU B 309 36.12 20.82 6.78
N ILE B 310 37.09 19.94 6.57
CA ILE B 310 36.88 18.74 5.76
C ILE B 310 37.22 17.50 6.57
N SER B 311 37.09 16.32 5.95
CA SER B 311 37.43 15.07 6.62
C SER B 311 37.82 14.04 5.57
N THR B 312 39.10 13.68 5.53
CA THR B 312 39.53 12.59 4.67
C THR B 312 39.08 11.24 5.20
N THR B 313 38.90 11.11 6.51
CA THR B 313 38.53 9.83 7.10
C THR B 313 37.10 9.46 6.76
N GLY B 314 36.25 10.44 6.48
CA GLY B 314 34.86 10.17 6.11
C GLY B 314 34.10 11.40 5.67
N TRP B 315 33.19 11.85 6.52
CA TRP B 315 32.34 13.01 6.27
C TRP B 315 32.60 14.05 7.36
N VAL B 316 31.90 15.18 7.26
CA VAL B 316 32.14 16.33 8.12
C VAL B 316 31.18 16.32 9.28
N GLY B 317 31.72 16.22 10.49
CA GLY B 317 30.92 16.26 11.70
C GLY B 317 30.29 14.92 12.06
N ARG B 318 29.15 14.98 12.74
CA ARG B 318 28.39 13.77 13.05
C ARG B 318 27.29 13.53 12.02
N PHE B 319 26.47 14.54 11.77
CA PHE B 319 25.45 14.45 10.74
C PHE B 319 25.56 15.68 9.85
N ARG B 320 24.87 16.75 10.21
CA ARG B 320 25.28 18.05 9.70
C ARG B 320 26.51 18.52 10.46
N PRO B 321 27.35 19.35 9.85
CA PRO B 321 28.59 19.77 10.53
C PRO B 321 28.34 20.55 11.81
N ALA B 322 29.42 20.85 12.53
CA ALA B 322 29.31 21.46 13.85
C ALA B 322 29.08 22.96 13.75
N GLU B 323 28.28 23.47 14.69
CA GLU B 323 27.80 24.85 14.72
C GLU B 323 28.87 25.76 15.30
N PRO B 324 29.04 26.98 14.75
CA PRO B 324 30.03 27.91 15.32
C PRO B 324 29.47 28.72 16.48
N HIS B 325 30.25 28.82 17.55
CA HIS B 325 29.85 29.56 18.76
C HIS B 325 30.65 30.85 18.84
N PHE B 326 29.98 31.97 18.54
CA PHE B 326 30.64 33.26 18.45
C PHE B 326 30.57 33.99 19.78
N THR B 327 31.65 34.73 20.09
CA THR B 327 31.71 35.54 21.30
C THR B 327 30.79 36.75 21.15
N SER B 328 30.91 37.70 22.07
CA SER B 328 30.20 38.96 21.94
C SER B 328 31.01 39.98 21.15
N ASP B 329 32.32 40.00 21.35
CA ASP B 329 33.19 40.83 20.54
C ASP B 329 33.18 40.40 19.07
N GLY B 330 32.79 39.15 18.79
CA GLY B 330 32.64 38.68 17.43
C GLY B 330 33.93 38.41 16.67
N ASN B 331 35.09 38.61 17.29
CA ASN B 331 36.37 38.48 16.62
C ASN B 331 36.99 37.09 16.80
N SER B 332 36.33 36.19 17.51
CA SER B 332 36.82 34.83 17.71
C SER B 332 35.64 33.95 18.07
N PHE B 333 35.58 32.77 17.46
CA PHE B 333 34.53 31.82 17.76
C PHE B 333 35.13 30.48 18.16
N TYR B 334 34.25 29.61 18.67
CA TYR B 334 34.62 28.29 19.17
C TYR B 334 33.79 27.24 18.47
N LYS B 335 34.42 26.17 18.03
CA LYS B 335 33.73 25.14 17.26
C LYS B 335 34.30 23.77 17.61
N ILE B 336 33.46 22.74 17.48
CA ILE B 336 33.85 21.36 17.70
C ILE B 336 34.27 20.77 16.36
N ILE B 337 35.58 20.81 16.07
CA ILE B 337 36.13 20.10 14.92
C ILE B 337 36.93 18.91 15.44
N SER B 338 37.36 18.06 14.51
CA SER B 338 37.96 16.77 14.85
C SER B 338 39.47 16.86 14.95
N ASN B 339 40.03 16.21 15.98
CA ASN B 339 41.47 16.14 16.18
C ASN B 339 42.14 15.42 15.01
N GLU B 340 43.46 15.59 14.90
CA GLU B 340 44.22 14.79 13.97
C GLU B 340 44.10 13.30 14.31
N GLU B 341 43.94 12.99 15.60
CA GLU B 341 43.69 11.62 16.03
C GLU B 341 42.25 11.19 15.76
N GLY B 342 41.39 12.12 15.33
CA GLY B 342 40.00 11.79 15.05
C GLY B 342 39.12 11.86 16.29
N TYR B 343 39.28 12.91 17.09
CA TYR B 343 38.54 13.05 18.35
C TYR B 343 38.03 14.49 18.43
N LYS B 344 36.73 14.66 18.26
CA LYS B 344 36.16 16.01 18.21
C LYS B 344 36.20 16.68 19.58
N HIS B 345 36.79 17.88 19.62
CA HIS B 345 36.83 18.73 20.82
C HIS B 345 36.66 20.17 20.38
N ILE B 346 36.56 21.06 21.38
CA ILE B 346 36.35 22.48 21.12
C ILE B 346 37.64 23.12 20.63
N CYS B 347 37.57 23.79 19.48
CA CYS B 347 38.72 24.45 18.87
C CYS B 347 38.46 25.94 18.79
N HIS B 348 39.38 26.73 19.32
CA HIS B 348 39.24 28.18 19.33
C HIS B 348 39.70 28.75 18.00
N PHE B 349 38.78 29.36 17.27
CA PHE B 349 39.04 29.91 15.95
C PHE B 349 39.00 31.44 16.04
N GLN B 350 39.94 32.08 15.36
CA GLN B 350 39.89 33.53 15.22
C GLN B 350 39.16 33.89 13.95
N THR B 351 38.32 34.92 14.02
CA THR B 351 37.41 35.24 12.92
C THR B 351 38.18 35.62 11.66
N ASP B 352 39.38 36.19 11.79
CA ASP B 352 40.20 36.53 10.63
C ASP B 352 41.48 35.72 10.55
N LYS B 353 41.61 34.64 11.32
CA LYS B 353 42.82 33.82 11.31
C LYS B 353 42.47 32.38 10.99
N SER B 354 43.17 31.81 10.00
CA SER B 354 42.80 30.50 9.47
C SER B 354 43.10 29.37 10.43
N ASN B 355 44.17 29.47 11.21
CA ASN B 355 44.52 28.38 12.11
C ASN B 355 43.62 28.37 13.34
N CYS B 356 43.88 27.39 14.21
CA CYS B 356 43.00 27.07 15.32
C CYS B 356 43.85 26.74 16.53
N THR B 357 43.19 26.59 17.68
CA THR B 357 43.86 26.21 18.92
C THR B 357 42.89 25.47 19.80
N PHE B 358 43.20 24.22 20.12
CA PHE B 358 42.27 23.36 20.84
C PHE B 358 42.31 23.65 22.34
N ILE B 359 41.15 24.00 22.89
CA ILE B 359 41.02 24.23 24.33
C ILE B 359 40.77 22.94 25.11
N THR B 360 40.26 21.89 24.45
CA THR B 360 40.11 20.58 25.06
C THR B 360 40.62 19.52 24.09
N LYS B 361 41.03 18.39 24.64
CA LYS B 361 41.50 17.24 23.88
C LYS B 361 41.63 16.06 24.82
N GLY B 362 41.58 14.86 24.25
CA GLY B 362 41.70 13.66 25.05
C GLY B 362 41.31 12.45 24.22
N ALA B 363 40.96 11.37 24.93
CA ALA B 363 40.48 10.14 24.33
C ALA B 363 38.96 10.02 24.42
N TRP B 364 38.27 11.16 24.45
CA TRP B 364 36.82 11.20 24.56
C TRP B 364 36.32 12.09 23.42
N GLU B 365 35.13 12.67 23.59
CA GLU B 365 34.56 13.53 22.56
C GLU B 365 33.60 14.52 23.21
N VAL B 366 33.71 15.78 22.81
CA VAL B 366 32.79 16.82 23.28
C VAL B 366 31.48 16.67 22.54
N ILE B 367 30.38 16.53 23.29
CA ILE B 367 29.09 16.30 22.67
C ILE B 367 28.52 17.58 22.07
N GLY B 368 28.70 18.71 22.76
CA GLY B 368 28.23 19.99 22.27
C GLY B 368 28.48 21.14 23.21
N ILE B 369 28.78 22.32 22.66
CA ILE B 369 28.93 23.53 23.46
C ILE B 369 27.56 24.03 23.88
N GLU B 370 27.45 24.48 25.13
CA GLU B 370 26.17 24.89 25.68
C GLU B 370 26.09 26.36 26.06
N ALA B 371 27.20 26.99 26.45
CA ALA B 371 27.13 28.38 26.87
C ALA B 371 28.53 28.99 26.88
N LEU B 372 28.60 30.29 26.56
CA LEU B 372 29.85 31.03 26.48
C LEU B 372 29.69 32.36 27.17
N THR B 373 30.54 32.61 28.17
CA THR B 373 30.54 33.83 28.95
C THR B 373 31.92 34.48 28.82
N SER B 374 31.96 35.80 29.03
CA SER B 374 33.21 36.54 28.97
C SER B 374 34.33 35.91 29.78
N ASP B 375 33.99 35.01 30.71
CA ASP B 375 34.99 34.38 31.57
C ASP B 375 35.18 32.90 31.26
N TYR B 376 34.09 32.15 31.22
CA TYR B 376 34.16 30.72 31.11
C TYR B 376 33.69 30.25 29.74
N LEU B 377 33.50 28.94 29.64
CA LEU B 377 32.90 28.28 28.48
C LEU B 377 32.37 26.95 28.96
N TYR B 378 31.07 26.72 28.76
CA TYR B 378 30.43 25.51 29.25
C TYR B 378 30.14 24.56 28.11
N TYR B 379 30.40 23.28 28.34
CA TYR B 379 30.21 22.24 27.35
C TYR B 379 29.89 20.95 28.08
N ILE B 380 29.27 20.01 27.35
CA ILE B 380 28.92 18.71 27.89
C ILE B 380 29.76 17.66 27.17
N SER B 381 30.14 16.62 27.93
CA SER B 381 31.14 15.67 27.43
C SER B 381 30.94 14.30 28.09
N ASN B 382 31.57 13.29 27.48
CA ASN B 382 31.58 11.94 28.02
C ASN B 382 32.90 11.61 28.71
N GLU B 383 33.63 12.62 29.18
CA GLU B 383 34.90 12.35 29.84
C GLU B 383 34.71 11.71 31.20
N HIS B 384 33.60 12.01 31.87
CA HIS B 384 33.32 11.47 33.19
C HIS B 384 33.43 9.95 33.21
N LYS B 385 34.28 9.43 34.09
CA LYS B 385 34.45 7.99 34.29
C LYS B 385 34.83 7.25 33.02
N GLY B 386 35.23 8.00 31.98
CA GLY B 386 35.65 7.37 30.74
C GLY B 386 34.58 6.53 30.07
N MET B 387 33.30 6.86 30.26
CA MET B 387 32.24 6.13 29.59
C MET B 387 31.71 6.96 28.43
N PRO B 388 31.86 6.52 27.19
CA PRO B 388 31.24 7.25 26.08
C PRO B 388 29.73 7.34 26.18
N GLY B 389 29.09 6.41 26.88
CA GLY B 389 27.67 6.43 27.11
C GLY B 389 27.19 7.38 28.18
N GLY B 390 28.08 8.24 28.70
CA GLY B 390 27.74 9.21 29.71
C GLY B 390 27.80 10.64 29.16
N ARG B 391 27.23 11.55 29.94
CA ARG B 391 27.08 12.95 29.52
C ARG B 391 27.11 13.84 30.75
N ASN B 392 28.09 14.74 30.84
CA ASN B 392 28.18 15.62 32.00
C ASN B 392 28.70 17.00 31.62
N LEU B 393 28.27 17.99 32.39
CA LEU B 393 28.52 19.40 32.10
C LEU B 393 29.85 19.86 32.71
N TYR B 394 30.64 20.57 31.90
CA TYR B 394 31.97 21.03 32.29
C TYR B 394 32.01 22.56 32.22
N ARG B 395 33.21 23.13 32.42
CA ARG B 395 33.37 24.59 32.43
C ARG B 395 34.87 24.87 32.28
N ILE B 396 35.29 25.15 31.05
CA ILE B 396 36.67 25.52 30.78
C ILE B 396 36.81 27.02 30.92
N GLN B 397 38.03 27.47 31.22
CA GLN B 397 38.34 28.88 31.41
C GLN B 397 39.18 29.37 30.24
N LEU B 398 38.79 30.52 29.67
CA LEU B 398 39.51 31.06 28.52
C LEU B 398 40.95 31.42 28.89
N ASN B 399 41.16 31.97 30.09
CA ASN B 399 42.51 32.36 30.49
C ASN B 399 43.39 31.13 30.76
N ASP B 400 42.81 30.03 31.23
CA ASP B 400 43.57 28.82 31.52
C ASP B 400 42.83 27.62 30.94
N TYR B 401 43.39 27.02 29.88
CA TYR B 401 42.82 25.81 29.30
C TYR B 401 43.11 24.56 30.13
N THR B 402 43.58 24.76 31.36
CA THR B 402 43.77 23.68 32.32
C THR B 402 42.97 23.91 33.59
N LYS B 403 41.98 24.81 33.54
CA LYS B 403 41.13 25.09 34.69
C LYS B 403 39.69 24.75 34.37
N VAL B 404 39.42 23.49 34.05
CA VAL B 404 38.08 23.01 33.70
C VAL B 404 37.50 22.27 34.89
N THR B 405 36.20 22.48 35.14
CA THR B 405 35.55 21.93 36.32
C THR B 405 34.19 21.34 35.94
N CYS B 406 33.91 20.16 36.48
CA CYS B 406 32.69 19.41 36.15
C CYS B 406 31.58 19.80 37.12
N LEU B 407 30.65 20.62 36.64
CA LEU B 407 29.57 21.14 37.47
C LEU B 407 28.43 20.14 37.68
N SER B 408 28.56 18.91 37.20
CA SER B 408 27.51 17.90 37.37
C SER B 408 28.03 16.51 37.63
N CYS B 409 29.35 16.26 37.48
CA CYS B 409 29.87 14.90 37.53
C CYS B 409 29.44 14.17 38.80
N GLU B 410 29.75 14.74 39.95
CA GLU B 410 29.65 14.03 41.22
C GLU B 410 28.60 14.64 42.14
N LEU B 411 27.47 15.07 41.59
CA LEU B 411 26.32 15.43 42.41
C LEU B 411 25.67 14.18 42.99
N ASN B 412 25.23 13.28 42.11
CA ASN B 412 24.78 11.94 42.50
C ASN B 412 25.32 10.97 41.47
N PRO B 413 26.62 10.65 41.54
CA PRO B 413 27.24 9.84 40.49
C PRO B 413 26.68 8.42 40.35
N GLU B 414 25.73 8.01 41.20
CA GLU B 414 25.01 6.76 41.03
C GLU B 414 23.69 6.99 40.32
N ARG B 415 22.97 8.04 40.69
CA ARG B 415 21.65 8.30 40.11
C ARG B 415 21.76 9.11 38.84
N CYS B 416 22.86 9.83 38.65
CA CYS B 416 22.97 10.83 37.59
C CYS B 416 24.28 10.63 36.84
N GLN B 417 24.19 9.98 35.69
CA GLN B 417 25.30 9.88 34.75
C GLN B 417 24.98 10.51 33.40
N TYR B 418 23.73 10.88 33.17
CA TYR B 418 23.29 11.55 31.96
C TYR B 418 22.77 12.92 32.36
N TYR B 419 23.40 13.97 31.83
CA TYR B 419 23.07 15.32 32.25
C TYR B 419 22.89 16.22 31.04
N SER B 420 21.81 17.01 31.05
CA SER B 420 21.53 18.05 30.07
C SER B 420 21.54 19.41 30.79
N ALA B 421 21.40 20.50 30.03
CA ALA B 421 21.61 21.82 30.59
C ALA B 421 20.61 22.82 30.02
N SER B 422 20.62 24.02 30.63
CA SER B 422 19.84 25.16 30.17
C SER B 422 20.35 26.43 30.86
N PHE B 423 21.50 26.92 30.42
CA PHE B 423 22.10 28.10 31.05
C PHE B 423 21.21 29.31 30.83
N SER B 424 21.31 30.27 31.75
CA SER B 424 20.49 31.46 31.69
C SER B 424 20.93 32.35 30.52
N ASN B 425 20.20 33.45 30.32
CA ASN B 425 20.50 34.37 29.23
C ASN B 425 21.94 34.84 29.29
N LYS B 426 22.38 35.29 30.46
CA LYS B 426 23.76 35.70 30.67
C LYS B 426 24.54 34.66 31.48
N ALA B 427 24.17 33.39 31.33
CA ALA B 427 24.84 32.25 31.98
C ALA B 427 24.93 32.44 33.49
N LYS B 428 23.90 33.04 34.08
CA LYS B 428 23.89 33.25 35.52
C LYS B 428 23.35 32.04 36.26
N TYR B 429 22.40 31.32 35.66
CA TYR B 429 21.76 30.18 36.31
C TYR B 429 21.51 29.10 35.27
N TYR B 430 21.88 27.87 35.58
CA TYR B 430 21.69 26.75 34.67
C TYR B 430 20.83 25.68 35.34
N GLN B 431 20.02 25.00 34.51
CA GLN B 431 19.15 23.93 34.94
C GLN B 431 19.67 22.62 34.38
N LEU B 432 19.98 21.67 35.27
CA LEU B 432 20.54 20.38 34.88
C LEU B 432 19.43 19.33 34.80
N ARG B 433 19.60 18.39 33.88
CA ARG B 433 18.59 17.36 33.60
C ARG B 433 19.23 15.97 33.78
N CYS B 434 18.93 15.33 34.90
CA CYS B 434 19.39 13.98 35.19
C CYS B 434 18.48 13.00 34.45
N PHE B 435 18.98 12.44 33.34
CA PHE B 435 18.17 11.55 32.53
C PHE B 435 18.29 10.09 32.96
N GLY B 436 19.42 9.71 33.54
CA GLY B 436 19.64 8.38 34.04
C GLY B 436 20.99 8.27 34.72
N PRO B 437 21.31 7.07 35.23
CA PRO B 437 20.52 5.84 35.15
C PRO B 437 19.45 5.72 36.24
N GLY B 438 19.37 6.72 37.12
CA GLY B 438 18.34 6.75 38.14
C GLY B 438 17.07 7.39 37.64
N LEU B 439 16.07 7.46 38.52
CA LEU B 439 14.83 8.13 38.20
C LEU B 439 15.12 9.59 37.87
N PRO B 440 14.60 10.12 36.77
CA PRO B 440 15.03 11.46 36.30
C PRO B 440 14.90 12.53 37.37
N LEU B 441 15.96 13.33 37.50
CA LEU B 441 16.07 14.38 38.50
C LEU B 441 16.30 15.72 37.81
N TYR B 442 15.49 16.71 38.15
CA TYR B 442 15.55 18.02 37.50
C TYR B 442 15.94 19.06 38.54
N THR B 443 17.18 19.55 38.43
CA THR B 443 17.83 20.36 39.45
C THR B 443 18.12 21.75 38.91
N LEU B 444 17.84 22.77 39.71
CA LEU B 444 18.18 24.15 39.38
C LEU B 444 19.51 24.51 40.02
N HIS B 445 20.30 25.34 39.32
CA HIS B 445 21.66 25.62 39.74
C HIS B 445 21.99 27.09 39.53
N SER B 446 23.05 27.53 40.20
CA SER B 446 23.60 28.87 40.07
C SER B 446 25.04 28.76 39.61
N SER B 447 25.39 29.53 38.57
CA SER B 447 26.75 29.45 38.03
C SER B 447 27.79 29.96 39.02
N SER B 448 27.38 30.84 39.93
CA SER B 448 28.32 31.53 40.82
C SER B 448 28.64 30.72 42.08
N SER B 449 27.64 30.50 42.93
CA SER B 449 27.85 29.80 44.18
C SER B 449 27.88 28.28 44.03
N ASP B 450 27.45 27.75 42.87
CA ASP B 450 27.38 26.31 42.62
C ASP B 450 26.55 25.61 43.68
N LYS B 451 25.30 26.05 43.78
CA LYS B 451 24.31 25.53 44.72
C LYS B 451 23.28 24.69 43.96
N GLU B 452 22.53 23.87 44.69
CA GLU B 452 21.42 23.13 44.11
C GLU B 452 20.08 23.87 44.28
N LEU B 453 20.12 25.07 44.87
CA LEU B 453 18.99 25.99 45.02
C LEU B 453 17.66 25.28 45.27
N ARG B 454 16.82 25.22 44.25
CA ARG B 454 15.48 24.63 44.33
C ARG B 454 15.37 23.51 43.30
N VAL B 455 15.63 22.27 43.73
CA VAL B 455 15.43 21.12 42.86
C VAL B 455 13.93 20.91 42.65
N LEU B 456 13.50 20.88 41.38
CA LEU B 456 12.09 20.78 41.07
C LEU B 456 11.58 19.35 41.16
N GLU B 457 11.87 18.55 40.13
CA GLU B 457 11.37 17.19 40.06
C GLU B 457 12.36 16.21 40.68
N ASP B 458 11.80 15.17 41.31
CA ASP B 458 12.56 14.00 41.69
C ASP B 458 11.85 12.70 41.30
N ASN B 459 10.73 12.79 40.59
CA ASN B 459 9.90 11.63 40.23
C ASN B 459 9.54 10.82 41.47
N SER B 460 9.13 11.53 42.53
CA SER B 460 8.65 10.86 43.73
C SER B 460 7.48 9.95 43.41
N ALA B 461 6.63 10.35 42.47
CA ALA B 461 5.51 9.50 42.05
C ALA B 461 6.02 8.21 41.42
N LEU B 462 7.06 8.31 40.59
CA LEU B 462 7.63 7.10 39.99
C LEU B 462 8.19 6.17 41.06
N ASP B 463 9.07 6.69 41.92
CA ASP B 463 9.76 5.85 42.88
C ASP B 463 8.79 5.11 43.81
N LYS B 464 7.76 5.81 44.28
CA LYS B 464 6.77 5.18 45.15
C LYS B 464 6.09 4.01 44.45
N MET B 465 5.61 4.23 43.21
CA MET B 465 4.94 3.17 42.48
C MET B 465 5.87 2.03 42.11
N LEU B 466 7.14 2.32 41.78
CA LEU B 466 8.06 1.30 41.33
C LEU B 466 8.57 0.40 42.46
N GLN B 467 8.31 0.74 43.73
CA GLN B 467 8.68 -0.16 44.80
C GLN B 467 7.66 -1.29 44.96
N ASP B 468 6.42 -1.07 44.54
CA ASP B 468 5.40 -2.11 44.52
C ASP B 468 5.40 -2.91 43.23
N VAL B 469 6.54 -2.99 42.54
CA VAL B 469 6.63 -3.68 41.26
C VAL B 469 8.05 -4.23 41.10
N GLN B 470 8.15 -5.33 40.37
CA GLN B 470 9.44 -5.97 40.09
C GLN B 470 10.03 -5.34 38.84
N MET B 471 11.25 -4.83 38.96
CA MET B 471 11.85 -4.11 37.86
C MET B 471 13.18 -4.74 37.47
N PRO B 472 13.49 -4.80 36.18
CA PRO B 472 14.76 -5.43 35.75
C PRO B 472 15.97 -4.60 36.12
N SER B 473 17.15 -5.13 35.83
CA SER B 473 18.41 -4.45 36.06
C SER B 473 19.07 -4.10 34.73
N LYS B 474 19.88 -3.05 34.75
CA LYS B 474 20.67 -2.66 33.58
C LYS B 474 22.15 -2.86 33.89
N LYS B 475 22.80 -3.72 33.11
CA LYS B 475 24.24 -3.94 33.20
C LYS B 475 24.90 -3.38 31.95
N LEU B 476 25.87 -2.49 32.13
CA LEU B 476 26.68 -1.97 31.04
C LEU B 476 28.09 -2.53 31.18
N ASP B 477 28.63 -3.06 30.08
CA ASP B 477 29.99 -3.58 30.08
C ASP B 477 30.54 -3.54 28.66
N VAL B 478 31.75 -4.06 28.52
CA VAL B 478 32.56 -3.88 27.32
C VAL B 478 33.07 -5.23 26.83
N ILE B 479 32.99 -5.46 25.52
CA ILE B 479 33.60 -6.62 24.89
C ILE B 479 34.65 -6.14 23.91
N ASN B 480 35.65 -7.00 23.67
CA ASN B 480 36.83 -6.63 22.88
C ASN B 480 36.72 -7.24 21.49
N LEU B 481 36.55 -6.39 20.49
CA LEU B 481 36.50 -6.80 19.09
C LEU B 481 37.54 -6.01 18.30
N HIS B 482 38.30 -6.71 17.47
CA HIS B 482 39.27 -6.08 16.57
C HIS B 482 40.34 -5.30 17.32
N GLY B 483 40.63 -5.69 18.57
CA GLY B 483 41.64 -5.04 19.36
C GLY B 483 41.17 -3.83 20.14
N THR B 484 39.97 -3.33 19.87
CA THR B 484 39.42 -2.18 20.57
C THR B 484 38.24 -2.61 21.43
N LYS B 485 37.92 -1.75 22.41
CA LYS B 485 36.91 -2.05 23.42
C LYS B 485 35.60 -1.33 23.08
N PHE B 486 34.61 -2.08 22.61
CA PHE B 486 33.30 -1.51 22.30
C PHE B 486 32.34 -1.73 23.46
N TRP B 487 31.18 -1.10 23.38
CA TRP B 487 30.27 -1.03 24.51
C TRP B 487 28.99 -1.81 24.25
N TYR B 488 28.47 -2.44 25.31
CA TYR B 488 27.22 -3.18 25.22
C TYR B 488 26.42 -2.99 26.50
N GLN B 489 25.14 -3.33 26.42
CA GLN B 489 24.19 -3.06 27.49
C GLN B 489 23.15 -4.17 27.51
N MET B 490 22.61 -4.46 28.70
CA MET B 490 21.68 -5.58 28.88
C MET B 490 20.64 -5.21 29.93
N ILE B 491 19.36 -5.34 29.56
CA ILE B 491 18.27 -5.25 30.54
C ILE B 491 18.08 -6.62 31.16
N LEU B 492 18.93 -6.99 32.11
CA LEU B 492 18.83 -8.29 32.74
C LEU B 492 17.51 -8.40 33.50
N PRO B 493 16.79 -9.50 33.36
CA PRO B 493 15.47 -9.63 34.00
C PRO B 493 15.57 -9.64 35.50
N PRO B 494 14.45 -9.41 36.20
CA PRO B 494 14.48 -9.43 37.66
C PRO B 494 14.99 -10.75 38.20
N HIS B 495 15.71 -10.67 39.33
CA HIS B 495 16.27 -11.84 40.02
C HIS B 495 17.06 -12.72 39.05
N PHE B 496 17.98 -12.09 38.33
CA PHE B 496 18.76 -12.77 37.32
C PHE B 496 19.63 -13.86 37.95
N ASP B 497 19.57 -15.06 37.38
CA ASP B 497 20.37 -16.20 37.84
C ASP B 497 21.10 -16.78 36.64
N LYS B 498 22.43 -16.67 36.64
CA LYS B 498 23.24 -17.18 35.54
C LYS B 498 23.08 -18.68 35.35
N SER B 499 22.60 -19.39 36.37
CA SER B 499 22.45 -20.84 36.27
C SER B 499 21.36 -21.23 35.26
N LYS B 500 20.39 -20.35 35.02
CA LYS B 500 19.35 -20.61 34.04
C LYS B 500 19.72 -20.01 32.69
N LYS B 501 19.38 -20.73 31.62
CA LYS B 501 19.65 -20.28 30.27
C LYS B 501 18.46 -19.45 29.77
N TYR B 502 18.73 -18.15 29.44
CA TYR B 502 17.76 -17.10 29.13
C TYR B 502 17.67 -16.83 27.63
N PRO B 503 16.54 -16.34 27.15
CA PRO B 503 16.47 -15.88 25.75
C PRO B 503 17.03 -14.48 25.59
N LEU B 504 17.49 -14.17 24.38
CA LEU B 504 18.06 -12.88 24.04
C LEU B 504 17.21 -12.10 23.04
N LEU B 505 17.20 -10.78 23.21
CA LEU B 505 16.68 -9.86 22.20
C LEU B 505 17.74 -8.80 21.92
N ILE B 506 18.31 -8.85 20.73
CA ILE B 506 19.34 -7.87 20.34
C ILE B 506 18.60 -6.68 19.74
N GLU B 507 18.17 -5.80 20.63
CA GLU B 507 17.71 -4.47 20.22
C GLU B 507 18.87 -3.78 19.52
N VAL B 508 18.65 -3.36 18.27
CA VAL B 508 19.73 -2.89 17.43
C VAL B 508 19.35 -1.55 16.79
N TYR B 509 20.30 -0.62 16.82
CA TYR B 509 20.27 0.56 15.94
C TYR B 509 21.57 0.59 15.14
N ALA B 510 22.69 0.89 15.78
CA ALA B 510 24.02 0.83 15.16
C ALA B 510 24.10 1.69 13.90
N GLY B 511 23.31 2.74 13.85
CA GLY B 511 23.39 3.68 12.75
C GLY B 511 24.60 4.58 12.87
N PRO B 512 24.85 5.35 11.82
CA PRO B 512 25.97 6.30 11.86
C PRO B 512 25.87 7.26 13.04
N CYS B 513 26.89 7.24 13.90
CA CYS B 513 26.97 8.10 15.08
C CYS B 513 25.82 7.84 16.04
N SER B 514 25.72 6.59 16.48
CA SER B 514 24.60 6.14 17.29
C SER B 514 25.02 5.93 18.74
N GLN B 515 24.02 5.72 19.59
CA GLN B 515 24.24 5.44 21.01
C GLN B 515 23.02 4.68 21.53
N LYS B 516 23.11 3.35 21.50
CA LYS B 516 22.15 2.51 22.21
C LYS B 516 22.62 2.18 23.61
N VAL B 517 23.94 2.09 23.79
CA VAL B 517 24.53 1.91 25.11
C VAL B 517 24.65 3.27 25.78
N ASP B 518 23.58 3.71 26.44
CA ASP B 518 23.60 4.94 27.21
C ASP B 518 23.29 4.63 28.67
N THR B 519 23.25 5.69 29.47
CA THR B 519 22.94 5.57 30.89
C THR B 519 21.67 6.34 31.20
N VAL B 520 20.58 5.99 30.54
CA VAL B 520 19.33 6.74 30.68
C VAL B 520 18.26 5.82 31.24
N PHE B 521 17.36 6.40 32.02
CA PHE B 521 16.21 5.68 32.57
C PHE B 521 15.10 5.66 31.53
N ARG B 522 14.78 4.47 31.03
CA ARG B 522 13.80 4.33 29.95
C ARG B 522 12.88 3.16 30.26
N LEU B 523 11.63 3.46 30.60
CA LEU B 523 10.59 2.44 30.75
C LEU B 523 10.13 2.08 29.35
N SER B 524 10.74 1.04 28.77
CA SER B 524 10.59 0.75 27.36
C SER B 524 9.73 -0.49 27.14
N TRP B 525 9.84 -1.05 25.93
CA TRP B 525 9.31 -2.37 25.66
C TRP B 525 10.18 -3.44 26.30
N ALA B 526 11.49 -3.19 26.36
CA ALA B 526 12.41 -4.15 26.97
C ALA B 526 12.10 -4.35 28.45
N THR B 527 11.68 -3.28 29.13
CA THR B 527 11.34 -3.42 30.54
C THR B 527 10.18 -4.37 30.75
N TYR B 528 9.24 -4.43 29.79
CA TYR B 528 8.22 -5.47 29.81
C TYR B 528 8.83 -6.83 29.51
N LEU B 529 9.59 -6.94 28.42
CA LEU B 529 10.15 -8.21 27.99
C LEU B 529 11.03 -8.84 29.06
N ALA B 530 11.73 -8.01 29.84
CA ALA B 530 12.60 -8.52 30.89
C ALA B 530 11.83 -8.84 32.16
N SER B 531 10.94 -7.93 32.58
CA SER B 531 10.19 -8.12 33.82
C SER B 531 9.28 -9.32 33.74
N THR B 532 8.26 -9.25 32.88
CA THR B 532 7.25 -10.31 32.87
C THR B 532 7.75 -11.56 32.16
N GLU B 533 8.14 -11.42 30.90
CA GLU B 533 8.44 -12.59 30.07
C GLU B 533 9.87 -13.09 30.23
N ASN B 534 10.67 -12.47 31.09
CA ASN B 534 12.01 -12.94 31.43
C ASN B 534 12.85 -13.23 30.18
N ILE B 535 13.10 -12.16 29.44
CA ILE B 535 13.90 -12.22 28.22
C ILE B 535 15.02 -11.19 28.36
N ILE B 536 16.26 -11.64 28.22
CA ILE B 536 17.40 -10.73 28.33
C ILE B 536 17.43 -9.87 27.08
N VAL B 537 17.28 -8.56 27.24
CA VAL B 537 17.34 -7.63 26.13
C VAL B 537 18.70 -6.93 26.17
N ALA B 538 19.51 -7.15 25.15
CA ALA B 538 20.85 -6.60 25.07
C ALA B 538 20.92 -5.51 24.00
N SER B 539 21.96 -4.68 24.10
CA SER B 539 22.23 -3.66 23.10
C SER B 539 23.74 -3.56 22.93
N PHE B 540 24.17 -3.25 21.71
CA PHE B 540 25.60 -3.20 21.43
C PHE B 540 25.91 -2.01 20.52
N ASP B 541 27.08 -1.40 20.73
CA ASP B 541 27.49 -0.21 20.00
C ASP B 541 28.89 -0.47 19.43
N GLY B 542 28.94 -1.19 18.30
CA GLY B 542 30.21 -1.52 17.68
C GLY B 542 30.67 -0.54 16.63
N ARG B 543 31.27 -1.04 15.56
CA ARG B 543 31.79 -0.17 14.51
C ARG B 543 30.67 0.65 13.88
N GLY B 544 30.94 1.93 13.67
CA GLY B 544 30.00 2.86 13.10
C GLY B 544 29.35 3.81 14.11
N SER B 545 29.45 3.50 15.40
CA SER B 545 28.85 4.35 16.42
C SER B 545 29.70 5.62 16.64
N GLY B 546 29.10 6.60 17.31
CA GLY B 546 29.74 7.87 17.56
C GLY B 546 30.11 8.06 19.02
N TYR B 547 30.55 9.28 19.33
CA TYR B 547 30.96 9.69 20.68
C TYR B 547 32.09 8.83 21.22
N GLN B 548 32.74 8.07 20.35
CA GLN B 548 33.76 7.11 20.75
C GLN B 548 35.08 7.27 20.00
N GLY B 549 35.09 7.94 18.84
CA GLY B 549 36.28 8.07 18.04
C GLY B 549 35.93 8.08 16.56
N ASP B 550 36.49 9.04 15.80
CA ASP B 550 36.20 9.11 14.37
C ASP B 550 36.67 7.85 13.65
N LYS B 551 37.73 7.21 14.14
CA LYS B 551 38.18 5.96 13.55
C LYS B 551 37.08 4.91 13.62
N ILE B 552 36.35 4.87 14.74
CA ILE B 552 35.20 3.98 14.86
C ILE B 552 34.06 4.46 14.00
N MET B 553 33.76 5.76 14.05
CA MET B 553 32.62 6.29 13.28
C MET B 553 32.86 6.15 11.78
N HIS B 554 33.96 6.70 11.28
CA HIS B 554 34.24 6.67 9.85
C HIS B 554 34.81 5.33 9.41
N ALA B 555 34.51 4.26 10.16
CA ALA B 555 34.87 2.93 9.70
C ALA B 555 33.88 2.41 8.66
N ILE B 556 32.59 2.68 8.84
CA ILE B 556 31.55 2.14 7.99
C ILE B 556 31.38 3.05 6.78
N ASN B 557 32.26 4.04 6.64
CA ASN B 557 32.13 5.03 5.58
C ASN B 557 32.24 4.37 4.22
N ARG B 558 31.27 4.66 3.35
CA ARG B 558 31.18 4.16 1.98
C ARG B 558 31.01 2.64 1.92
N ARG B 559 30.47 2.02 2.95
CA ARG B 559 30.16 0.59 2.93
C ARG B 559 29.06 0.26 3.94
N LEU B 560 27.90 0.89 3.81
CA LEU B 560 26.80 0.58 4.72
C LEU B 560 26.27 -0.82 4.46
N GLY B 561 25.84 -1.48 5.54
CA GLY B 561 25.39 -2.85 5.48
C GLY B 561 26.48 -3.89 5.67
N THR B 562 27.71 -3.46 5.96
CA THR B 562 28.81 -4.39 6.12
C THR B 562 29.28 -4.46 7.58
N PHE B 563 30.08 -3.49 8.01
CA PHE B 563 30.69 -3.58 9.34
C PHE B 563 29.66 -3.49 10.45
N GLU B 564 28.69 -2.56 10.33
CA GLU B 564 27.68 -2.44 11.38
C GLU B 564 26.94 -3.76 11.55
N VAL B 565 26.63 -4.41 10.42
CA VAL B 565 25.93 -5.69 10.46
C VAL B 565 26.84 -6.76 11.06
N GLU B 566 28.07 -6.85 10.58
CA GLU B 566 28.93 -7.97 10.91
C GLU B 566 29.24 -8.01 12.41
N ASP B 567 29.68 -6.90 12.98
CA ASP B 567 30.03 -6.89 14.40
C ASP B 567 28.80 -6.98 15.30
N GLN B 568 27.60 -6.87 14.75
CA GLN B 568 26.42 -7.25 15.53
C GLN B 568 26.33 -8.77 15.66
N ILE B 569 26.74 -9.50 14.62
CA ILE B 569 26.75 -10.95 14.69
C ILE B 569 27.78 -11.43 15.70
N GLU B 570 29.00 -10.91 15.64
CA GLU B 570 30.03 -11.33 16.59
C GLU B 570 29.68 -10.93 18.02
N ALA B 571 28.95 -9.82 18.19
CA ALA B 571 28.61 -9.39 19.55
C ALA B 571 27.62 -10.33 20.20
N THR B 572 26.63 -10.81 19.44
CA THR B 572 25.68 -11.77 20.01
C THR B 572 26.33 -13.13 20.22
N ARG B 573 27.23 -13.53 19.33
CA ARG B 573 27.96 -14.78 19.52
C ARG B 573 28.80 -14.74 20.79
N GLN B 574 29.40 -13.58 21.10
CA GLN B 574 30.13 -13.45 22.35
C GLN B 574 29.17 -13.45 23.53
N PHE B 575 27.98 -12.84 23.38
CA PHE B 575 26.98 -12.94 24.42
C PHE B 575 26.46 -14.37 24.56
N SER B 576 26.43 -15.13 23.46
CA SER B 576 25.96 -16.51 23.53
C SER B 576 26.98 -17.45 24.15
N LYS B 577 28.27 -17.09 24.10
CA LYS B 577 29.27 -17.82 24.88
C LYS B 577 29.19 -17.51 26.37
N MET B 578 28.27 -16.63 26.78
CA MET B 578 28.01 -16.41 28.19
C MET B 578 27.03 -17.45 28.72
N GLY B 579 27.09 -17.71 30.02
CA GLY B 579 26.39 -18.84 30.61
C GLY B 579 24.88 -18.70 30.74
N PHE B 580 24.29 -17.60 30.29
CA PHE B 580 22.86 -17.38 30.52
C PHE B 580 22.12 -17.09 29.22
N VAL B 581 22.62 -17.59 28.09
CA VAL B 581 22.01 -17.32 26.80
C VAL B 581 21.68 -18.64 26.14
N ASP B 582 20.39 -18.95 26.07
CA ASP B 582 19.87 -20.00 25.21
C ASP B 582 20.42 -19.82 23.79
N ASP B 583 21.39 -20.65 23.41
CA ASP B 583 21.95 -20.54 22.06
C ASP B 583 20.88 -20.77 20.99
N LYS B 584 19.77 -21.42 21.33
CA LYS B 584 18.69 -21.65 20.37
C LYS B 584 17.61 -20.56 20.43
N ARG B 585 17.60 -19.72 21.47
CA ARG B 585 16.58 -18.69 21.61
C ARG B 585 17.24 -17.32 21.61
N ILE B 586 17.49 -16.78 20.42
CA ILE B 586 18.08 -15.47 20.22
C ILE B 586 17.37 -14.82 19.04
N ALA B 587 16.98 -13.57 19.17
CA ALA B 587 16.26 -12.85 18.14
C ALA B 587 16.94 -11.50 17.88
N ILE B 588 16.45 -10.81 16.86
CA ILE B 588 16.95 -9.49 16.49
C ILE B 588 15.79 -8.67 15.96
N TRP B 589 15.59 -7.50 16.54
CA TRP B 589 14.44 -6.66 16.23
C TRP B 589 14.92 -5.24 15.99
N GLY B 590 14.37 -4.59 14.97
CA GLY B 590 14.91 -3.31 14.54
C GLY B 590 13.88 -2.39 13.93
N TRP B 591 14.27 -1.12 13.87
CA TRP B 591 13.45 -0.03 13.34
C TRP B 591 14.41 0.96 12.70
N SER B 592 14.08 1.43 11.51
CA SER B 592 14.92 2.39 10.77
C SER B 592 16.26 1.72 10.46
N TYR B 593 17.39 2.25 10.92
CA TYR B 593 18.68 1.60 10.64
C TYR B 593 18.78 0.26 11.36
N GLY B 594 18.26 0.18 12.58
CA GLY B 594 18.12 -1.13 13.20
C GLY B 594 17.26 -2.05 12.37
N GLY B 595 16.32 -1.50 11.61
CA GLY B 595 15.54 -2.31 10.69
C GLY B 595 16.36 -2.82 9.52
N TYR B 596 17.13 -1.93 8.89
CA TYR B 596 17.99 -2.35 7.79
C TYR B 596 19.00 -3.38 8.25
N VAL B 597 19.65 -3.14 9.39
CA VAL B 597 20.67 -4.06 9.89
C VAL B 597 20.04 -5.41 10.23
N THR B 598 18.95 -5.39 11.00
CA THR B 598 18.25 -6.63 11.35
C THR B 598 17.98 -7.49 10.12
N SER B 599 17.53 -6.86 9.03
CA SER B 599 17.25 -7.60 7.81
C SER B 599 18.51 -8.06 7.11
N MET B 600 19.62 -7.32 7.25
CA MET B 600 20.90 -7.80 6.73
C MET B 600 21.48 -8.87 7.64
N VAL B 601 21.35 -8.69 8.96
CA VAL B 601 21.82 -9.71 9.91
C VAL B 601 21.11 -11.02 9.66
N LEU B 602 19.78 -10.98 9.55
CA LEU B 602 19.01 -12.20 9.34
C LEU B 602 19.36 -12.89 8.03
N GLY B 603 19.69 -12.10 7.00
CA GLY B 603 20.11 -12.68 5.74
C GLY B 603 21.55 -13.07 5.65
N ALA B 604 22.28 -13.02 6.76
CA ALA B 604 23.71 -13.31 6.76
C ALA B 604 24.02 -14.80 6.90
N GLY B 605 23.01 -15.66 6.99
CA GLY B 605 23.28 -17.08 7.23
C GLY B 605 24.13 -17.37 8.45
N SER B 606 24.18 -16.44 9.42
CA SER B 606 25.00 -16.66 10.60
C SER B 606 24.50 -17.85 11.41
N GLY B 607 23.18 -18.07 11.44
CA GLY B 607 22.58 -19.09 12.26
C GLY B 607 22.38 -18.70 13.70
N VAL B 608 22.97 -17.60 14.15
CA VAL B 608 22.84 -17.18 15.54
C VAL B 608 21.40 -16.79 15.84
N PHE B 609 20.69 -16.24 14.87
CA PHE B 609 19.37 -15.66 15.07
C PHE B 609 18.32 -16.57 14.46
N LYS B 610 17.15 -16.64 15.09
CA LYS B 610 16.07 -17.51 14.67
C LYS B 610 14.90 -16.76 14.06
N CYS B 611 14.34 -15.78 14.78
CA CYS B 611 13.29 -14.93 14.26
C CYS B 611 13.86 -13.53 13.99
N GLY B 612 12.98 -12.56 13.77
CA GLY B 612 13.45 -11.21 13.57
C GLY B 612 12.40 -10.24 13.07
N ILE B 613 12.10 -9.23 13.87
CA ILE B 613 11.13 -8.20 13.52
C ILE B 613 11.88 -7.02 12.92
N ALA B 614 11.28 -6.40 11.91
CA ALA B 614 11.81 -5.19 11.29
C ALA B 614 10.67 -4.24 11.01
N VAL B 615 10.90 -2.95 11.30
CA VAL B 615 9.89 -1.91 11.16
C VAL B 615 10.48 -0.76 10.36
N ALA B 616 9.76 -0.33 9.32
CA ALA B 616 10.22 0.67 8.37
C ALA B 616 11.69 0.46 8.03
N PRO B 617 12.04 -0.65 7.40
CA PRO B 617 13.45 -0.96 7.16
C PRO B 617 13.92 -0.46 5.81
N VAL B 618 15.16 0.00 5.77
CA VAL B 618 15.78 0.34 4.50
C VAL B 618 16.09 -0.94 3.76
N SER B 619 15.64 -1.02 2.51
CA SER B 619 15.84 -2.21 1.69
C SER B 619 17.04 -2.03 0.76
N LYS B 620 16.96 -1.08 -0.15
CA LYS B 620 18.06 -0.68 -1.00
C LYS B 620 18.37 0.78 -0.67
N TRP B 621 19.64 1.16 -0.77
CA TRP B 621 20.01 2.52 -0.39
C TRP B 621 19.69 3.56 -1.46
N GLU B 622 19.57 3.14 -2.73
CA GLU B 622 19.00 4.01 -3.74
C GLU B 622 17.53 4.41 -3.47
N TYR B 623 17.00 4.17 -2.28
CA TYR B 623 15.60 4.43 -1.95
C TYR B 623 15.45 5.50 -0.86
N TYR B 624 16.53 6.23 -0.53
CA TYR B 624 16.52 7.15 0.59
C TYR B 624 16.96 8.54 0.12
N ASP B 625 16.77 9.56 0.97
CA ASP B 625 17.08 10.91 0.54
C ASP B 625 18.59 11.09 0.41
N SER B 626 18.98 11.90 -0.58
CA SER B 626 20.38 12.01 -0.97
C SER B 626 21.23 12.72 0.08
N VAL B 627 20.67 13.70 0.78
CA VAL B 627 21.41 14.38 1.84
C VAL B 627 22.02 13.36 2.79
N TYR B 628 21.22 12.39 3.22
CA TYR B 628 21.73 11.39 4.15
C TYR B 628 22.59 10.36 3.41
N THR B 629 22.02 9.68 2.42
CA THR B 629 22.68 8.53 1.82
C THR B 629 24.00 8.91 1.17
N GLU B 630 24.05 10.10 0.55
CA GLU B 630 25.29 10.52 -0.08
C GLU B 630 26.34 10.97 0.92
N ARG B 631 25.94 11.31 2.15
CA ARG B 631 26.91 11.69 3.17
C ARG B 631 27.82 10.53 3.53
N TYR B 632 27.26 9.32 3.58
CA TYR B 632 27.99 8.11 3.94
C TYR B 632 28.26 7.23 2.73
N MET B 633 27.21 6.86 1.98
CA MET B 633 27.36 5.86 0.93
C MET B 633 27.95 6.45 -0.35
N GLY B 634 27.81 7.76 -0.58
CA GLY B 634 28.31 8.38 -1.79
C GLY B 634 27.26 8.50 -2.86
N LEU B 635 27.67 8.37 -4.13
CA LEU B 635 26.71 8.54 -5.20
C LEU B 635 26.41 7.21 -5.88
N PRO B 636 25.15 6.91 -6.20
CA PRO B 636 24.80 5.61 -6.79
C PRO B 636 25.15 5.50 -8.27
N THR B 637 26.30 6.06 -8.66
CA THR B 637 26.83 6.01 -10.01
C THR B 637 28.01 5.06 -10.07
N PRO B 638 28.28 4.46 -11.23
CA PRO B 638 29.45 3.58 -11.35
C PRO B 638 30.75 4.26 -10.98
N GLU B 639 30.84 5.58 -11.18
CA GLU B 639 32.06 6.32 -10.85
C GLU B 639 32.30 6.33 -9.35
N ASP B 640 31.29 6.73 -8.58
CA ASP B 640 31.44 6.84 -7.13
C ASP B 640 31.40 5.47 -6.46
N ASN B 641 30.20 5.00 -6.11
CA ASN B 641 30.05 3.75 -5.38
C ASN B 641 28.78 2.99 -5.79
N LEU B 642 28.65 2.70 -7.09
CA LEU B 642 27.53 1.86 -7.52
C LEU B 642 27.65 0.45 -6.96
N ASP B 643 28.85 -0.13 -6.99
CA ASP B 643 29.02 -1.52 -6.59
C ASP B 643 28.59 -1.73 -5.14
N TYR B 644 29.07 -0.88 -4.23
CA TYR B 644 28.74 -1.04 -2.83
C TYR B 644 27.30 -0.65 -2.52
N TYR B 645 26.61 0.00 -3.46
CA TYR B 645 25.19 0.26 -3.30
C TYR B 645 24.36 -1.00 -3.52
N ARG B 646 24.73 -1.81 -4.53
CA ARG B 646 24.02 -3.04 -4.85
C ARG B 646 24.48 -4.20 -3.99
N ASN B 647 25.72 -4.18 -3.55
CA ASN B 647 26.35 -5.13 -2.65
C ASN B 647 25.86 -4.97 -1.20
N SER B 648 24.75 -4.25 -1.00
CA SER B 648 24.22 -3.97 0.33
C SER B 648 22.69 -3.96 0.40
N THR B 649 22.00 -4.16 -0.71
CA THR B 649 20.55 -4.25 -0.65
C THR B 649 20.14 -5.49 0.12
N VAL B 650 19.05 -5.38 0.89
CA VAL B 650 18.59 -6.53 1.64
C VAL B 650 18.10 -7.63 0.70
N MET B 651 17.60 -7.27 -0.47
CA MET B 651 17.11 -8.26 -1.41
C MET B 651 18.22 -9.10 -2.03
N SER B 652 19.48 -8.76 -1.80
CA SER B 652 20.55 -9.67 -2.21
C SER B 652 20.64 -10.85 -1.25
N ARG B 653 20.39 -10.61 0.03
CA ARG B 653 20.55 -11.62 1.08
C ARG B 653 19.20 -12.29 1.39
N ALA B 654 18.58 -12.85 0.36
CA ALA B 654 17.22 -13.37 0.48
C ALA B 654 17.15 -14.88 0.67
N GLU B 655 17.91 -15.67 -0.09
CA GLU B 655 17.84 -17.12 0.05
C GLU B 655 18.15 -17.56 1.47
N ASN B 656 18.98 -16.81 2.19
CA ASN B 656 19.22 -17.09 3.61
C ASN B 656 18.04 -16.78 4.50
N PHE B 657 17.05 -16.02 4.01
CA PHE B 657 15.86 -15.77 4.80
C PHE B 657 15.02 -17.03 4.97
N LYS B 658 15.25 -18.04 4.14
CA LYS B 658 14.51 -19.30 4.24
C LYS B 658 14.81 -20.06 5.52
N GLN B 659 15.91 -19.72 6.20
CA GLN B 659 16.35 -20.43 7.40
C GLN B 659 15.97 -19.69 8.67
N VAL B 660 15.20 -18.61 8.57
CA VAL B 660 14.83 -17.79 9.72
C VAL B 660 13.38 -17.32 9.57
N GLU B 661 12.82 -16.86 10.68
CA GLU B 661 11.56 -16.15 10.66
C GLU B 661 11.82 -14.65 10.57
N TYR B 662 10.82 -13.92 10.08
CA TYR B 662 11.07 -12.51 9.77
C TYR B 662 9.74 -11.76 9.79
N LEU B 663 9.64 -10.76 10.65
CA LEU B 663 8.56 -9.79 10.57
C LEU B 663 8.99 -8.56 9.79
N LEU B 664 8.12 -8.11 8.90
CA LEU B 664 8.33 -6.90 8.12
C LEU B 664 7.14 -5.99 8.38
N ILE B 665 7.29 -5.09 9.34
CA ILE B 665 6.24 -4.13 9.69
C ILE B 665 6.54 -2.81 8.99
N HIS B 666 5.49 -2.15 8.50
CA HIS B 666 5.65 -0.85 7.85
C HIS B 666 4.30 -0.13 7.80
N GLY B 667 4.36 1.20 7.88
CA GLY B 667 3.18 2.01 7.69
C GLY B 667 3.01 2.42 6.23
N THR B 668 1.75 2.50 5.79
CA THR B 668 1.47 2.79 4.38
C THR B 668 1.91 4.20 4.00
N ALA B 669 1.63 5.18 4.86
CA ALA B 669 1.92 6.57 4.54
C ALA B 669 3.24 6.98 5.19
N ASP B 670 4.32 6.35 4.72
CA ASP B 670 5.66 6.65 5.19
C ASP B 670 6.26 7.73 4.31
N ASP B 671 6.46 8.93 4.89
CA ASP B 671 7.14 10.00 4.18
C ASP B 671 8.65 9.81 4.14
N ASN B 672 9.20 9.02 5.07
CA ASN B 672 10.64 8.82 5.21
C ASN B 672 11.09 7.54 4.51
N VAL B 673 11.50 6.55 5.30
CA VAL B 673 11.67 5.19 4.80
C VAL B 673 10.36 4.76 4.16
N HIS B 674 10.18 5.12 2.89
CA HIS B 674 8.92 4.89 2.19
C HIS B 674 8.48 3.43 2.28
N PHE B 675 7.18 3.20 2.14
CA PHE B 675 6.67 1.85 1.98
C PHE B 675 7.37 1.12 0.85
N GLN B 676 7.83 1.87 -0.17
CA GLN B 676 8.57 1.30 -1.30
C GLN B 676 9.59 0.25 -0.87
N GLN B 677 10.35 0.54 0.19
CA GLN B 677 11.44 -0.36 0.59
C GLN B 677 10.90 -1.68 1.12
N SER B 678 9.96 -1.61 2.07
CA SER B 678 9.40 -2.82 2.65
C SER B 678 8.71 -3.67 1.59
N ALA B 679 7.92 -3.04 0.73
CA ALA B 679 7.13 -3.78 -0.25
C ALA B 679 7.97 -4.33 -1.41
N GLN B 680 9.16 -3.78 -1.64
CA GLN B 680 10.06 -4.37 -2.62
C GLN B 680 10.95 -5.44 -2.03
N LEU B 681 11.33 -5.31 -0.74
CA LEU B 681 11.95 -6.43 -0.05
C LEU B 681 11.02 -7.64 -0.06
N SER B 682 9.74 -7.41 0.27
CA SER B 682 8.74 -8.46 0.23
C SER B 682 8.72 -9.15 -1.13
N LYS B 683 8.70 -8.34 -2.20
CA LYS B 683 8.55 -8.89 -3.54
C LYS B 683 9.70 -9.82 -3.89
N ALA B 684 10.91 -9.50 -3.42
CA ALA B 684 12.04 -10.40 -3.63
C ALA B 684 11.89 -11.65 -2.79
N LEU B 685 11.42 -11.50 -1.55
CA LEU B 685 11.22 -12.66 -0.68
C LEU B 685 10.20 -13.64 -1.27
N VAL B 686 9.09 -13.10 -1.79
CA VAL B 686 8.08 -13.95 -2.42
C VAL B 686 8.65 -14.63 -3.66
N ASP B 687 9.47 -13.91 -4.41
CA ASP B 687 10.07 -14.45 -5.63
C ASP B 687 11.12 -15.52 -5.34
N ALA B 688 11.49 -15.73 -4.08
CA ALA B 688 12.46 -16.76 -3.73
C ALA B 688 11.82 -18.01 -3.16
N GLY B 689 10.62 -17.90 -2.60
CA GLY B 689 10.04 -19.00 -1.85
C GLY B 689 10.27 -18.89 -0.36
N VAL B 690 10.76 -17.76 0.12
CA VAL B 690 10.97 -17.54 1.54
C VAL B 690 9.61 -17.27 2.18
N ASP B 691 9.32 -17.95 3.28
CA ASP B 691 8.10 -17.65 4.02
C ASP B 691 8.40 -16.66 5.13
N PHE B 692 7.54 -15.66 5.26
CA PHE B 692 7.70 -14.57 6.20
C PHE B 692 6.33 -13.96 6.44
N GLN B 693 6.17 -13.35 7.61
CA GLN B 693 4.95 -12.64 7.96
C GLN B 693 5.19 -11.15 7.85
N THR B 694 4.10 -10.40 7.66
CA THR B 694 4.17 -8.95 7.50
C THR B 694 3.00 -8.32 8.23
N MET B 695 2.96 -6.98 8.21
CA MET B 695 1.89 -6.21 8.82
C MET B 695 1.98 -4.76 8.40
N TRP B 696 1.05 -4.30 7.58
CA TRP B 696 0.99 -2.89 7.23
C TRP B 696 0.18 -2.15 8.28
N TYR B 697 0.48 -0.88 8.46
CA TYR B 697 -0.25 -0.03 9.39
C TYR B 697 -0.84 1.15 8.63
N THR B 698 -2.17 1.23 8.63
CA THR B 698 -2.91 2.11 7.74
C THR B 698 -2.59 3.57 8.02
N ASP B 699 -2.18 4.29 6.98
CA ASP B 699 -1.82 5.71 7.05
C ASP B 699 -1.04 6.04 8.32
N GLU B 700 -0.16 5.12 8.71
CA GLU B 700 0.77 5.36 9.79
C GLU B 700 2.05 5.91 9.19
N ASP B 701 2.68 6.85 9.90
CA ASP B 701 3.90 7.47 9.42
C ASP B 701 5.09 6.54 9.63
N HIS B 702 6.29 7.12 9.72
CA HIS B 702 7.48 6.32 10.00
C HIS B 702 7.51 5.86 11.45
N GLY B 703 6.71 6.47 12.32
CA GLY B 703 6.72 6.13 13.74
C GLY B 703 5.64 5.15 14.16
N ILE B 704 4.62 4.97 13.32
CA ILE B 704 3.45 4.15 13.65
C ILE B 704 2.98 4.59 15.03
N ALA B 705 2.58 5.85 15.15
CA ALA B 705 2.47 6.49 16.46
C ALA B 705 1.06 6.96 16.81
N SER B 706 0.03 6.56 16.06
CA SER B 706 -1.32 6.75 16.55
C SER B 706 -1.57 5.82 17.73
N ASN B 707 -2.37 6.28 18.70
CA ASN B 707 -2.42 5.61 19.99
C ASN B 707 -2.84 4.14 19.85
N MET B 708 -3.77 3.85 18.94
CA MET B 708 -4.21 2.46 18.77
C MET B 708 -3.30 1.66 17.84
N ALA B 709 -2.52 2.31 16.98
CA ALA B 709 -1.55 1.61 16.16
C ALA B 709 -0.25 1.33 16.91
N HIS B 710 0.15 2.22 17.82
CA HIS B 710 1.31 1.97 18.66
C HIS B 710 1.08 0.76 19.56
N GLN B 711 -0.09 0.70 20.21
CA GLN B 711 -0.45 -0.48 20.98
C GLN B 711 -0.42 -1.73 20.12
N HIS B 712 -0.93 -1.63 18.89
CA HIS B 712 -1.00 -2.78 18.00
C HIS B 712 0.38 -3.30 17.63
N ILE B 713 1.33 -2.40 17.37
CA ILE B 713 2.62 -2.83 16.86
C ILE B 713 3.45 -3.54 17.93
N TYR B 714 3.31 -3.13 19.19
CA TYR B 714 4.05 -3.80 20.25
C TYR B 714 3.34 -5.06 20.72
N THR B 715 2.01 -5.08 20.63
CA THR B 715 1.26 -6.30 20.90
C THR B 715 1.51 -7.35 19.82
N HIS B 716 1.47 -6.94 18.56
CA HIS B 716 1.71 -7.88 17.46
C HIS B 716 3.15 -8.39 17.47
N MET B 717 4.11 -7.51 17.76
CA MET B 717 5.49 -7.97 17.85
C MET B 717 5.69 -8.89 19.04
N SER B 718 5.03 -8.60 20.16
CA SER B 718 5.13 -9.47 21.33
C SER B 718 4.65 -10.87 21.00
N HIS B 719 3.63 -11.00 20.16
CA HIS B 719 3.11 -12.32 19.82
C HIS B 719 4.09 -13.10 18.93
N PHE B 720 4.65 -12.42 17.93
CA PHE B 720 5.71 -13.04 17.12
C PHE B 720 6.89 -13.45 17.97
N LEU B 721 7.25 -12.63 18.98
CA LEU B 721 8.42 -12.92 19.79
C LEU B 721 8.19 -14.09 20.73
N LYS B 722 7.11 -14.05 21.52
CA LYS B 722 6.82 -15.15 22.43
C LYS B 722 6.63 -16.46 21.68
N GLN B 723 5.96 -16.41 20.52
CA GLN B 723 5.81 -17.60 19.69
C GLN B 723 7.17 -18.18 19.33
N CYS B 724 8.07 -17.35 18.79
CA CYS B 724 9.37 -17.83 18.37
C CYS B 724 10.20 -18.30 19.56
N PHE B 725 9.96 -17.73 20.74
CA PHE B 725 10.67 -18.12 21.95
C PHE B 725 9.96 -19.21 22.75
N SER B 726 8.83 -19.72 22.23
CA SER B 726 8.06 -20.79 22.88
C SER B 726 7.77 -20.45 24.33
N LEU B 727 7.43 -19.18 24.59
CA LEU B 727 7.11 -18.67 25.92
C LEU B 727 5.60 -18.52 26.06
N PRO B 728 4.99 -19.05 27.13
CA PRO B 728 3.53 -19.03 27.32
C PRO B 728 2.93 -17.63 27.31
N ILE C 1 17.01 4.73 7.69
CA ILE C 1 17.74 5.22 8.84
C ILE C 1 16.86 6.15 9.64
N LEU C 2 17.46 6.88 10.59
CA LEU C 2 16.79 7.91 11.37
C LEU C 2 15.73 7.30 12.28
N ALA C 3 16.00 7.29 13.59
CA ALA C 3 15.23 6.55 14.59
C ALA C 3 13.76 6.96 14.65
N PRO C 4 12.91 6.19 15.33
CA PRO C 4 11.51 6.59 15.56
C PRO C 4 11.42 7.89 16.34
N PRO C 5 10.19 8.40 16.68
CA PRO C 5 10.13 9.68 17.41
C PRO C 5 10.92 9.66 18.71
N GLU C 6 12.18 10.08 18.62
CA GLU C 6 13.15 9.95 19.70
C GLU C 6 13.09 8.54 20.28
N ARG C 7 12.49 8.40 21.46
CA ARG C 7 12.24 7.10 22.06
C ARG C 7 10.90 7.10 22.75
N ILE D 1 -16.43 -9.89 -6.57
CA ILE D 1 -16.47 -10.71 -7.78
C ILE D 1 -15.28 -11.69 -7.74
N LEU D 2 -15.55 -12.98 -7.96
CA LEU D 2 -14.57 -14.05 -7.75
C LEU D 2 -13.26 -13.80 -8.49
N ALA D 3 -12.21 -14.51 -8.07
CA ALA D 3 -10.87 -14.60 -8.63
C ALA D 3 -10.92 -15.11 -10.08
N PRO D 4 -9.83 -15.59 -10.66
CA PRO D 4 -9.95 -16.58 -11.73
C PRO D 4 -9.89 -17.98 -11.15
N PRO D 5 -11.06 -18.55 -10.73
CA PRO D 5 -11.05 -19.76 -9.90
C PRO D 5 -10.26 -20.91 -10.50
N GLU D 6 -8.93 -20.84 -10.36
CA GLU D 6 -8.03 -21.85 -10.89
C GLU D 6 -7.74 -22.97 -9.90
N ARG D 7 -8.70 -23.30 -9.03
CA ARG D 7 -8.54 -24.37 -8.05
C ARG D 7 -8.91 -25.71 -8.66
#